data_9BC6
#
_entry.id   9BC6
#
_cell.length_a   1.00
_cell.length_b   1.00
_cell.length_c   1.00
_cell.angle_alpha   90.00
_cell.angle_beta   90.00
_cell.angle_gamma   90.00
#
_symmetry.space_group_name_H-M   'P 1'
#
loop_
_entity.id
_entity.type
_entity.pdbx_description
1 polymer 'Potassium/sodium hyperpolarization-activated cyclic nucleotide-gated channel 1'
2 non-polymer 1,2-DIOLEOYL-SN-GLYCERO-3-PHOSPHOCHOLINE
3 non-polymer 2,6-BIS(1-METHYLETHYL)PHENOL
#
_entity_poly.entity_id   1
_entity_poly.type   'polypeptide(L)'
_entity_poly.pdbx_seq_one_letter_code
;MEGGGKPNSSSNSRDDGNSVFPAKASATGAGPAAAEKRLGTPPGGGGAGAKEHGNSVCFKVDGGGGGGGGGGGGEEPAGG
FEDAEGPRRQYGFMQRQFTSMLQPGVNKFSLRMFGSQKAVEKEQERVKTAGFWIIHPYSDFRFYWDLIMLIMMVGNLVII
PVGITFFTEQTTTPWIIFNVASDTVFLLDLIMNFRTGTVNEDSSEIILDPKVIKMNYLKSWFVVDFISSIPVDYIFLIVE
KGMDSEVYKTARALRIVRFTKILSLLRLLRLSRLIRYIHQWEEIFHMTYDLASAVVRIFNLIGMLLLLCHWDGCLQFLVP
LLQDFPPDCWVSLNEMVNDSWGKQYSYALFKAMSHMLCIGYGAQAPVSMSDLWITMLSMIVGATCYAMFVGHATALIQSL
DSSRRQYQEKYKQVEQYMSFHKLPADMRQKIHDYYEHRYQGKIFDEENILNELNDPLREEIVNFNCRKLVATMPLFANAD
PNFVTAMLSKLRFEVFQPGDYIIREGAVGKKMYFIQHGVAGVITKSSKEMKLTDGSYFGEICLLTKGRRTASVRADTYCR
LYSLSVDNFNEVLEEYPMMRRAFETVAIDRLDRIGKKNSILLQKFQKDLNTGVFNNQENEILKQIVKHDREMVQAALPRE
SSSVLNTDPDAEKPRFASNL
;
_entity_poly.pdbx_strand_id   A,B,C,D
#
loop_
_chem_comp.id
_chem_comp.type
_chem_comp.name
_chem_comp.formula
PCW non-polymer 1,2-DIOLEOYL-SN-GLYCERO-3-PHOSPHOCHOLINE 'C44 H85 N O8 P 1'
PFL non-polymer 2,6-BIS(1-METHYLETHYL)PHENOL 'C12 H18 O'
#
# COMPACT_ATOMS: atom_id res chain seq x y z
N MET A 94 36.29 -41.60 -2.21
CA MET A 94 36.93 -41.76 -0.88
C MET A 94 36.04 -41.22 0.23
N GLN A 95 36.22 -41.69 1.47
CA GLN A 95 35.42 -41.27 2.63
C GLN A 95 35.61 -39.79 3.00
N ARG A 96 36.76 -39.19 2.64
CA ARG A 96 36.96 -37.75 2.77
C ARG A 96 35.94 -36.94 1.96
N GLN A 97 35.70 -37.30 0.69
CA GLN A 97 34.68 -36.65 -0.14
C GLN A 97 33.26 -37.08 0.22
N PHE A 98 33.04 -38.34 0.62
CA PHE A 98 31.74 -38.81 1.07
C PHE A 98 31.22 -38.07 2.30
N THR A 99 32.06 -37.87 3.32
CA THR A 99 31.71 -37.06 4.51
C THR A 99 31.79 -35.55 4.23
N SER A 100 32.64 -35.09 3.31
CA SER A 100 32.67 -33.68 2.89
C SER A 100 31.37 -33.21 2.21
N MET A 101 30.73 -34.09 1.44
CA MET A 101 29.47 -33.79 0.75
C MET A 101 28.28 -33.60 1.70
N LEU A 102 28.23 -34.31 2.83
CA LEU A 102 27.10 -34.33 3.75
C LEU A 102 27.17 -33.33 4.92
N GLN A 103 28.17 -32.44 4.94
CA GLN A 103 28.36 -31.40 5.97
C GLN A 103 28.33 -29.99 5.34
N PRO A 104 27.95 -28.92 6.07
CA PRO A 104 27.72 -27.61 5.47
C PRO A 104 29.04 -27.01 5.01
N GLY A 105 29.24 -26.89 3.71
CA GLY A 105 30.49 -26.42 3.14
C GLY A 105 30.72 -24.95 3.39
N VAL A 106 31.97 -24.51 3.53
CA VAL A 106 32.32 -23.08 3.63
C VAL A 106 32.08 -22.43 2.28
N ASN A 107 31.04 -21.61 2.18
CA ASN A 107 30.66 -20.94 0.94
C ASN A 107 29.95 -19.62 1.26
N LYS A 108 29.45 -18.93 0.24
CA LYS A 108 28.74 -17.66 0.37
C LYS A 108 27.59 -17.75 1.38
N PHE A 109 26.73 -18.75 1.24
CA PHE A 109 25.55 -18.91 2.07
C PHE A 109 25.88 -19.32 3.52
N SER A 110 26.74 -20.30 3.75
CA SER A 110 27.04 -20.75 5.11
C SER A 110 27.83 -19.70 5.90
N LEU A 111 28.71 -18.94 5.25
CA LEU A 111 29.41 -17.84 5.89
C LEU A 111 28.43 -16.77 6.38
N ARG A 112 27.44 -16.40 5.57
CA ARG A 112 26.40 -15.46 5.98
C ARG A 112 25.38 -16.03 6.98
N MET A 113 25.15 -17.33 7.01
CA MET A 113 24.20 -17.98 7.92
C MET A 113 24.77 -18.24 9.33
N PHE A 114 26.02 -18.71 9.41
CA PHE A 114 26.70 -19.03 10.66
C PHE A 114 27.64 -17.91 11.16
N GLY A 115 28.09 -17.03 10.28
CA GLY A 115 28.75 -15.76 10.62
C GLY A 115 30.24 -15.68 10.31
N SER A 116 30.95 -16.81 10.33
CA SER A 116 32.41 -16.88 10.12
C SER A 116 32.83 -18.28 9.70
N GLN A 117 33.97 -18.44 9.04
CA GLN A 117 34.50 -19.77 8.72
C GLN A 117 34.68 -20.63 9.97
N LYS A 118 35.12 -20.09 11.10
CA LYS A 118 35.20 -20.85 12.36
C LYS A 118 33.84 -21.25 12.94
N ALA A 119 32.76 -20.55 12.61
CA ALA A 119 31.41 -20.97 12.99
C ALA A 119 30.93 -22.11 12.09
N VAL A 120 31.18 -22.05 10.79
CA VAL A 120 30.91 -23.14 9.85
C VAL A 120 31.67 -24.39 10.28
N GLU A 121 32.95 -24.28 10.60
CA GLU A 121 33.78 -25.40 11.01
C GLU A 121 33.36 -25.99 12.37
N LYS A 122 32.65 -25.24 13.22
CA LYS A 122 31.98 -25.81 14.40
C LYS A 122 30.75 -26.60 14.03
N GLU A 123 29.91 -26.10 13.13
CA GLU A 123 28.73 -26.84 12.67
C GLU A 123 29.12 -28.11 11.91
N GLN A 124 30.17 -28.05 11.07
CA GLN A 124 30.76 -29.24 10.44
C GLN A 124 31.15 -30.28 11.47
N GLU A 125 31.91 -29.91 12.50
CA GLU A 125 32.30 -30.81 13.57
C GLU A 125 31.08 -31.38 14.33
N ARG A 126 30.04 -30.54 14.40
CA ARG A 126 28.78 -30.93 15.03
C ARG A 126 28.16 -32.09 14.26
N VAL A 127 27.99 -31.95 12.94
CA VAL A 127 27.40 -33.05 12.15
C VAL A 127 28.31 -34.26 12.08
N LYS A 128 29.61 -34.04 11.93
CA LYS A 128 30.66 -35.08 11.94
C LYS A 128 30.71 -35.88 13.25
N THR A 129 29.93 -35.49 14.27
CA THR A 129 29.75 -36.18 15.55
C THR A 129 28.28 -36.31 16.00
N ALA A 130 27.29 -36.12 15.12
CA ALA A 130 25.87 -36.28 15.48
C ALA A 130 25.36 -37.74 15.36
N GLY A 131 25.99 -38.53 14.50
CA GLY A 131 25.62 -39.91 14.18
C GLY A 131 26.28 -40.34 12.87
N PHE A 132 26.05 -41.57 12.44
CA PHE A 132 26.58 -42.06 11.19
C PHE A 132 25.86 -41.44 9.99
N TRP A 133 26.60 -40.96 8.99
CA TRP A 133 26.08 -40.55 7.68
C TRP A 133 24.88 -39.59 7.68
N ILE A 134 24.81 -38.63 8.61
CA ILE A 134 23.80 -37.56 8.64
C ILE A 134 24.05 -36.51 7.56
N ILE A 135 22.98 -35.88 7.09
CA ILE A 135 22.95 -34.86 6.04
C ILE A 135 22.55 -33.52 6.68
N HIS A 136 23.39 -32.49 6.56
CA HIS A 136 23.02 -31.15 6.99
C HIS A 136 22.08 -30.51 5.96
N PRO A 137 21.03 -29.78 6.35
CA PRO A 137 20.13 -29.17 5.38
C PRO A 137 20.81 -28.26 4.37
N TYR A 138 21.92 -27.61 4.74
CA TYR A 138 22.63 -26.67 3.88
C TYR A 138 23.80 -27.28 3.09
N SER A 139 23.94 -28.59 3.10
CA SER A 139 24.94 -29.35 2.35
C SER A 139 24.85 -29.20 0.83
N ASP A 140 25.96 -29.43 0.12
CA ASP A 140 25.94 -29.63 -1.33
C ASP A 140 25.19 -30.90 -1.74
N PHE A 141 25.26 -31.98 -0.96
CA PHE A 141 24.49 -33.18 -1.27
C PHE A 141 22.99 -32.94 -1.21
N ARG A 142 22.52 -32.17 -0.26
CA ARG A 142 21.12 -31.88 -0.19
C ARG A 142 20.71 -30.97 -1.26
N PHE A 143 21.51 -30.02 -1.64
CA PHE A 143 21.22 -29.21 -2.81
C PHE A 143 21.08 -30.05 -4.08
N TYR A 144 22.04 -30.90 -4.40
CA TYR A 144 22.00 -31.67 -5.64
C TYR A 144 20.92 -32.74 -5.63
N TRP A 145 20.65 -33.38 -4.50
CA TRP A 145 19.51 -34.25 -4.38
C TRP A 145 18.20 -33.52 -4.61
N ASP A 146 17.97 -32.39 -3.96
CA ASP A 146 16.72 -31.65 -4.15
C ASP A 146 16.59 -31.15 -5.59
N LEU A 147 17.68 -30.81 -6.27
CA LEU A 147 17.65 -30.45 -7.68
C LEU A 147 17.25 -31.64 -8.56
N ILE A 148 17.68 -32.86 -8.26
CA ILE A 148 17.17 -34.06 -8.92
C ILE A 148 15.69 -34.26 -8.59
N MET A 149 15.28 -34.13 -7.34
CA MET A 149 13.87 -34.24 -6.96
C MET A 149 12.99 -33.25 -7.68
N LEU A 150 13.37 -31.98 -7.79
CA LEU A 150 12.55 -30.98 -8.46
C LEU A 150 12.37 -31.29 -9.95
N ILE A 151 13.39 -31.78 -10.63
CA ILE A 151 13.28 -32.25 -12.02
C ILE A 151 12.41 -33.51 -12.13
N MET A 152 12.53 -34.47 -11.20
CA MET A 152 11.63 -35.61 -11.16
C MET A 152 10.18 -35.19 -10.93
N MET A 153 9.90 -34.39 -9.89
CA MET A 153 8.54 -33.98 -9.54
C MET A 153 7.87 -33.18 -10.66
N VAL A 154 8.53 -32.19 -11.23
CA VAL A 154 7.94 -31.41 -12.33
C VAL A 154 7.61 -32.31 -13.52
N GLY A 155 8.41 -33.35 -13.80
CA GLY A 155 8.13 -34.34 -14.83
C GLY A 155 7.02 -35.32 -14.48
N ASN A 156 7.04 -35.95 -13.31
CA ASN A 156 5.99 -36.88 -12.89
C ASN A 156 4.62 -36.20 -12.78
N LEU A 157 4.51 -35.03 -12.18
CA LEU A 157 3.22 -34.36 -12.00
C LEU A 157 2.59 -33.90 -13.31
N VAL A 158 3.36 -33.74 -14.37
CA VAL A 158 2.86 -33.53 -15.72
C VAL A 158 2.46 -34.85 -16.37
N ILE A 159 3.34 -35.85 -16.38
CA ILE A 159 3.18 -37.08 -17.18
C ILE A 159 2.19 -38.06 -16.57
N ILE A 160 2.16 -38.24 -15.24
CA ILE A 160 1.33 -39.23 -14.55
C ILE A 160 -0.16 -39.07 -14.83
N PRO A 161 -0.81 -37.90 -14.66
CA PRO A 161 -2.24 -37.78 -14.89
C PRO A 161 -2.61 -37.93 -16.36
N VAL A 162 -1.71 -37.60 -17.30
CA VAL A 162 -1.91 -37.87 -18.73
C VAL A 162 -1.88 -39.37 -19.01
N GLY A 163 -0.89 -40.09 -18.48
CA GLY A 163 -0.76 -41.54 -18.62
C GLY A 163 -1.92 -42.31 -18.04
N ILE A 164 -2.41 -41.92 -16.88
CA ILE A 164 -3.58 -42.52 -16.25
C ILE A 164 -4.86 -42.25 -17.04
N THR A 165 -5.05 -41.03 -17.53
CA THR A 165 -6.29 -40.59 -18.15
C THR A 165 -6.41 -41.01 -19.61
N PHE A 166 -5.38 -40.82 -20.43
CA PHE A 166 -5.50 -40.90 -21.89
C PHE A 166 -4.93 -42.16 -22.52
N PHE A 167 -4.40 -43.10 -21.74
CA PHE A 167 -3.86 -44.38 -22.23
C PHE A 167 -4.60 -45.55 -21.59
N THR A 168 -4.83 -46.61 -22.38
CA THR A 168 -5.74 -47.71 -22.05
C THR A 168 -5.31 -48.51 -20.82
N GLU A 169 -4.01 -48.77 -20.69
CA GLU A 169 -3.41 -49.39 -19.51
C GLU A 169 -1.94 -49.01 -19.35
N GLN A 170 -1.44 -49.03 -18.12
CA GLN A 170 -0.06 -48.75 -17.74
C GLN A 170 0.71 -50.01 -17.32
N THR A 171 0.18 -51.19 -17.64
CA THR A 171 0.82 -52.49 -17.44
C THR A 171 1.84 -52.87 -18.53
N THR A 172 2.01 -52.08 -19.58
CA THR A 172 3.06 -52.28 -20.58
C THR A 172 4.44 -51.85 -20.08
N THR A 173 5.50 -52.39 -20.67
CA THR A 173 6.87 -52.24 -20.19
C THR A 173 7.37 -50.79 -20.04
N PRO A 174 7.16 -49.87 -20.99
CA PRO A 174 7.62 -48.49 -20.85
C PRO A 174 6.99 -47.73 -19.67
N TRP A 175 5.70 -47.93 -19.40
CA TRP A 175 5.02 -47.36 -18.24
C TRP A 175 5.45 -48.02 -16.93
N ILE A 176 5.65 -49.34 -16.90
CA ILE A 176 6.21 -50.05 -15.73
C ILE A 176 7.62 -49.54 -15.42
N ILE A 177 8.45 -49.30 -16.42
CA ILE A 177 9.80 -48.78 -16.23
C ILE A 177 9.81 -47.36 -15.66
N PHE A 178 9.01 -46.45 -16.22
CA PHE A 178 8.84 -45.09 -15.71
C PHE A 178 8.32 -45.04 -14.27
N ASN A 179 7.30 -45.84 -13.94
CA ASN A 179 6.68 -45.82 -12.62
C ASN A 179 7.55 -46.50 -11.56
N VAL A 180 8.22 -47.59 -11.87
CA VAL A 180 9.16 -48.23 -10.95
C VAL A 180 10.42 -47.39 -10.74
N ALA A 181 11.01 -46.83 -11.79
CA ALA A 181 12.19 -45.95 -11.69
C ALA A 181 11.88 -44.68 -10.90
N SER A 182 10.73 -44.05 -11.13
CA SER A 182 10.32 -42.90 -10.34
C SER A 182 10.05 -43.30 -8.90
N ASP A 183 9.28 -44.35 -8.64
CA ASP A 183 8.94 -44.73 -7.27
C ASP A 183 10.16 -45.10 -6.43
N THR A 184 11.19 -45.74 -6.99
CA THR A 184 12.42 -45.99 -6.20
C THR A 184 13.13 -44.69 -5.84
N VAL A 185 13.22 -43.71 -6.74
CA VAL A 185 13.81 -42.40 -6.46
C VAL A 185 13.01 -41.64 -5.40
N PHE A 186 11.68 -41.62 -5.47
CA PHE A 186 10.84 -41.06 -4.43
C PHE A 186 10.84 -41.84 -3.11
N LEU A 187 11.36 -43.07 -3.08
CA LEU A 187 11.53 -43.88 -1.88
C LEU A 187 12.92 -43.67 -1.26
N LEU A 188 13.96 -43.46 -2.07
CA LEU A 188 15.24 -42.96 -1.57
C LEU A 188 15.09 -41.60 -0.90
N ASP A 189 14.30 -40.71 -1.48
CA ASP A 189 14.03 -39.40 -0.89
C ASP A 189 13.31 -39.52 0.46
N LEU A 190 12.35 -40.44 0.59
CA LEU A 190 11.69 -40.73 1.85
C LEU A 190 12.69 -41.22 2.91
N ILE A 191 13.64 -42.07 2.52
CA ILE A 191 14.68 -42.57 3.42
C ILE A 191 15.64 -41.45 3.84
N MET A 192 16.16 -40.65 2.92
CA MET A 192 17.07 -39.55 3.24
C MET A 192 16.45 -38.50 4.17
N ASN A 193 15.14 -38.35 4.22
CA ASN A 193 14.47 -37.46 5.18
C ASN A 193 14.56 -37.95 6.64
N PHE A 194 14.88 -39.22 6.90
CA PHE A 194 15.26 -39.70 8.23
C PHE A 194 16.74 -39.45 8.57
N ARG A 195 17.53 -38.96 7.63
CA ARG A 195 18.96 -38.66 7.74
C ARG A 195 19.26 -37.16 7.68
N THR A 196 18.30 -36.32 7.32
CA THR A 196 18.51 -34.90 7.06
C THR A 196 17.99 -34.04 8.21
N GLY A 197 18.86 -33.17 8.73
CA GLY A 197 18.49 -32.23 9.80
C GLY A 197 17.51 -31.15 9.36
N THR A 198 16.78 -30.58 10.30
CA THR A 198 15.74 -29.58 10.05
C THR A 198 16.14 -28.18 10.52
N VAL A 199 15.86 -27.16 9.71
CA VAL A 199 15.96 -25.76 10.14
C VAL A 199 14.82 -25.42 11.10
N ASN A 200 15.14 -24.86 12.26
CA ASN A 200 14.16 -24.52 13.29
C ASN A 200 13.55 -23.13 13.05
N GLU A 201 12.27 -22.95 13.38
CA GLU A 201 11.60 -21.65 13.23
C GLU A 201 12.22 -20.54 14.10
N ASP A 202 12.89 -20.88 15.21
CA ASP A 202 13.66 -19.96 16.05
C ASP A 202 15.14 -19.83 15.64
N SER A 203 15.56 -20.34 14.48
CA SER A 203 16.96 -20.30 14.05
C SER A 203 17.96 -20.91 15.03
N SER A 204 17.49 -21.69 16.01
CA SER A 204 18.35 -22.42 16.94
C SER A 204 19.17 -23.49 16.23
N GLU A 205 20.14 -24.05 16.94
CA GLU A 205 21.03 -25.08 16.42
C GLU A 205 20.25 -26.17 15.68
N ILE A 206 20.57 -26.37 14.39
CA ILE A 206 19.87 -27.27 13.48
C ILE A 206 19.62 -28.62 14.16
N ILE A 207 18.40 -29.13 14.06
CA ILE A 207 18.02 -30.40 14.67
C ILE A 207 18.82 -31.51 13.99
N LEU A 208 19.72 -32.18 14.72
CA LEU A 208 20.64 -33.19 14.15
C LEU A 208 20.66 -34.52 14.91
N ASP A 209 19.96 -34.66 16.03
CA ASP A 209 19.82 -35.94 16.70
C ASP A 209 18.90 -36.87 15.89
N PRO A 210 19.33 -38.06 15.46
CA PRO A 210 18.50 -38.98 14.67
C PRO A 210 17.12 -39.26 15.27
N LYS A 211 17.00 -39.35 16.58
CA LYS A 211 15.71 -39.56 17.25
C LYS A 211 14.75 -38.37 17.14
N VAL A 212 15.24 -37.14 17.00
CA VAL A 212 14.40 -35.95 16.82
C VAL A 212 14.10 -35.71 15.35
N ILE A 213 15.07 -35.94 14.45
CA ILE A 213 14.85 -35.89 13.01
C ILE A 213 13.80 -36.92 12.56
N LYS A 214 13.92 -38.18 13.02
CA LYS A 214 12.88 -39.22 12.87
C LYS A 214 11.55 -38.82 13.51
N MET A 215 11.53 -38.47 14.80
CA MET A 215 10.26 -38.23 15.49
C MET A 215 9.49 -37.03 14.95
N ASN A 216 10.17 -35.98 14.48
CA ASN A 216 9.51 -34.81 13.90
C ASN A 216 8.93 -35.08 12.50
N TYR A 217 9.53 -36.00 11.73
CA TYR A 217 9.04 -36.35 10.40
C TYR A 217 7.76 -37.19 10.47
N LEU A 218 7.69 -38.14 11.40
CA LEU A 218 6.48 -38.93 11.70
C LEU A 218 5.32 -38.08 12.16
N LYS A 219 5.56 -37.06 12.98
CA LYS A 219 4.53 -36.13 13.43
C LYS A 219 4.07 -35.13 12.35
N SER A 220 4.70 -35.12 11.18
CA SER A 220 4.43 -34.20 10.09
C SER A 220 4.17 -34.91 8.77
N TRP A 221 5.13 -34.87 7.84
CA TRP A 221 4.92 -35.22 6.44
C TRP A 221 5.08 -36.69 6.07
N PHE A 222 5.53 -37.55 6.98
CA PHE A 222 5.84 -38.93 6.62
C PHE A 222 4.67 -39.68 5.99
N VAL A 223 3.44 -39.56 6.51
CA VAL A 223 2.31 -40.34 5.97
C VAL A 223 1.96 -39.95 4.53
N VAL A 224 1.94 -38.64 4.22
CA VAL A 224 1.73 -38.10 2.86
C VAL A 224 2.89 -38.45 1.93
N ASP A 225 4.12 -38.39 2.41
CA ASP A 225 5.30 -38.78 1.63
C ASP A 225 5.37 -40.29 1.40
N PHE A 226 4.89 -41.12 2.32
CA PHE A 226 4.88 -42.58 2.18
C PHE A 226 3.87 -43.05 1.14
N ILE A 227 2.58 -42.70 1.28
CA ILE A 227 1.52 -43.14 0.36
C ILE A 227 1.67 -42.59 -1.07
N SER A 228 2.49 -41.57 -1.29
CA SER A 228 2.87 -41.09 -2.62
C SER A 228 4.21 -41.62 -3.12
N SER A 229 4.95 -42.36 -2.30
CA SER A 229 6.22 -42.97 -2.67
C SER A 229 6.06 -44.40 -3.16
N ILE A 230 5.32 -45.24 -2.43
CA ILE A 230 5.13 -46.66 -2.77
C ILE A 230 4.16 -46.86 -3.95
N PRO A 231 4.31 -47.91 -4.77
CA PRO A 231 3.43 -48.23 -5.88
C PRO A 231 2.12 -48.91 -5.41
N VAL A 232 1.25 -48.16 -4.74
CA VAL A 232 -0.01 -48.65 -4.14
C VAL A 232 -0.93 -49.36 -5.14
N ASP A 233 -0.98 -48.90 -6.37
CA ASP A 233 -1.73 -49.53 -7.46
C ASP A 233 -1.14 -50.88 -7.86
N TYR A 234 0.18 -51.04 -7.94
CA TYR A 234 0.77 -52.32 -8.31
C TYR A 234 0.69 -53.36 -7.19
N ILE A 235 0.87 -52.98 -5.91
CA ILE A 235 0.73 -53.97 -4.84
C ILE A 235 -0.73 -54.42 -4.69
N PHE A 236 -1.70 -53.52 -4.90
CA PHE A 236 -3.12 -53.86 -4.92
C PHE A 236 -3.48 -54.80 -6.07
N LEU A 237 -2.94 -54.55 -7.26
CA LEU A 237 -3.11 -55.42 -8.43
C LEU A 237 -2.57 -56.82 -8.19
N ILE A 238 -1.39 -56.95 -7.56
CA ILE A 238 -0.82 -58.24 -7.16
C ILE A 238 -1.70 -58.94 -6.11
N VAL A 239 -2.17 -58.22 -5.08
CA VAL A 239 -3.13 -58.75 -4.09
C VAL A 239 -4.43 -59.24 -4.74
N GLU A 240 -4.89 -58.62 -5.82
CA GLU A 240 -6.05 -59.09 -6.60
C GLU A 240 -5.79 -60.44 -7.30
N LYS A 241 -4.55 -60.75 -7.68
CA LYS A 241 -4.14 -62.08 -8.20
C LYS A 241 -3.96 -63.09 -7.06
N GLY A 242 -4.98 -63.21 -6.21
CA GLY A 242 -4.95 -64.12 -5.08
C GLY A 242 -5.92 -63.73 -3.99
N ARG A 252 -14.99 -58.37 -12.10
CA ARG A 252 -14.49 -58.47 -13.49
C ARG A 252 -13.41 -57.44 -13.76
N ALA A 253 -12.54 -57.70 -14.74
CA ALA A 253 -11.33 -56.91 -14.98
C ALA A 253 -11.59 -55.40 -15.15
N LEU A 254 -12.66 -55.01 -15.83
CA LEU A 254 -12.97 -53.62 -16.15
C LEU A 254 -13.40 -52.78 -14.93
N ARG A 255 -13.74 -53.37 -13.79
CA ARG A 255 -13.90 -52.63 -12.54
C ARG A 255 -12.55 -52.40 -11.84
N ILE A 256 -11.66 -53.39 -11.87
CA ILE A 256 -10.31 -53.31 -11.28
C ILE A 256 -9.41 -52.36 -12.06
N VAL A 257 -9.45 -52.42 -13.39
CA VAL A 257 -8.70 -51.49 -14.26
C VAL A 257 -9.18 -50.04 -14.09
N ARG A 258 -10.33 -49.86 -13.48
CA ARG A 258 -10.80 -48.52 -13.25
C ARG A 258 -10.58 -48.06 -11.84
N PHE A 259 -10.76 -48.92 -10.89
CA PHE A 259 -10.42 -48.60 -9.50
C PHE A 259 -8.91 -48.38 -9.28
N THR A 260 -8.05 -49.14 -9.94
CA THR A 260 -6.60 -48.87 -9.88
C THR A 260 -6.21 -47.50 -10.43
N LYS A 261 -6.94 -46.90 -11.39
CA LYS A 261 -6.64 -45.53 -11.86
C LYS A 261 -6.77 -44.51 -10.75
N ILE A 262 -7.78 -44.62 -9.91
CA ILE A 262 -7.96 -43.73 -8.76
C ILE A 262 -6.83 -43.89 -7.75
N LEU A 263 -6.40 -45.12 -7.44
CA LEU A 263 -5.24 -45.37 -6.58
C LEU A 263 -3.94 -44.85 -7.20
N SER A 264 -3.82 -44.91 -8.52
CA SER A 264 -2.62 -44.52 -9.24
C SER A 264 -2.34 -43.01 -9.14
N LEU A 265 -3.39 -42.21 -8.96
CA LEU A 265 -3.36 -40.77 -8.68
C LEU A 265 -2.96 -40.40 -7.24
N LEU A 266 -2.74 -41.34 -6.32
CA LEU A 266 -2.11 -41.01 -5.03
C LEU A 266 -0.71 -40.42 -5.21
N ARG A 267 -0.05 -40.71 -6.34
CA ARG A 267 1.20 -40.09 -6.74
C ARG A 267 1.14 -38.57 -6.86
N LEU A 268 -0.03 -37.95 -7.04
CA LEU A 268 -0.14 -36.50 -7.15
C LEU A 268 0.21 -35.78 -5.85
N LEU A 269 0.19 -36.46 -4.69
CA LEU A 269 0.61 -35.88 -3.42
C LEU A 269 2.11 -35.59 -3.32
N ARG A 270 2.82 -35.89 -4.41
CA ARG A 270 4.22 -35.53 -4.53
C ARG A 270 4.29 -33.99 -4.51
N LEU A 271 3.23 -33.34 -5.02
CA LEU A 271 3.10 -31.89 -5.02
C LEU A 271 3.48 -31.28 -3.68
N SER A 272 3.20 -31.94 -2.55
CA SER A 272 3.58 -31.44 -1.24
C SER A 272 5.10 -31.33 -1.08
N ARG A 273 5.88 -32.31 -1.54
CA ARG A 273 7.33 -32.21 -1.62
C ARG A 273 7.79 -31.11 -2.56
N LEU A 274 7.16 -30.94 -3.72
CA LEU A 274 7.51 -29.86 -4.63
C LEU A 274 7.35 -28.49 -3.96
N ILE A 275 6.25 -28.25 -3.26
CA ILE A 275 5.98 -26.99 -2.55
C ILE A 275 7.00 -26.78 -1.42
N ARG A 276 7.23 -27.80 -0.59
CA ARG A 276 8.20 -27.79 0.50
C ARG A 276 9.63 -27.55 0.03
N TYR A 277 10.12 -28.30 -0.96
CA TYR A 277 11.48 -28.17 -1.43
C TYR A 277 11.70 -26.87 -2.21
N ILE A 278 10.70 -26.36 -2.95
CA ILE A 278 10.80 -25.02 -3.54
C ILE A 278 10.94 -23.96 -2.44
N HIS A 279 10.12 -23.98 -1.40
CA HIS A 279 10.20 -22.99 -0.32
C HIS A 279 11.56 -23.01 0.38
N GLN A 280 12.12 -24.19 0.67
CA GLN A 280 13.42 -24.30 1.32
C GLN A 280 14.55 -23.72 0.49
N TRP A 281 14.56 -23.91 -0.82
CA TRP A 281 15.62 -23.35 -1.66
C TRP A 281 15.43 -21.89 -2.00
N GLU A 282 14.21 -21.36 -1.97
CA GLU A 282 13.99 -19.92 -2.06
C GLU A 282 14.46 -19.18 -0.82
N GLU A 283 14.25 -19.71 0.37
CA GLU A 283 14.78 -19.11 1.60
C GLU A 283 16.32 -19.04 1.58
N ILE A 284 16.97 -20.06 1.01
CA ILE A 284 18.43 -20.08 0.82
C ILE A 284 18.88 -19.11 -0.28
N PHE A 285 18.25 -19.09 -1.46
CA PHE A 285 18.63 -18.14 -2.51
C PHE A 285 18.32 -16.68 -2.17
N HIS A 286 17.34 -16.39 -1.32
CA HIS A 286 17.09 -15.04 -0.81
C HIS A 286 18.30 -14.49 -0.06
N MET A 287 18.87 -15.25 0.87
CA MET A 287 20.11 -14.83 1.55
C MET A 287 21.39 -15.21 0.79
N THR A 288 21.32 -15.19 -0.54
CA THR A 288 22.46 -15.43 -1.43
C THR A 288 22.50 -14.46 -2.63
N TYR A 289 21.37 -14.13 -3.28
CA TYR A 289 21.39 -13.63 -4.66
C TYR A 289 20.61 -12.33 -4.95
N ASP A 290 20.13 -11.61 -3.92
CA ASP A 290 19.45 -10.32 -4.08
C ASP A 290 18.18 -10.38 -4.97
N LEU A 291 17.14 -11.02 -4.42
CA LEU A 291 15.88 -11.34 -5.11
C LEU A 291 14.77 -10.35 -4.72
N ALA A 292 14.04 -9.83 -5.71
CA ALA A 292 12.76 -9.16 -5.48
C ALA A 292 11.69 -10.21 -5.09
N SER A 293 11.11 -10.14 -3.89
CA SER A 293 10.18 -11.16 -3.37
C SER A 293 8.93 -11.33 -4.24
N ALA A 294 8.37 -10.23 -4.76
CA ALA A 294 7.17 -10.29 -5.58
C ALA A 294 7.39 -10.98 -6.93
N VAL A 295 8.60 -10.88 -7.50
CA VAL A 295 8.94 -11.56 -8.77
C VAL A 295 9.01 -13.06 -8.56
N VAL A 296 9.66 -13.50 -7.49
CA VAL A 296 9.76 -14.91 -7.11
C VAL A 296 8.38 -15.53 -6.88
N ARG A 297 7.51 -14.86 -6.12
CA ARG A 297 6.14 -15.32 -5.85
C ARG A 297 5.24 -15.33 -7.09
N ILE A 298 5.42 -14.40 -8.03
CA ILE A 298 4.74 -14.43 -9.33
C ILE A 298 5.09 -15.69 -10.12
N PHE A 299 6.36 -16.05 -10.25
CA PHE A 299 6.74 -17.19 -11.09
C PHE A 299 6.36 -18.55 -10.47
N ASN A 300 6.32 -18.66 -9.15
CA ASN A 300 5.78 -19.83 -8.44
C ASN A 300 4.28 -20.01 -8.70
N LEU A 301 3.51 -18.93 -8.65
CA LEU A 301 2.08 -18.95 -8.92
C LEU A 301 1.78 -19.31 -10.38
N ILE A 302 2.48 -18.74 -11.37
CA ILE A 302 2.31 -19.11 -12.78
C ILE A 302 2.52 -20.63 -13.00
N GLY A 303 3.55 -21.21 -12.38
CA GLY A 303 3.80 -22.64 -12.47
C GLY A 303 2.66 -23.48 -11.89
N MET A 304 2.19 -23.10 -10.70
CA MET A 304 1.02 -23.71 -10.06
C MET A 304 -0.27 -23.59 -10.90
N LEU A 305 -0.55 -22.43 -11.50
CA LEU A 305 -1.75 -22.22 -12.32
C LEU A 305 -1.75 -23.09 -13.57
N LEU A 306 -0.62 -23.19 -14.27
CA LEU A 306 -0.47 -24.06 -15.43
C LEU A 306 -0.67 -25.52 -15.05
N LEU A 307 -0.14 -25.95 -13.91
CA LEU A 307 -0.31 -27.31 -13.41
C LEU A 307 -1.76 -27.61 -13.02
N LEU A 308 -2.45 -26.71 -12.34
CA LEU A 308 -3.87 -26.88 -11.99
C LEU A 308 -4.74 -26.96 -13.24
N CYS A 309 -4.49 -26.14 -14.24
CA CYS A 309 -5.19 -26.20 -15.52
C CYS A 309 -4.96 -27.53 -16.24
N HIS A 310 -3.73 -28.03 -16.25
CA HIS A 310 -3.36 -29.33 -16.77
C HIS A 310 -4.06 -30.49 -16.07
N TRP A 311 -4.11 -30.51 -14.74
CA TRP A 311 -4.83 -31.52 -13.97
C TRP A 311 -6.34 -31.43 -14.11
N ASP A 312 -6.93 -30.24 -14.14
CA ASP A 312 -8.35 -30.07 -14.47
C ASP A 312 -8.64 -30.59 -15.88
N GLY A 313 -7.78 -30.31 -16.86
CA GLY A 313 -7.86 -30.91 -18.18
C GLY A 313 -7.91 -32.43 -18.16
N CYS A 314 -7.10 -33.10 -17.36
CA CYS A 314 -7.19 -34.54 -17.18
C CYS A 314 -8.48 -34.96 -16.48
N LEU A 315 -8.89 -34.27 -15.41
CA LEU A 315 -10.14 -34.51 -14.70
C LEU A 315 -11.40 -34.40 -15.58
N GLN A 316 -11.47 -33.43 -16.51
CA GLN A 316 -12.58 -33.27 -17.46
C GLN A 316 -12.83 -34.54 -18.26
N PHE A 317 -11.80 -35.28 -18.64
CA PHE A 317 -11.91 -36.53 -19.38
C PHE A 317 -11.94 -37.78 -18.49
N LEU A 318 -11.25 -37.77 -17.36
CA LEU A 318 -11.19 -38.90 -16.44
C LEU A 318 -12.55 -39.27 -15.86
N VAL A 319 -13.36 -38.30 -15.46
CA VAL A 319 -14.67 -38.60 -14.88
C VAL A 319 -15.64 -39.28 -15.88
N PRO A 320 -15.79 -38.79 -17.14
CA PRO A 320 -16.38 -39.58 -18.21
C PRO A 320 -15.77 -40.96 -18.42
N LEU A 321 -14.44 -41.11 -18.44
CA LEU A 321 -13.79 -42.39 -18.65
C LEU A 321 -14.15 -43.43 -17.59
N LEU A 322 -14.13 -43.05 -16.32
CA LEU A 322 -14.49 -43.95 -15.23
C LEU A 322 -15.96 -44.37 -15.25
N GLN A 323 -16.83 -43.58 -15.87
CA GLN A 323 -18.23 -43.91 -16.12
C GLN A 323 -18.45 -44.61 -17.47
N ASP A 324 -17.39 -45.04 -18.16
CA ASP A 324 -17.45 -45.67 -19.48
C ASP A 324 -18.06 -44.82 -20.58
N PHE A 325 -17.82 -43.51 -20.57
CA PHE A 325 -18.31 -42.54 -21.54
C PHE A 325 -19.83 -42.63 -21.76
N PRO A 326 -20.65 -42.24 -20.78
CA PRO A 326 -22.08 -42.28 -20.90
C PRO A 326 -22.58 -41.37 -22.03
N PRO A 327 -23.75 -41.62 -22.62
CA PRO A 327 -24.20 -40.96 -23.84
C PRO A 327 -24.50 -39.47 -23.69
N ASP A 328 -24.66 -38.96 -22.47
CA ASP A 328 -24.92 -37.56 -22.17
C ASP A 328 -23.68 -36.74 -21.75
N CYS A 329 -22.45 -37.28 -21.82
CA CYS A 329 -21.23 -36.55 -21.50
C CYS A 329 -20.56 -35.88 -22.72
N TRP A 330 -19.72 -34.88 -22.50
CA TRP A 330 -19.11 -34.09 -23.57
C TRP A 330 -18.28 -34.90 -24.56
N VAL A 331 -17.67 -36.00 -24.13
CA VAL A 331 -16.83 -36.84 -24.98
C VAL A 331 -17.68 -37.59 -26.01
N SER A 332 -18.85 -38.08 -25.58
CA SER A 332 -19.86 -38.69 -26.46
C SER A 332 -20.59 -37.66 -27.31
N LEU A 333 -21.02 -36.53 -26.75
CA LEU A 333 -21.71 -35.47 -27.48
C LEU A 333 -20.86 -34.89 -28.60
N ASN A 334 -19.56 -34.67 -28.37
CA ASN A 334 -18.63 -34.21 -29.39
C ASN A 334 -18.07 -35.38 -30.23
N GLU A 335 -18.52 -36.60 -30.01
CA GLU A 335 -18.20 -37.80 -30.80
C GLU A 335 -16.70 -38.10 -30.91
N MET A 336 -15.95 -37.97 -29.82
CA MET A 336 -14.48 -38.11 -29.83
C MET A 336 -13.94 -39.21 -28.91
N VAL A 337 -14.76 -40.16 -28.49
CA VAL A 337 -14.34 -41.34 -27.70
C VAL A 337 -13.25 -42.16 -28.38
N ASN A 338 -13.23 -42.21 -29.71
CA ASN A 338 -12.28 -43.01 -30.50
C ASN A 338 -11.08 -42.22 -31.03
N ASP A 339 -10.97 -40.92 -30.76
CA ASP A 339 -9.86 -40.09 -31.21
C ASP A 339 -8.51 -40.51 -30.62
N SER A 340 -7.43 -40.03 -31.21
CA SER A 340 -6.09 -40.15 -30.64
C SER A 340 -5.96 -39.38 -29.34
N TRP A 341 -5.04 -39.82 -28.47
CA TRP A 341 -4.82 -39.24 -27.15
C TRP A 341 -4.52 -37.73 -27.21
N GLY A 342 -3.84 -37.25 -28.24
CA GLY A 342 -3.47 -35.85 -28.41
C GLY A 342 -4.61 -34.92 -28.74
N LYS A 343 -5.61 -35.36 -29.52
CA LYS A 343 -6.85 -34.60 -29.73
C LYS A 343 -7.70 -34.56 -28.48
N GLN A 344 -7.88 -35.69 -27.82
CA GLN A 344 -8.65 -35.78 -26.58
C GLN A 344 -8.03 -34.90 -25.49
N TYR A 345 -6.72 -34.93 -25.36
CA TYR A 345 -6.04 -34.10 -24.37
C TYR A 345 -6.21 -32.60 -24.68
N SER A 346 -5.97 -32.23 -25.94
CA SER A 346 -6.11 -30.85 -26.37
C SER A 346 -7.50 -30.30 -26.13
N TYR A 347 -8.53 -31.10 -26.41
CA TYR A 347 -9.90 -30.67 -26.17
C TYR A 347 -10.15 -30.52 -24.67
N ALA A 348 -9.83 -31.56 -23.90
CA ALA A 348 -10.00 -31.54 -22.47
C ALA A 348 -9.27 -30.36 -21.81
N LEU A 349 -8.05 -30.03 -22.24
CA LEU A 349 -7.31 -28.87 -21.76
C LEU A 349 -8.02 -27.58 -22.14
N PHE A 350 -8.48 -27.44 -23.38
CA PHE A 350 -9.26 -26.30 -23.83
C PHE A 350 -10.54 -26.12 -23.03
N LYS A 351 -11.23 -27.20 -22.69
CA LYS A 351 -12.42 -27.18 -21.86
C LYS A 351 -12.11 -26.74 -20.43
N ALA A 352 -11.07 -27.26 -19.79
CA ALA A 352 -10.63 -26.83 -18.48
C ALA A 352 -10.21 -25.37 -18.44
N MET A 353 -9.38 -24.95 -19.39
CA MET A 353 -8.92 -23.58 -19.50
C MET A 353 -10.06 -22.60 -19.76
N SER A 354 -11.05 -22.99 -20.54
CA SER A 354 -12.26 -22.21 -20.76
C SER A 354 -13.04 -22.00 -19.48
N HIS A 355 -13.23 -23.05 -18.66
CA HIS A 355 -13.92 -22.95 -17.38
C HIS A 355 -13.15 -22.09 -16.41
N MET A 356 -11.85 -22.31 -16.29
CA MET A 356 -11.02 -21.65 -15.30
C MET A 356 -10.76 -20.18 -15.59
N LEU A 357 -10.62 -19.77 -16.85
CA LEU A 357 -10.60 -18.35 -17.25
C LEU A 357 -11.99 -17.75 -17.38
N CYS A 358 -13.04 -18.51 -17.12
CA CYS A 358 -14.43 -18.07 -17.24
C CYS A 358 -14.78 -17.52 -18.64
N ILE A 359 -14.19 -18.04 -19.72
CA ILE A 359 -14.50 -17.61 -21.10
C ILE A 359 -15.65 -18.38 -21.72
N GLY A 360 -15.93 -19.60 -21.29
CA GLY A 360 -17.03 -20.38 -21.82
C GLY A 360 -16.94 -21.83 -21.38
N TYR A 361 -17.81 -22.67 -21.94
CA TYR A 361 -17.96 -24.05 -21.50
C TYR A 361 -17.23 -25.10 -22.35
N GLY A 362 -16.65 -24.71 -23.48
CA GLY A 362 -16.34 -25.58 -24.61
C GLY A 362 -17.41 -25.43 -25.71
N ALA A 363 -17.68 -26.49 -26.46
CA ALA A 363 -18.63 -26.49 -27.58
C ALA A 363 -20.07 -26.11 -27.18
N GLN A 364 -20.51 -26.51 -25.99
CA GLN A 364 -21.84 -26.25 -25.45
C GLN A 364 -21.82 -26.28 -23.90
N ALA A 365 -22.87 -25.75 -23.28
CA ALA A 365 -23.10 -25.89 -21.85
C ALA A 365 -23.27 -27.37 -21.42
N PRO A 366 -22.92 -27.76 -20.17
CA PRO A 366 -23.09 -29.11 -19.67
C PRO A 366 -24.52 -29.63 -19.74
N VAL A 367 -24.68 -30.95 -19.86
CA VAL A 367 -25.97 -31.65 -19.89
C VAL A 367 -26.12 -32.67 -18.77
N SER A 368 -25.14 -33.54 -18.52
CA SER A 368 -25.20 -34.52 -17.44
C SER A 368 -24.85 -33.93 -16.07
N MET A 369 -25.27 -34.58 -14.99
CA MET A 369 -24.94 -34.18 -13.61
C MET A 369 -23.46 -34.20 -13.31
N SER A 370 -22.69 -35.13 -13.87
CA SER A 370 -21.24 -35.15 -13.70
C SER A 370 -20.61 -33.95 -14.37
N ASP A 371 -20.99 -33.65 -15.61
CA ASP A 371 -20.44 -32.51 -16.31
C ASP A 371 -20.84 -31.19 -15.65
N LEU A 372 -22.06 -31.05 -15.11
CA LEU A 372 -22.46 -29.87 -14.34
C LEU A 372 -21.53 -29.63 -13.16
N TRP A 373 -21.37 -30.61 -12.28
CA TRP A 373 -20.63 -30.46 -11.04
C TRP A 373 -19.13 -30.36 -11.25
N ILE A 374 -18.57 -31.07 -12.22
CA ILE A 374 -17.16 -30.92 -12.60
C ILE A 374 -16.92 -29.55 -13.22
N THR A 375 -17.83 -29.03 -14.05
CA THR A 375 -17.73 -27.68 -14.58
C THR A 375 -17.80 -26.62 -13.47
N MET A 376 -18.71 -26.72 -12.52
CA MET A 376 -18.82 -25.77 -11.42
C MET A 376 -17.59 -25.78 -10.51
N LEU A 377 -17.06 -26.95 -10.18
CA LEU A 377 -15.81 -27.10 -9.46
C LEU A 377 -14.67 -26.36 -10.17
N SER A 378 -14.53 -26.56 -11.47
CA SER A 378 -13.53 -25.91 -12.31
C SER A 378 -13.66 -24.40 -12.35
N MET A 379 -14.88 -23.88 -12.46
CA MET A 379 -15.16 -22.45 -12.38
C MET A 379 -14.75 -21.84 -11.05
N ILE A 380 -15.16 -22.42 -9.92
CA ILE A 380 -14.83 -21.90 -8.58
C ILE A 380 -13.32 -21.92 -8.33
N VAL A 381 -12.66 -23.02 -8.67
CA VAL A 381 -11.21 -23.13 -8.50
C VAL A 381 -10.50 -22.11 -9.40
N GLY A 382 -10.85 -22.02 -10.67
CA GLY A 382 -10.24 -21.08 -11.60
C GLY A 382 -10.48 -19.61 -11.27
N ALA A 383 -11.68 -19.21 -10.89
CA ALA A 383 -11.96 -17.84 -10.48
C ALA A 383 -11.23 -17.43 -9.20
N THR A 384 -11.08 -18.34 -8.24
CA THR A 384 -10.27 -18.12 -7.04
C THR A 384 -8.80 -17.94 -7.41
N CYS A 385 -8.26 -18.80 -8.25
CA CYS A 385 -6.89 -18.74 -8.68
C CYS A 385 -6.57 -17.48 -9.50
N TYR A 386 -7.46 -17.04 -10.38
CA TYR A 386 -7.31 -15.78 -11.08
C TYR A 386 -7.33 -14.57 -10.16
N ALA A 387 -8.16 -14.53 -9.13
CA ALA A 387 -8.13 -13.45 -8.15
C ALA A 387 -6.81 -13.40 -7.36
N MET A 388 -6.26 -14.54 -6.98
CA MET A 388 -4.92 -14.61 -6.37
C MET A 388 -3.83 -14.16 -7.31
N PHE A 389 -3.91 -14.48 -8.60
CA PHE A 389 -2.99 -13.97 -9.60
C PHE A 389 -3.05 -12.45 -9.73
N VAL A 390 -4.23 -11.86 -9.80
CA VAL A 390 -4.41 -10.41 -9.83
C VAL A 390 -3.85 -9.74 -8.57
N GLY A 391 -4.00 -10.37 -7.40
CA GLY A 391 -3.38 -9.94 -6.16
C GLY A 391 -1.86 -9.93 -6.20
N HIS A 392 -1.22 -10.95 -6.75
CA HIS A 392 0.22 -10.98 -6.96
C HIS A 392 0.71 -9.98 -8.00
N ALA A 393 0.01 -9.82 -9.13
CA ALA A 393 0.37 -8.83 -10.13
C ALA A 393 0.33 -7.43 -9.54
N THR A 394 -0.69 -7.12 -8.75
CA THR A 394 -0.81 -5.84 -8.06
C THR A 394 0.34 -5.59 -7.10
N ALA A 395 0.74 -6.58 -6.30
CA ALA A 395 1.87 -6.46 -5.39
C ALA A 395 3.21 -6.33 -6.13
N LEU A 396 3.43 -7.04 -7.23
CA LEU A 396 4.59 -6.85 -8.07
C LEU A 396 4.64 -5.41 -8.61
N ILE A 397 3.56 -4.91 -9.17
CA ILE A 397 3.54 -3.58 -9.78
C ILE A 397 3.79 -2.48 -8.75
N GLN A 398 3.25 -2.56 -7.53
CA GLN A 398 3.58 -1.64 -6.44
C GLN A 398 5.05 -1.70 -5.99
N SER A 399 5.72 -2.84 -6.07
CA SER A 399 7.15 -2.92 -5.76
C SER A 399 8.03 -2.23 -6.80
N LEU A 400 7.56 -2.06 -8.03
CA LEU A 400 8.40 -1.64 -9.15
C LEU A 400 8.60 -0.13 -9.28
N ASP A 401 7.69 0.71 -8.79
CA ASP A 401 7.89 2.16 -8.78
C ASP A 401 7.76 2.78 -7.38
N SER A 402 8.19 2.04 -6.36
CA SER A 402 8.09 2.46 -4.97
C SER A 402 8.80 3.78 -4.69
N SER A 403 9.96 4.02 -5.29
CA SER A 403 10.70 5.27 -5.15
C SER A 403 9.92 6.47 -5.66
N ARG A 404 9.24 6.32 -6.79
CA ARG A 404 8.40 7.37 -7.37
C ARG A 404 7.15 7.60 -6.57
N ARG A 405 6.42 6.55 -6.18
CA ARG A 405 5.29 6.65 -5.27
C ARG A 405 5.67 7.42 -4.01
N GLN A 406 6.79 7.09 -3.39
CA GLN A 406 7.19 7.71 -2.14
C GLN A 406 7.59 9.17 -2.31
N TYR A 407 8.28 9.55 -3.37
CA TYR A 407 8.52 10.96 -3.67
C TYR A 407 7.21 11.73 -3.90
N GLN A 408 6.23 11.16 -4.59
CA GLN A 408 4.93 11.82 -4.76
C GLN A 408 4.16 11.96 -3.46
N GLU A 409 4.14 10.97 -2.58
CA GLU A 409 3.54 11.12 -1.26
C GLU A 409 4.21 12.21 -0.44
N LYS A 410 5.54 12.28 -0.42
CA LYS A 410 6.30 13.35 0.22
C LYS A 410 5.91 14.71 -0.32
N TYR A 411 5.92 14.86 -1.63
CA TYR A 411 5.58 16.13 -2.27
C TYR A 411 4.15 16.58 -1.95
N LYS A 412 3.19 15.64 -2.03
CA LYS A 412 1.79 15.96 -1.76
C LYS A 412 1.58 16.44 -0.32
N GLN A 413 2.39 16.02 0.65
CA GLN A 413 2.38 16.62 1.99
C GLN A 413 2.98 18.03 2.03
N VAL A 414 3.95 18.36 1.17
CA VAL A 414 4.41 19.75 1.02
C VAL A 414 3.32 20.64 0.44
N GLU A 415 2.56 20.18 -0.54
CA GLU A 415 1.40 20.90 -1.05
C GLU A 415 0.32 21.11 0.03
N GLN A 416 0.07 20.13 0.89
CA GLN A 416 -0.85 20.26 2.02
C GLN A 416 -0.40 21.32 3.02
N TYR A 417 0.91 21.44 3.25
CA TYR A 417 1.43 22.46 4.16
C TYR A 417 1.16 23.87 3.60
N MET A 418 1.48 24.07 2.32
CA MET A 418 1.28 25.36 1.66
C MET A 418 -0.19 25.73 1.56
N SER A 419 -1.05 24.74 1.34
CA SER A 419 -2.51 24.89 1.35
C SER A 419 -3.04 25.28 2.73
N PHE A 420 -2.62 24.61 3.81
CA PHE A 420 -3.04 24.94 5.16
C PHE A 420 -2.67 26.37 5.55
N HIS A 421 -1.46 26.81 5.22
CA HIS A 421 -1.00 28.18 5.46
C HIS A 421 -1.47 29.20 4.43
N LYS A 422 -2.18 28.79 3.38
CA LYS A 422 -2.71 29.66 2.32
C LYS A 422 -1.61 30.53 1.69
N LEU A 423 -0.45 29.95 1.39
CA LEU A 423 0.65 30.68 0.76
C LEU A 423 0.29 31.13 -0.67
N PRO A 424 0.74 32.30 -1.14
CA PRO A 424 0.49 32.79 -2.50
C PRO A 424 1.03 31.88 -3.60
N ALA A 425 0.43 31.90 -4.80
CA ALA A 425 0.81 31.03 -5.91
C ALA A 425 2.27 31.16 -6.36
N ASP A 426 2.87 32.36 -6.31
CA ASP A 426 4.27 32.55 -6.66
C ASP A 426 5.23 32.04 -5.57
N MET A 427 4.84 32.09 -4.29
CA MET A 427 5.58 31.48 -3.19
C MET A 427 5.51 29.96 -3.29
N ARG A 428 4.36 29.38 -3.66
CA ARG A 428 4.25 27.95 -3.92
C ARG A 428 5.10 27.49 -5.10
N GLN A 429 5.15 28.24 -6.18
CA GLN A 429 6.02 27.94 -7.32
C GLN A 429 7.48 28.00 -6.95
N LYS A 430 7.89 28.95 -6.11
CA LYS A 430 9.24 29.05 -5.60
C LYS A 430 9.61 27.87 -4.70
N ILE A 431 8.70 27.38 -3.87
CA ILE A 431 8.94 26.19 -3.05
C ILE A 431 9.01 24.93 -3.91
N HIS A 432 8.10 24.75 -4.85
CA HIS A 432 8.11 23.62 -5.79
C HIS A 432 9.42 23.57 -6.59
N ASP A 433 9.86 24.69 -7.12
CA ASP A 433 11.10 24.87 -7.84
C ASP A 433 12.34 24.59 -6.99
N TYR A 434 12.33 24.94 -5.71
CA TYR A 434 13.38 24.55 -4.78
C TYR A 434 13.41 23.04 -4.56
N TYR A 435 12.28 22.38 -4.35
CA TYR A 435 12.26 20.94 -4.10
C TYR A 435 12.80 20.15 -5.29
N GLU A 436 12.47 20.54 -6.52
CA GLU A 436 13.01 19.92 -7.72
C GLU A 436 14.50 20.11 -7.88
N HIS A 437 15.07 21.29 -7.59
CA HIS A 437 16.52 21.45 -7.61
C HIS A 437 17.22 20.82 -6.42
N ARG A 438 16.59 20.80 -5.25
CA ARG A 438 17.23 20.25 -4.05
C ARG A 438 17.26 18.73 -3.91
N TYR A 439 16.27 18.05 -4.48
CA TYR A 439 16.14 16.59 -4.41
C TYR A 439 16.14 15.90 -5.75
N GLN A 440 15.92 16.59 -6.88
CA GLN A 440 16.01 16.02 -8.23
C GLN A 440 15.15 14.77 -8.40
N GLY A 441 13.94 14.80 -7.86
CA GLY A 441 12.97 13.70 -7.90
C GLY A 441 13.30 12.50 -7.02
N LYS A 442 14.34 12.55 -6.20
CA LYS A 442 14.82 11.41 -5.40
C LYS A 442 14.41 11.56 -3.95
N ILE A 443 13.82 10.51 -3.39
CA ILE A 443 13.54 10.41 -1.96
C ILE A 443 14.54 9.51 -1.25
N PHE A 444 15.17 10.05 -0.24
CA PHE A 444 16.07 9.37 0.68
C PHE A 444 16.18 10.22 1.95
N ASP A 445 16.61 9.64 3.05
CA ASP A 445 16.87 10.36 4.29
C ASP A 445 18.35 10.24 4.65
N GLU A 446 19.14 11.25 4.30
CA GLU A 446 20.60 11.20 4.42
C GLU A 446 21.07 10.95 5.85
N GLU A 447 20.41 11.52 6.85
CA GLU A 447 20.81 11.31 8.24
C GLU A 447 20.63 9.86 8.68
N ASN A 448 19.56 9.19 8.28
CA ASN A 448 19.37 7.78 8.58
C ASN A 448 20.40 6.92 7.85
N ILE A 449 20.63 7.17 6.56
CA ILE A 449 21.57 6.39 5.77
C ILE A 449 22.98 6.52 6.32
N LEU A 450 23.48 7.73 6.61
CA LEU A 450 24.79 7.90 7.20
C LEU A 450 24.90 7.30 8.60
N ASN A 451 23.86 7.33 9.44
CA ASN A 451 23.90 6.69 10.76
C ASN A 451 23.99 5.17 10.67
N GLU A 452 23.46 4.52 9.64
CA GLU A 452 23.51 3.06 9.47
C GLU A 452 24.86 2.52 9.00
N LEU A 453 25.65 3.33 8.31
CA LEU A 453 26.98 2.99 7.81
C LEU A 453 28.01 2.84 8.95
N ASN A 454 29.19 2.31 8.65
CA ASN A 454 30.33 2.31 9.56
C ASN A 454 31.24 3.53 9.32
N ASP A 455 32.25 3.71 10.16
CA ASP A 455 33.18 4.83 10.04
C ASP A 455 34.00 4.86 8.75
N PRO A 456 34.57 3.74 8.26
CA PRO A 456 35.19 3.68 6.95
C PRO A 456 34.31 4.10 5.78
N LEU A 457 33.06 3.64 5.70
CA LEU A 457 32.16 4.02 4.61
C LEU A 457 31.75 5.48 4.67
N ARG A 458 31.48 6.05 5.85
CA ARG A 458 31.18 7.47 5.98
C ARG A 458 32.34 8.33 5.53
N GLU A 459 33.57 8.07 5.97
CA GLU A 459 34.70 8.89 5.53
C GLU A 459 35.04 8.71 4.04
N GLU A 460 34.82 7.54 3.46
CA GLU A 460 34.94 7.30 2.03
C GLU A 460 33.92 8.10 1.20
N ILE A 461 32.66 8.18 1.61
CA ILE A 461 31.63 8.99 0.95
C ILE A 461 31.91 10.48 1.11
N VAL A 462 32.27 10.94 2.31
CA VAL A 462 32.56 12.35 2.59
C VAL A 462 33.77 12.83 1.78
N ASN A 463 34.83 12.03 1.65
CA ASN A 463 35.97 12.40 0.82
C ASN A 463 35.59 12.49 -0.66
N PHE A 464 34.71 11.64 -1.17
CA PHE A 464 34.25 11.73 -2.54
C PHE A 464 33.47 13.00 -2.81
N ASN A 465 32.57 13.39 -1.90
CA ASN A 465 31.76 14.59 -2.06
C ASN A 465 32.55 15.88 -1.89
N CYS A 466 33.39 15.99 -0.86
CA CYS A 466 33.83 17.29 -0.35
C CYS A 466 35.33 17.58 -0.43
N ARG A 467 36.22 16.60 -0.61
CA ARG A 467 37.67 16.85 -0.60
C ARG A 467 38.12 17.75 -1.77
N LYS A 468 37.55 17.55 -2.96
CA LYS A 468 37.81 18.39 -4.13
C LYS A 468 37.40 19.86 -3.97
N LEU A 469 36.51 20.19 -3.04
CA LEU A 469 36.18 21.56 -2.68
C LEU A 469 37.18 22.08 -1.64
N VAL A 470 37.18 21.52 -0.44
CA VAL A 470 37.89 22.09 0.70
C VAL A 470 39.41 22.03 0.62
N ALA A 471 40.01 21.13 -0.16
CA ALA A 471 41.46 21.03 -0.28
C ALA A 471 42.11 22.26 -0.92
N THR A 472 41.35 23.04 -1.69
CA THR A 472 41.85 24.25 -2.38
C THR A 472 41.97 25.47 -1.48
N MET A 473 41.41 25.44 -0.27
CA MET A 473 41.38 26.58 0.64
C MET A 473 42.65 26.64 1.50
N PRO A 474 43.30 27.82 1.67
CA PRO A 474 44.60 27.90 2.31
C PRO A 474 44.58 27.50 3.80
N LEU A 475 43.46 27.70 4.49
CA LEU A 475 43.27 27.25 5.88
C LEU A 475 43.46 25.74 6.03
N PHE A 476 43.07 24.94 5.03
CA PHE A 476 43.10 23.46 5.10
C PHE A 476 44.22 22.82 4.28
N ALA A 477 44.77 23.51 3.28
CA ALA A 477 45.90 23.00 2.51
C ALA A 477 47.15 22.71 3.36
N ASN A 478 47.26 23.34 4.54
CA ASN A 478 48.35 23.12 5.51
C ASN A 478 48.11 22.00 6.53
N ALA A 479 46.89 21.46 6.64
CA ALA A 479 46.48 20.61 7.77
C ALA A 479 46.74 19.11 7.58
N ASP A 480 46.76 18.36 8.69
CA ASP A 480 46.90 16.90 8.71
C ASP A 480 45.62 16.19 8.25
N PRO A 481 45.67 15.16 7.40
CA PRO A 481 44.45 14.53 6.85
C PRO A 481 43.42 14.06 7.88
N ASN A 482 43.86 13.58 9.04
CA ASN A 482 42.93 13.14 10.09
C ASN A 482 42.14 14.29 10.73
N PHE A 483 42.55 15.55 10.58
CA PHE A 483 41.75 16.73 10.91
C PHE A 483 40.81 17.11 9.77
N VAL A 484 41.29 17.10 8.53
CA VAL A 484 40.47 17.41 7.35
C VAL A 484 39.26 16.48 7.27
N THR A 485 39.43 15.16 7.38
CA THR A 485 38.31 14.21 7.38
C THR A 485 37.29 14.48 8.50
N ALA A 486 37.75 14.93 9.67
CA ALA A 486 36.85 15.28 10.78
C ALA A 486 36.06 16.55 10.48
N MET A 487 36.69 17.53 9.85
CA MET A 487 36.08 18.77 9.41
C MET A 487 35.08 18.58 8.27
N LEU A 488 35.43 17.84 7.21
CA LEU A 488 34.52 17.53 6.10
C LEU A 488 33.21 16.88 6.56
N SER A 489 33.19 16.12 7.66
CA SER A 489 31.97 15.51 8.17
C SER A 489 30.96 16.50 8.75
N LYS A 490 31.38 17.74 9.06
CA LYS A 490 30.53 18.84 9.55
C LYS A 490 29.94 19.71 8.45
N LEU A 491 30.30 19.53 7.19
CA LEU A 491 29.75 20.29 6.07
C LEU A 491 28.28 19.90 5.87
N ARG A 492 27.45 20.91 5.60
CA ARG A 492 26.03 20.70 5.34
C ARG A 492 25.68 21.22 3.94
N PHE A 493 24.99 20.40 3.16
CA PHE A 493 24.63 20.77 1.81
C PHE A 493 23.43 21.72 1.80
N GLU A 494 23.51 22.82 1.05
CA GLU A 494 22.46 23.82 0.91
C GLU A 494 22.30 24.21 -0.57
N VAL A 495 21.08 24.51 -0.98
CA VAL A 495 20.76 24.98 -2.34
C VAL A 495 20.10 26.34 -2.25
N PHE A 496 20.45 27.26 -3.15
CA PHE A 496 19.88 28.58 -3.25
C PHE A 496 19.38 28.84 -4.66
N GLN A 497 18.26 29.54 -4.77
CA GLN A 497 17.67 29.95 -6.04
C GLN A 497 18.25 31.26 -6.55
N PRO A 498 18.13 31.57 -7.85
CA PRO A 498 18.51 32.87 -8.40
C PRO A 498 17.93 34.04 -7.60
N GLY A 499 18.75 35.01 -7.27
CA GLY A 499 18.35 36.22 -6.56
C GLY A 499 18.28 36.10 -5.04
N ASP A 500 18.48 34.92 -4.46
CA ASP A 500 18.55 34.77 -3.01
C ASP A 500 19.82 35.37 -2.44
N TYR A 501 19.71 36.11 -1.33
CA TYR A 501 20.87 36.54 -0.56
C TYR A 501 21.32 35.42 0.36
N ILE A 502 22.54 34.94 0.17
CA ILE A 502 23.15 33.87 0.96
C ILE A 502 23.65 34.45 2.29
N ILE A 503 24.29 35.61 2.24
CA ILE A 503 24.63 36.45 3.40
C ILE A 503 24.46 37.92 3.03
N ARG A 504 23.98 38.73 3.96
CA ARG A 504 23.71 40.17 3.78
C ARG A 504 24.76 40.99 4.53
N GLU A 505 25.28 42.05 3.92
CA GLU A 505 26.20 42.96 4.59
C GLU A 505 25.63 43.51 5.90
N GLY A 506 26.46 43.66 6.91
CA GLY A 506 26.08 44.14 8.24
C GLY A 506 25.36 43.13 9.14
N ALA A 507 24.82 42.03 8.61
CA ALA A 507 24.27 40.96 9.44
C ALA A 507 25.37 40.15 10.14
N VAL A 508 25.05 39.49 11.25
CA VAL A 508 26.05 38.71 12.01
C VAL A 508 26.46 37.44 11.24
N GLY A 509 27.76 37.20 11.09
CA GLY A 509 28.28 35.99 10.43
C GLY A 509 28.24 34.75 11.34
N LYS A 510 27.76 33.61 10.83
CA LYS A 510 27.75 32.32 11.56
C LYS A 510 28.19 31.10 10.75
N LYS A 511 28.33 31.21 9.43
CA LYS A 511 28.71 30.10 8.54
C LYS A 511 29.60 30.56 7.39
N MET A 512 30.49 29.69 6.95
CA MET A 512 31.27 29.78 5.72
C MET A 512 30.63 28.92 4.62
N TYR A 513 30.90 29.17 3.34
CA TYR A 513 30.33 28.42 2.22
C TYR A 513 31.34 28.07 1.11
N PHE A 514 31.22 26.88 0.53
CA PHE A 514 32.00 26.38 -0.60
C PHE A 514 31.10 26.09 -1.78
N ILE A 515 31.32 26.69 -2.94
CA ILE A 515 30.47 26.48 -4.12
C ILE A 515 30.78 25.12 -4.77
N GLN A 516 29.83 24.20 -4.81
CA GLN A 516 29.96 23.01 -5.65
C GLN A 516 29.56 23.33 -7.10
N HIS A 517 28.42 23.97 -7.30
CA HIS A 517 27.88 24.33 -8.61
C HIS A 517 27.18 25.69 -8.54
N GLY A 518 27.00 26.31 -9.70
CA GLY A 518 26.30 27.57 -9.85
C GLY A 518 27.21 28.79 -9.66
N VAL A 519 26.74 29.94 -10.12
CA VAL A 519 27.46 31.21 -9.98
C VAL A 519 26.81 32.08 -8.91
N ALA A 520 27.61 32.53 -7.97
CA ALA A 520 27.28 33.57 -7.01
C ALA A 520 27.96 34.88 -7.39
N GLY A 521 27.58 35.98 -6.74
CA GLY A 521 28.23 37.27 -6.90
C GLY A 521 28.29 38.01 -5.58
N VAL A 522 29.46 38.55 -5.25
CA VAL A 522 29.67 39.38 -4.06
C VAL A 522 29.59 40.85 -4.46
N ILE A 523 28.86 41.64 -3.67
CA ILE A 523 28.52 43.03 -3.97
C ILE A 523 28.71 43.94 -2.75
N THR A 524 29.18 45.16 -3.01
CA THR A 524 29.44 46.21 -2.02
C THR A 524 29.50 47.58 -2.69
N LYS A 525 29.33 48.67 -1.94
CA LYS A 525 29.50 50.02 -2.49
C LYS A 525 30.95 50.33 -2.89
N SER A 526 31.93 49.67 -2.26
CA SER A 526 33.36 49.91 -2.49
C SER A 526 33.99 49.19 -3.69
N SER A 527 33.23 48.46 -4.52
CA SER A 527 33.78 47.58 -5.56
C SER A 527 32.77 47.18 -6.64
N LYS A 528 33.25 46.57 -7.73
CA LYS A 528 32.42 45.91 -8.73
C LYS A 528 31.76 44.60 -8.22
N GLU A 529 30.73 44.12 -8.92
CA GLU A 529 30.08 42.84 -8.61
C GLU A 529 30.93 41.64 -9.03
N MET A 530 31.89 41.23 -8.19
CA MET A 530 32.76 40.09 -8.45
C MET A 530 32.00 38.77 -8.46
N LYS A 531 31.94 38.09 -9.60
CA LYS A 531 31.34 36.76 -9.70
C LYS A 531 32.25 35.67 -9.10
N LEU A 532 31.65 34.62 -8.51
CA LEU A 532 32.30 33.43 -7.97
C LEU A 532 31.63 32.18 -8.54
N THR A 533 32.42 31.20 -8.95
CA THR A 533 31.94 30.06 -9.73
C THR A 533 32.21 28.71 -9.07
N ASP A 534 31.74 27.63 -9.68
CA ASP A 534 31.89 26.25 -9.22
C ASP A 534 33.33 25.94 -8.82
N GLY A 535 33.55 25.57 -7.56
CA GLY A 535 34.86 25.28 -6.96
C GLY A 535 35.40 26.34 -6.01
N SER A 536 34.94 27.58 -6.10
CA SER A 536 35.35 28.66 -5.18
C SER A 536 34.75 28.58 -3.76
N TYR A 537 35.12 29.49 -2.87
CA TYR A 537 34.61 29.58 -1.50
C TYR A 537 34.53 31.03 -1.02
N PHE A 538 33.68 31.32 -0.03
CA PHE A 538 33.43 32.64 0.53
C PHE A 538 32.88 32.56 1.95
N GLY A 539 32.80 33.69 2.65
CA GLY A 539 32.34 33.77 4.04
C GLY A 539 33.42 33.43 5.06
N GLU A 540 34.65 33.15 4.62
CA GLU A 540 35.72 32.54 5.42
C GLU A 540 36.08 33.31 6.70
N ILE A 541 35.97 34.64 6.69
CA ILE A 541 36.33 35.52 7.80
C ILE A 541 35.50 35.24 9.06
N CYS A 542 34.28 34.72 8.93
CA CYS A 542 33.37 34.49 10.07
C CYS A 542 33.92 33.54 11.14
N LEU A 543 34.87 32.68 10.78
CA LEU A 543 35.49 31.73 11.70
C LEU A 543 36.35 32.41 12.78
N LEU A 544 36.92 33.58 12.47
CA LEU A 544 38.03 34.22 13.17
C LEU A 544 37.73 35.70 13.49
N THR A 545 36.54 35.94 14.05
CA THR A 545 36.01 37.27 14.28
C THR A 545 34.78 37.25 15.21
N LYS A 546 34.00 38.33 15.18
CA LYS A 546 32.63 38.40 15.68
C LYS A 546 31.87 39.50 14.95
N GLY A 547 30.53 39.49 14.97
CA GLY A 547 29.73 40.57 14.40
C GLY A 547 29.63 40.56 12.87
N ARG A 548 29.66 41.75 12.27
CA ARG A 548 29.12 42.01 10.93
C ARG A 548 29.90 41.37 9.78
N ARG A 549 29.17 40.78 8.83
CA ARG A 549 29.67 40.45 7.50
C ARG A 549 29.94 41.72 6.68
N THR A 550 31.05 41.77 5.96
CA THR A 550 31.52 42.97 5.27
C THR A 550 30.88 43.25 3.90
N ALA A 551 30.18 42.28 3.32
CA ALA A 551 29.65 42.35 1.95
C ALA A 551 28.40 41.47 1.79
N SER A 552 27.61 41.68 0.75
CA SER A 552 26.46 40.86 0.43
C SER A 552 26.83 39.82 -0.62
N VAL A 553 26.43 38.56 -0.44
CA VAL A 553 26.60 37.52 -1.46
C VAL A 553 25.23 37.07 -1.93
N ARG A 554 25.00 37.15 -3.24
CA ARG A 554 23.72 36.75 -3.82
C ARG A 554 23.88 35.76 -4.96
N ALA A 555 23.07 34.71 -4.92
CA ALA A 555 23.06 33.67 -5.93
C ALA A 555 22.62 34.24 -7.29
N ASP A 556 23.41 34.10 -8.34
CA ASP A 556 23.04 34.56 -9.68
C ASP A 556 22.36 33.45 -10.49
N THR A 557 22.89 32.24 -10.44
CA THR A 557 22.21 31.02 -10.85
C THR A 557 21.84 30.19 -9.62
N TYR A 558 21.35 28.96 -9.80
CA TYR A 558 21.11 28.06 -8.69
C TYR A 558 22.43 27.60 -8.07
N CYS A 559 22.83 28.16 -6.94
CA CYS A 559 23.99 27.68 -6.22
C CYS A 559 23.68 26.37 -5.51
N ARG A 560 24.54 25.38 -5.69
CA ARG A 560 24.64 24.19 -4.84
C ARG A 560 25.90 24.36 -4.05
N LEU A 561 25.85 24.40 -2.73
CA LEU A 561 27.01 24.72 -1.94
C LEU A 561 27.03 24.03 -0.57
N TYR A 562 28.20 23.88 0.02
CA TYR A 562 28.39 23.26 1.33
C TYR A 562 28.69 24.34 2.35
N SER A 563 28.08 24.30 3.52
CA SER A 563 28.34 25.26 4.59
C SER A 563 28.98 24.64 5.82
N LEU A 564 29.83 25.41 6.50
CA LEU A 564 30.44 25.03 7.77
C LEU A 564 30.13 26.11 8.80
N SER A 565 29.48 25.76 9.91
CA SER A 565 29.15 26.72 10.95
C SER A 565 30.25 26.86 12.01
N VAL A 566 30.31 28.03 12.66
CA VAL A 566 31.30 28.30 13.71
C VAL A 566 31.16 27.37 14.91
N ASP A 567 29.95 26.97 15.30
CA ASP A 567 29.75 26.01 16.37
C ASP A 567 30.43 24.67 16.08
N ASN A 568 30.33 24.17 14.84
CA ASN A 568 30.95 22.91 14.42
C ASN A 568 32.45 23.04 14.17
N PHE A 569 32.91 24.15 13.60
CA PHE A 569 34.35 24.39 13.45
C PHE A 569 35.06 24.45 14.80
N ASN A 570 34.43 25.02 15.82
CA ASN A 570 34.98 25.01 17.18
C ASN A 570 34.92 23.62 17.81
N GLU A 571 33.83 22.87 17.65
CA GLU A 571 33.74 21.49 18.13
C GLU A 571 34.83 20.59 17.53
N VAL A 572 35.11 20.70 16.24
CA VAL A 572 36.19 19.98 15.57
C VAL A 572 37.61 20.49 15.88
N LEU A 573 37.76 21.58 16.63
CA LEU A 573 39.06 22.08 17.11
C LEU A 573 39.29 21.83 18.62
N GLU A 574 38.25 21.56 19.40
CA GLU A 574 38.43 21.03 20.75
C GLU A 574 39.21 19.70 20.77
N GLU A 575 38.98 18.83 19.78
CA GLU A 575 39.69 17.58 19.60
C GLU A 575 41.08 17.70 18.94
N TYR A 576 41.52 18.90 18.52
CA TYR A 576 42.79 19.11 17.81
C TYR A 576 43.53 20.37 18.31
N PRO A 577 43.94 20.45 19.59
CA PRO A 577 44.62 21.63 20.13
C PRO A 577 45.88 22.06 19.36
N MET A 578 46.60 21.12 18.76
CA MET A 578 47.75 21.41 17.91
C MET A 578 47.42 22.19 16.63
N MET A 579 46.15 22.24 16.23
CA MET A 579 45.68 23.05 15.11
C MET A 579 45.18 24.44 15.53
N ARG A 580 44.68 24.60 16.76
CA ARG A 580 44.12 25.86 17.24
C ARG A 580 45.14 27.01 17.27
N ARG A 581 46.41 26.69 17.55
CA ARG A 581 47.52 27.64 17.52
C ARG A 581 47.81 28.15 16.11
N ALA A 582 47.71 27.30 15.09
CA ALA A 582 47.87 27.72 13.70
C ALA A 582 46.68 28.56 13.20
N PHE A 583 45.46 28.20 13.59
CA PHE A 583 44.26 28.99 13.30
C PHE A 583 44.34 30.41 13.88
N GLU A 584 44.94 30.59 15.06
CA GLU A 584 45.21 31.90 15.65
C GLU A 584 46.46 32.63 15.10
N THR A 585 47.13 32.10 14.07
CA THR A 585 48.44 32.58 13.63
C THR A 585 48.69 32.53 12.11
N VAL A 586 47.64 32.42 11.28
CA VAL A 586 47.77 32.28 9.82
C VAL A 586 46.71 33.06 9.03
N MET B 94 25.99 24.85 -41.94
CA MET B 94 27.39 25.10 -41.56
C MET B 94 27.86 24.14 -40.50
N GLN B 95 29.18 23.90 -40.38
CA GLN B 95 29.76 22.99 -39.38
C GLN B 95 29.56 23.44 -37.92
N ARG B 96 29.37 24.73 -37.67
CA ARG B 96 28.97 25.23 -36.36
C ARG B 96 27.62 24.65 -35.90
N GLN B 97 26.60 24.64 -36.76
CA GLN B 97 25.29 24.03 -36.45
C GLN B 97 25.34 22.50 -36.49
N PHE B 98 26.11 21.91 -37.42
CA PHE B 98 26.28 20.45 -37.49
C PHE B 98 26.89 19.86 -36.21
N THR B 99 27.96 20.46 -35.68
CA THR B 99 28.53 20.04 -34.39
C THR B 99 27.73 20.54 -33.18
N SER B 100 27.03 21.67 -33.28
CA SER B 100 26.11 22.13 -32.23
C SER B 100 24.94 21.19 -31.98
N MET B 101 24.40 20.55 -33.02
CA MET B 101 23.31 19.58 -32.93
C MET B 101 23.67 18.30 -32.19
N LEU B 102 24.91 17.82 -32.31
CA LEU B 102 25.37 16.52 -31.79
C LEU B 102 26.00 16.55 -30.38
N GLN B 103 25.98 17.70 -29.70
CA GLN B 103 26.51 17.89 -28.34
C GLN B 103 25.40 18.34 -27.36
N PRO B 104 25.49 18.07 -26.05
CA PRO B 104 24.38 18.31 -25.13
C PRO B 104 24.16 19.80 -24.96
N GLY B 105 23.05 20.31 -25.45
CA GLY B 105 22.76 21.74 -25.44
C GLY B 105 22.46 22.25 -24.04
N VAL B 106 22.80 23.50 -23.73
CA VAL B 106 22.44 24.15 -22.46
C VAL B 106 20.93 24.40 -22.46
N ASN B 107 20.19 23.63 -21.68
CA ASN B 107 18.73 23.72 -21.59
C ASN B 107 18.26 23.30 -20.19
N LYS B 108 16.95 23.23 -19.98
CA LYS B 108 16.34 22.81 -18.71
C LYS B 108 16.88 21.47 -18.20
N PHE B 109 16.90 20.46 -19.06
CA PHE B 109 17.31 19.12 -18.70
C PHE B 109 18.81 18.99 -18.44
N SER B 110 19.68 19.52 -19.31
CA SER B 110 21.12 19.39 -19.14
C SER B 110 21.63 20.18 -17.93
N LEU B 111 21.05 21.36 -17.66
CA LEU B 111 21.38 22.13 -16.47
C LEU B 111 21.08 21.35 -15.20
N ARG B 112 19.93 20.67 -15.12
CA ARG B 112 19.58 19.82 -13.99
C ARG B 112 20.34 18.50 -13.92
N MET B 113 20.82 17.96 -15.04
CA MET B 113 21.56 16.69 -15.09
C MET B 113 23.06 16.86 -14.76
N PHE B 114 23.70 17.90 -15.29
CA PHE B 114 25.13 18.18 -15.08
C PHE B 114 25.41 19.21 -13.97
N GLY B 115 24.43 20.05 -13.63
CA GLY B 115 24.43 20.89 -12.43
C GLY B 115 24.61 22.39 -12.67
N SER B 116 25.29 22.78 -13.74
CA SER B 116 25.60 24.18 -14.05
C SER B 116 25.93 24.35 -15.54
N GLN B 117 25.78 25.54 -16.10
CA GLN B 117 26.18 25.80 -17.48
C GLN B 117 27.66 25.48 -17.72
N LYS B 118 28.57 25.76 -16.77
CA LYS B 118 29.98 25.36 -16.89
C LYS B 118 30.21 23.84 -16.84
N ALA B 119 29.31 23.07 -16.24
CA ALA B 119 29.37 21.62 -16.28
C ALA B 119 28.91 21.09 -17.64
N VAL B 120 27.83 21.65 -18.20
CA VAL B 120 27.38 21.36 -19.56
C VAL B 120 28.49 21.67 -20.57
N GLU B 121 29.12 22.84 -20.46
CA GLU B 121 30.18 23.25 -21.37
C GLU B 121 31.45 22.40 -21.23
N LYS B 122 31.66 21.71 -20.11
CA LYS B 122 32.70 20.67 -20.00
C LYS B 122 32.31 19.40 -20.74
N GLU B 123 31.07 18.94 -20.60
CA GLU B 123 30.59 17.76 -21.33
C GLU B 123 30.56 18.01 -22.84
N GLN B 124 30.15 19.21 -23.29
CA GLN B 124 30.26 19.63 -24.68
C GLN B 124 31.69 19.50 -25.19
N GLU B 125 32.67 20.06 -24.48
CA GLU B 125 34.08 19.97 -24.85
C GLU B 125 34.57 18.52 -24.87
N ARG B 126 33.97 17.71 -23.99
CA ARG B 126 34.27 16.29 -23.91
C ARG B 126 33.87 15.61 -25.21
N VAL B 127 32.63 15.79 -25.65
CA VAL B 127 32.20 15.15 -26.92
C VAL B 127 32.90 15.74 -28.13
N LYS B 128 33.10 17.05 -28.15
CA LYS B 128 33.84 17.78 -29.17
C LYS B 128 35.31 17.34 -29.31
N THR B 129 35.79 16.47 -28.42
CA THR B 129 37.11 15.84 -28.44
C THR B 129 37.09 14.31 -28.18
N ALA B 130 35.94 13.63 -28.29
CA ALA B 130 35.87 12.17 -28.12
C ALA B 130 36.20 11.37 -29.41
N GLY B 131 35.97 11.97 -30.57
CA GLY B 131 36.11 11.38 -31.88
C GLY B 131 35.36 12.20 -32.93
N PHE B 132 35.41 11.78 -34.19
CA PHE B 132 34.69 12.47 -35.25
C PHE B 132 33.19 12.20 -35.16
N TRP B 133 32.36 13.25 -35.26
CA TRP B 133 30.91 13.16 -35.43
C TRP B 133 30.15 12.26 -34.44
N ILE B 134 30.55 12.20 -33.17
CA ILE B 134 29.83 11.50 -32.08
C ILE B 134 28.55 12.25 -31.67
N ILE B 135 27.57 11.49 -31.20
CA ILE B 135 26.25 11.95 -30.76
C ILE B 135 26.14 11.75 -29.25
N HIS B 136 25.89 12.81 -28.49
CA HIS B 136 25.61 12.68 -27.05
C HIS B 136 24.18 12.19 -26.85
N PRO B 137 23.89 11.28 -25.91
CA PRO B 137 22.54 10.79 -25.71
C PRO B 137 21.52 11.89 -25.42
N TYR B 138 21.93 13.01 -24.81
CA TYR B 138 21.03 14.10 -24.44
C TYR B 138 20.96 15.24 -25.46
N SER B 139 21.54 15.06 -26.65
CA SER B 139 21.50 16.01 -27.76
C SER B 139 20.10 16.30 -28.30
N ASP B 140 19.94 17.45 -28.95
CA ASP B 140 18.75 17.73 -29.77
C ASP B 140 18.66 16.81 -31.00
N PHE B 141 19.79 16.44 -31.61
CA PHE B 141 19.76 15.50 -32.73
C PHE B 141 19.23 14.13 -32.33
N ARG B 142 19.61 13.66 -31.16
CA ARG B 142 19.13 12.38 -30.72
C ARG B 142 17.70 12.48 -30.34
N PHE B 143 17.26 13.53 -29.76
CA PHE B 143 15.83 13.74 -29.54
C PHE B 143 15.03 13.69 -30.84
N TYR B 144 15.39 14.47 -31.84
CA TYR B 144 14.61 14.54 -33.08
C TYR B 144 14.71 13.26 -33.90
N TRP B 145 15.85 12.59 -33.92
CA TRP B 145 15.95 11.28 -34.52
C TRP B 145 15.04 10.27 -33.82
N ASP B 146 15.08 10.17 -32.50
CA ASP B 146 14.23 9.22 -31.80
C ASP B 146 12.75 9.55 -31.98
N LEU B 147 12.37 10.81 -32.10
CA LEU B 147 11.01 11.20 -32.42
C LEU B 147 10.58 10.74 -33.82
N ILE B 148 11.47 10.79 -34.81
CA ILE B 148 11.22 10.18 -36.12
C ILE B 148 11.12 8.66 -35.99
N MET B 149 12.01 8.01 -35.26
CA MET B 149 11.95 6.57 -35.04
C MET B 149 10.65 6.14 -34.37
N LEU B 150 10.17 6.82 -33.35
CA LEU B 150 8.94 6.45 -32.66
C LEU B 150 7.72 6.56 -33.58
N ILE B 151 7.65 7.56 -34.45
CA ILE B 151 6.60 7.66 -35.47
C ILE B 151 6.75 6.56 -36.54
N MET B 152 7.95 6.25 -36.99
CA MET B 152 8.17 5.12 -37.88
C MET B 152 7.75 3.79 -37.24
N MET B 153 8.23 3.47 -36.03
CA MET B 153 7.94 2.21 -35.36
C MET B 153 6.46 2.02 -35.09
N VAL B 154 5.77 3.02 -34.53
CA VAL B 154 4.33 2.90 -34.27
C VAL B 154 3.55 2.65 -35.57
N GLY B 155 3.98 3.23 -36.69
CA GLY B 155 3.40 2.97 -38.01
C GLY B 155 3.74 1.60 -38.60
N ASN B 156 5.01 1.20 -38.62
CA ASN B 156 5.40 -0.10 -39.15
C ASN B 156 4.81 -1.26 -38.35
N LEU B 157 4.82 -1.23 -37.02
CA LEU B 157 4.31 -2.32 -36.20
C LEU B 157 2.79 -2.51 -36.30
N VAL B 158 2.06 -1.49 -36.72
CA VAL B 158 0.65 -1.61 -37.10
C VAL B 158 0.49 -2.15 -38.51
N ILE B 159 1.15 -1.55 -39.50
CA ILE B 159 0.91 -1.81 -40.93
C ILE B 159 1.52 -3.12 -41.42
N ILE B 160 2.71 -3.49 -40.98
CA ILE B 160 3.45 -4.66 -41.44
C ILE B 160 2.69 -5.98 -41.26
N PRO B 161 2.16 -6.34 -40.08
CA PRO B 161 1.47 -7.61 -39.92
C PRO B 161 0.13 -7.66 -40.67
N VAL B 162 -0.52 -6.52 -40.89
CA VAL B 162 -1.71 -6.44 -41.76
C VAL B 162 -1.34 -6.70 -43.21
N GLY B 163 -0.30 -6.06 -43.72
CA GLY B 163 0.20 -6.24 -45.08
C GLY B 163 0.64 -7.66 -45.39
N ILE B 164 1.34 -8.30 -44.46
CA ILE B 164 1.76 -9.70 -44.59
C ILE B 164 0.56 -10.65 -44.55
N THR B 165 -0.40 -10.42 -43.66
CA THR B 165 -1.51 -11.35 -43.42
C THR B 165 -2.64 -11.21 -44.43
N PHE B 166 -3.09 -10.02 -44.75
CA PHE B 166 -4.36 -9.80 -45.46
C PHE B 166 -4.23 -9.41 -46.93
N PHE B 167 -3.02 -9.32 -47.47
CA PHE B 167 -2.76 -9.00 -48.88
C PHE B 167 -1.97 -10.13 -49.56
N THR B 168 -2.31 -10.41 -50.82
CA THR B 168 -1.87 -11.61 -51.54
C THR B 168 -0.36 -11.68 -51.74
N GLU B 169 0.27 -10.54 -52.07
CA GLU B 169 1.72 -10.40 -52.15
C GLU B 169 2.16 -8.95 -51.91
N GLN B 170 3.39 -8.79 -51.43
CA GLN B 170 4.05 -7.51 -51.17
C GLN B 170 5.15 -7.17 -52.19
N THR B 171 5.17 -7.87 -53.32
CA THR B 171 6.06 -7.63 -54.44
C THR B 171 5.60 -6.51 -55.39
N THR B 172 4.42 -5.91 -55.18
CA THR B 172 3.97 -4.73 -55.93
C THR B 172 4.66 -3.45 -55.47
N THR B 173 4.71 -2.45 -56.34
CA THR B 173 5.49 -1.22 -56.14
C THR B 173 5.20 -0.45 -54.84
N PRO B 174 3.94 -0.20 -54.43
CA PRO B 174 3.65 0.53 -53.19
C PRO B 174 4.18 -0.16 -51.93
N TRP B 175 4.09 -1.49 -51.83
CA TRP B 175 4.65 -2.26 -50.73
C TRP B 175 6.18 -2.33 -50.78
N ILE B 176 6.79 -2.45 -51.96
CA ILE B 176 8.25 -2.36 -52.12
C ILE B 176 8.76 -1.00 -51.68
N ILE B 177 8.06 0.09 -52.02
CA ILE B 177 8.45 1.44 -51.62
C ILE B 177 8.37 1.65 -50.11
N PHE B 178 7.29 1.24 -49.46
CA PHE B 178 7.13 1.29 -48.01
C PHE B 178 8.19 0.47 -47.27
N ASN B 179 8.46 -0.76 -47.71
CA ASN B 179 9.40 -1.64 -47.03
C ASN B 179 10.86 -1.24 -47.25
N VAL B 180 11.24 -0.78 -48.44
CA VAL B 180 12.58 -0.27 -48.70
C VAL B 180 12.82 1.07 -47.99
N ALA B 181 11.87 2.01 -48.03
CA ALA B 181 11.99 3.29 -47.35
C ALA B 181 12.06 3.13 -45.83
N SER B 182 11.25 2.25 -45.25
CA SER B 182 11.36 1.95 -43.83
C SER B 182 12.67 1.27 -43.51
N ASP B 183 13.07 0.22 -44.23
CA ASP B 183 14.29 -0.50 -43.91
C ASP B 183 15.55 0.37 -44.00
N THR B 184 15.64 1.32 -44.94
CA THR B 184 16.80 2.23 -44.94
C THR B 184 16.83 3.13 -43.71
N VAL B 185 15.68 3.65 -43.25
CA VAL B 185 15.59 4.46 -42.03
C VAL B 185 15.96 3.63 -40.79
N PHE B 186 15.47 2.41 -40.66
CA PHE B 186 15.88 1.50 -39.60
C PHE B 186 17.33 1.01 -39.70
N LEU B 187 18.00 1.20 -40.83
CA LEU B 187 19.42 0.89 -41.03
C LEU B 187 20.31 2.10 -40.73
N LEU B 188 19.86 3.32 -41.02
CA LEU B 188 20.49 4.53 -40.50
C LEU B 188 20.48 4.55 -38.97
N ASP B 189 19.37 4.15 -38.35
CA ASP B 189 19.27 4.07 -36.90
C ASP B 189 20.26 3.06 -36.31
N LEU B 190 20.43 1.91 -36.97
CA LEU B 190 21.43 0.91 -36.58
C LEU B 190 22.85 1.50 -36.66
N ILE B 191 23.17 2.28 -37.70
CA ILE B 191 24.46 2.93 -37.85
C ILE B 191 24.68 4.00 -36.77
N MET B 192 23.73 4.90 -36.54
CA MET B 192 23.85 5.94 -35.52
C MET B 192 24.05 5.39 -34.10
N ASN B 193 23.61 4.18 -33.79
CA ASN B 193 23.89 3.55 -32.51
C ASN B 193 25.35 3.16 -32.29
N PHE B 194 26.19 3.10 -33.33
CA PHE B 194 27.66 3.04 -33.22
C PHE B 194 28.31 4.41 -33.00
N ARG B 195 27.54 5.50 -33.07
CA ARG B 195 27.97 6.89 -32.92
C ARG B 195 27.43 7.54 -31.66
N THR B 196 26.48 6.92 -30.96
CA THR B 196 25.76 7.51 -29.85
C THR B 196 26.24 6.97 -28.50
N GLY B 197 26.61 7.86 -27.59
CA GLY B 197 27.05 7.50 -26.25
C GLY B 197 25.93 6.92 -25.37
N THR B 198 26.29 6.15 -24.36
CA THR B 198 25.36 5.47 -23.47
C THR B 198 25.33 6.08 -22.06
N VAL B 199 24.14 6.24 -21.50
CA VAL B 199 23.98 6.56 -20.06
C VAL B 199 24.33 5.34 -19.21
N ASN B 200 25.20 5.52 -18.23
CA ASN B 200 25.64 4.43 -17.36
C ASN B 200 24.69 4.24 -16.18
N GLU B 201 24.50 3.01 -15.72
CA GLU B 201 23.66 2.71 -14.55
C GLU B 201 24.16 3.37 -13.24
N ASP B 202 25.46 3.64 -13.13
CA ASP B 202 26.05 4.40 -12.03
C ASP B 202 26.12 5.93 -12.25
N SER B 203 25.46 6.46 -13.27
CA SER B 203 25.50 7.90 -13.60
C SER B 203 26.91 8.47 -13.80
N SER B 204 27.92 7.61 -14.00
CA SER B 204 29.27 8.02 -14.33
C SER B 204 29.33 8.71 -15.68
N GLU B 205 30.48 9.33 -15.98
CA GLU B 205 30.72 10.05 -17.23
C GLU B 205 30.27 9.23 -18.43
N ILE B 206 29.34 9.77 -19.22
CA ILE B 206 28.69 9.12 -20.36
C ILE B 206 29.73 8.41 -21.20
N ILE B 207 29.46 7.15 -21.58
CA ILE B 207 30.38 6.35 -22.38
C ILE B 207 30.48 7.00 -23.77
N LEU B 208 31.65 7.53 -24.13
CA LEU B 208 31.85 8.28 -25.38
C LEU B 208 33.05 7.80 -26.23
N ASP B 209 33.84 6.85 -25.77
CA ASP B 209 34.90 6.25 -26.59
C ASP B 209 34.28 5.35 -27.67
N PRO B 210 34.51 5.59 -28.97
CA PRO B 210 33.93 4.77 -30.03
C PRO B 210 34.12 3.27 -29.87
N LYS B 211 35.26 2.81 -29.34
CA LYS B 211 35.51 1.40 -29.09
C LYS B 211 34.65 0.79 -27.97
N VAL B 212 34.19 1.59 -27.01
CA VAL B 212 33.31 1.12 -25.93
C VAL B 212 31.83 1.24 -26.35
N ILE B 213 31.47 2.30 -27.06
CA ILE B 213 30.13 2.45 -27.64
C ILE B 213 29.84 1.32 -28.63
N LYS B 214 30.77 1.02 -29.56
CA LYS B 214 30.72 -0.17 -30.43
C LYS B 214 30.70 -1.48 -29.63
N MET B 215 31.66 -1.72 -28.75
CA MET B 215 31.77 -3.02 -28.08
C MET B 215 30.57 -3.34 -27.17
N ASN B 216 29.97 -2.34 -26.54
CA ASN B 216 28.80 -2.54 -25.68
C ASN B 216 27.52 -2.83 -26.49
N TYR B 217 27.40 -2.30 -27.71
CA TYR B 217 26.25 -2.54 -28.57
C TYR B 217 26.23 -3.96 -29.14
N LEU B 218 27.39 -4.47 -29.56
CA LEU B 218 27.59 -5.87 -29.99
C LEU B 218 27.28 -6.87 -28.89
N LYS B 219 27.66 -6.59 -27.65
CA LYS B 219 27.36 -7.45 -26.51
C LYS B 219 25.88 -7.39 -26.05
N SER B 220 25.07 -6.52 -26.65
CA SER B 220 23.67 -6.30 -26.27
C SER B 220 22.74 -6.40 -27.48
N TRP B 221 22.22 -5.28 -27.97
CA TRP B 221 21.09 -5.23 -28.88
C TRP B 221 21.40 -5.34 -30.36
N PHE B 222 22.67 -5.33 -30.78
CA PHE B 222 23.00 -5.29 -32.19
C PHE B 222 22.40 -6.42 -33.01
N VAL B 223 22.40 -7.67 -32.53
CA VAL B 223 21.89 -8.80 -33.33
C VAL B 223 20.39 -8.69 -33.59
N VAL B 224 19.59 -8.33 -32.58
CA VAL B 224 18.14 -8.09 -32.69
C VAL B 224 17.84 -6.86 -33.54
N ASP B 225 18.62 -5.79 -33.41
CA ASP B 225 18.47 -4.60 -34.23
C ASP B 225 18.89 -4.84 -35.69
N PHE B 226 19.87 -5.70 -35.96
CA PHE B 226 20.33 -6.02 -37.31
C PHE B 226 19.30 -6.84 -38.08
N ILE B 227 18.87 -8.00 -37.56
CA ILE B 227 17.92 -8.89 -38.24
C ILE B 227 16.51 -8.29 -38.42
N SER B 228 16.18 -7.23 -37.71
CA SER B 228 14.97 -6.44 -37.92
C SER B 228 15.16 -5.19 -38.77
N SER B 229 16.39 -4.85 -39.13
CA SER B 229 16.71 -3.71 -39.99
C SER B 229 16.81 -4.10 -41.46
N ILE B 230 17.54 -5.17 -41.79
CA ILE B 230 17.74 -5.60 -43.18
C ILE B 230 16.50 -6.29 -43.78
N PRO B 231 16.27 -6.20 -45.10
CA PRO B 231 15.16 -6.86 -45.77
C PRO B 231 15.42 -8.36 -46.02
N VAL B 232 15.43 -9.17 -44.95
CA VAL B 232 15.75 -10.61 -44.97
C VAL B 232 14.89 -11.40 -45.96
N ASP B 233 13.61 -11.05 -46.09
CA ASP B 233 12.70 -11.67 -47.05
C ASP B 233 13.07 -11.34 -48.50
N TYR B 234 13.48 -10.12 -48.83
CA TYR B 234 13.86 -9.77 -50.20
C TYR B 234 15.21 -10.34 -50.60
N ILE B 235 16.22 -10.39 -49.72
CA ILE B 235 17.49 -11.01 -50.09
C ILE B 235 17.34 -12.53 -50.26
N PHE B 236 16.50 -13.18 -49.45
CA PHE B 236 16.16 -14.60 -49.60
C PHE B 236 15.43 -14.88 -50.91
N LEU B 237 14.48 -14.03 -51.29
CA LEU B 237 13.76 -14.13 -52.56
C LEU B 237 14.70 -14.01 -53.75
N ILE B 238 15.67 -13.08 -53.71
CA ILE B 238 16.69 -12.94 -54.74
C ILE B 238 17.61 -14.17 -54.78
N VAL B 239 18.06 -14.69 -53.64
CA VAL B 239 18.83 -15.95 -53.56
C VAL B 239 18.05 -17.14 -54.13
N GLU B 240 16.72 -17.19 -54.02
CA GLU B 240 15.89 -18.20 -54.67
C GLU B 240 15.89 -18.12 -56.20
N LYS B 241 16.08 -16.93 -56.79
CA LYS B 241 16.29 -16.75 -58.24
C LYS B 241 17.74 -17.08 -58.65
N GLY B 242 18.19 -18.27 -58.25
CA GLY B 242 19.53 -18.71 -58.57
C GLY B 242 20.01 -19.79 -57.61
N ARG B 252 8.04 -25.18 -55.49
CA ARG B 252 7.05 -24.41 -56.26
C ARG B 252 6.75 -23.08 -55.59
N ALA B 253 6.27 -22.09 -56.34
CA ALA B 253 6.13 -20.71 -55.89
C ALA B 253 5.31 -20.56 -54.61
N LEU B 254 4.22 -21.31 -54.45
CA LEU B 254 3.30 -21.21 -53.32
C LEU B 254 3.88 -21.69 -51.98
N ARG B 255 4.99 -22.42 -51.96
CA ARG B 255 5.73 -22.69 -50.71
C ARG B 255 6.67 -21.53 -50.36
N ILE B 256 7.31 -20.90 -51.34
CA ILE B 256 8.21 -19.76 -51.15
C ILE B 256 7.44 -18.50 -50.76
N VAL B 257 6.31 -18.23 -51.41
CA VAL B 257 5.42 -17.11 -51.06
C VAL B 257 4.85 -17.26 -49.65
N ARG B 258 4.93 -18.43 -49.08
CA ARG B 258 4.46 -18.63 -47.74
C ARG B 258 5.57 -18.64 -46.73
N PHE B 259 6.67 -19.23 -47.04
CA PHE B 259 7.84 -19.15 -46.17
C PHE B 259 8.42 -17.74 -46.04
N THR B 260 8.42 -16.94 -47.11
CA THR B 260 8.82 -15.53 -47.02
C THR B 260 7.92 -14.71 -46.09
N LYS B 261 6.63 -15.03 -45.90
CA LYS B 261 5.77 -14.31 -44.94
C LYS B 261 6.28 -14.44 -43.52
N ILE B 262 6.74 -15.63 -43.12
CA ILE B 262 7.32 -15.86 -41.80
C ILE B 262 8.62 -15.06 -41.61
N LEU B 263 9.50 -15.02 -42.62
CA LEU B 263 10.70 -14.18 -42.58
C LEU B 263 10.36 -12.69 -42.54
N SER B 264 9.29 -12.28 -43.21
CA SER B 264 8.89 -10.89 -43.31
C SER B 264 8.47 -10.29 -41.96
N LEU B 265 7.97 -11.13 -41.05
CA LEU B 265 7.65 -10.82 -39.67
C LEU B 265 8.87 -10.69 -38.73
N LEU B 266 10.11 -10.94 -39.17
CA LEU B 266 11.29 -10.57 -38.37
C LEU B 266 11.34 -9.06 -38.08
N ARG B 267 10.69 -8.25 -38.92
CA ARG B 267 10.49 -6.81 -38.68
C ARG B 267 9.75 -6.49 -37.39
N LEU B 268 9.00 -7.41 -36.79
CA LEU B 268 8.29 -7.13 -35.54
C LEU B 268 9.24 -6.94 -34.35
N LEU B 269 10.49 -7.38 -34.43
CA LEU B 269 11.50 -7.16 -33.40
C LEU B 269 11.93 -5.69 -33.28
N ARG B 270 11.33 -4.84 -34.11
CA ARG B 270 11.54 -3.40 -34.00
C ARG B 270 10.95 -2.98 -32.64
N LEU B 271 9.93 -3.70 -32.16
CA LEU B 271 9.31 -3.48 -30.87
C LEU B 271 10.35 -3.29 -29.75
N SER B 272 11.48 -3.98 -29.82
CA SER B 272 12.54 -3.81 -28.82
C SER B 272 13.10 -2.38 -28.82
N ARG B 273 13.35 -1.77 -29.99
CA ARG B 273 13.70 -0.36 -30.09
C ARG B 273 12.59 0.55 -29.59
N LEU B 274 11.33 0.28 -29.89
CA LEU B 274 10.22 1.07 -29.39
C LEU B 274 10.20 1.08 -27.86
N ILE B 275 10.36 -0.06 -27.21
CA ILE B 275 10.40 -0.18 -25.75
C ILE B 275 11.61 0.57 -25.17
N ARG B 276 12.80 0.35 -25.72
CA ARG B 276 14.04 1.02 -25.32
C ARG B 276 13.98 2.52 -25.48
N TYR B 277 13.58 3.04 -26.64
CA TYR B 277 13.56 4.46 -26.90
C TYR B 277 12.43 5.16 -26.12
N ILE B 278 11.29 4.52 -25.89
CA ILE B 278 10.27 5.06 -24.97
C ILE B 278 10.84 5.20 -23.56
N HIS B 279 11.49 4.17 -23.01
CA HIS B 279 12.06 4.23 -21.67
C HIS B 279 13.09 5.35 -21.52
N GLN B 280 13.98 5.52 -22.50
CA GLN B 280 15.00 6.57 -22.46
C GLN B 280 14.41 7.98 -22.44
N TRP B 281 13.35 8.25 -23.20
CA TRP B 281 12.74 9.57 -23.20
C TRP B 281 11.80 9.82 -22.03
N GLU B 282 11.24 8.79 -21.42
CA GLU B 282 10.52 8.94 -20.16
C GLU B 282 11.44 9.27 -18.98
N GLU B 283 12.62 8.67 -18.90
CA GLU B 283 13.61 9.03 -17.89
C GLU B 283 14.04 10.49 -18.00
N ILE B 284 14.16 11.02 -19.23
CA ILE B 284 14.46 12.41 -19.50
C ILE B 284 13.26 13.33 -19.18
N PHE B 285 12.05 13.02 -19.61
CA PHE B 285 10.89 13.85 -19.30
C PHE B 285 10.50 13.82 -17.82
N HIS B 286 10.80 12.76 -17.07
CA HIS B 286 10.63 12.74 -15.62
C HIS B 286 11.45 13.83 -14.93
N MET B 287 12.74 13.97 -15.24
CA MET B 287 13.54 15.08 -14.71
C MET B 287 13.44 16.37 -15.53
N THR B 288 12.24 16.63 -16.09
CA THR B 288 11.93 17.84 -16.84
C THR B 288 10.53 18.40 -16.53
N TYR B 289 9.49 17.57 -16.40
CA TYR B 289 8.09 18.03 -16.57
C TYR B 289 7.10 17.66 -15.46
N ASP B 290 7.54 17.14 -14.31
CA ASP B 290 6.67 16.84 -13.16
C ASP B 290 5.54 15.83 -13.46
N LEU B 291 5.93 14.58 -13.67
CA LEU B 291 5.08 13.47 -14.13
C LEU B 291 4.67 12.57 -12.95
N ALA B 292 3.38 12.23 -12.85
CA ALA B 292 2.92 11.13 -12.01
C ALA B 292 3.33 9.78 -12.64
N SER B 293 4.16 8.98 -11.97
CA SER B 293 4.72 7.73 -12.55
C SER B 293 3.64 6.72 -12.94
N ALA B 294 2.59 6.57 -12.15
CA ALA B 294 1.53 5.61 -12.43
C ALA B 294 0.70 5.97 -13.67
N VAL B 295 0.55 7.27 -13.98
CA VAL B 295 -0.17 7.73 -15.18
C VAL B 295 0.63 7.39 -16.43
N VAL B 296 1.94 7.65 -16.41
CA VAL B 296 2.86 7.32 -17.50
C VAL B 296 2.86 5.81 -17.79
N ARG B 297 2.98 4.97 -16.76
CA ARG B 297 2.97 3.52 -16.90
C ARG B 297 1.62 2.95 -17.35
N ILE B 298 0.50 3.56 -16.98
CA ILE B 298 -0.83 3.22 -17.51
C ILE B 298 -0.90 3.43 -19.02
N PHE B 299 -0.48 4.58 -19.54
CA PHE B 299 -0.62 4.85 -20.98
C PHE B 299 0.32 4.03 -21.85
N ASN B 300 1.50 3.65 -21.35
CA ASN B 300 2.40 2.71 -22.01
C ASN B 300 1.80 1.31 -22.12
N LEU B 301 1.16 0.83 -21.06
CA LEU B 301 0.48 -0.46 -21.03
C LEU B 301 -0.73 -0.49 -21.97
N ILE B 302 -1.59 0.53 -21.98
CA ILE B 302 -2.71 0.61 -22.93
C ILE B 302 -2.22 0.51 -24.39
N GLY B 303 -1.14 1.20 -24.75
CA GLY B 303 -0.57 1.11 -26.10
C GLY B 303 -0.09 -0.30 -26.44
N MET B 304 0.63 -0.94 -25.52
CA MET B 304 1.06 -2.32 -25.66
C MET B 304 -0.11 -3.32 -25.76
N LEU B 305 -1.18 -3.17 -24.99
CA LEU B 305 -2.34 -4.05 -25.03
C LEU B 305 -3.07 -3.97 -26.36
N LEU B 306 -3.29 -2.76 -26.88
CA LEU B 306 -3.90 -2.56 -28.20
C LEU B 306 -3.05 -3.19 -29.30
N LEU B 307 -1.74 -3.06 -29.23
CA LEU B 307 -0.82 -3.66 -30.19
C LEU B 307 -0.82 -5.19 -30.12
N LEU B 308 -0.80 -5.79 -28.93
CA LEU B 308 -0.88 -7.24 -28.77
C LEU B 308 -2.20 -7.80 -29.31
N CYS B 309 -3.31 -7.13 -29.06
CA CYS B 309 -4.61 -7.49 -29.60
C CYS B 309 -4.62 -7.43 -31.14
N HIS B 310 -4.04 -6.39 -31.72
CA HIS B 310 -3.87 -6.23 -33.16
C HIS B 310 -3.02 -7.33 -33.79
N TRP B 311 -1.89 -7.69 -33.19
CA TRP B 311 -1.04 -8.78 -33.66
C TRP B 311 -1.66 -10.16 -33.47
N ASP B 312 -2.37 -10.42 -32.38
CA ASP B 312 -3.15 -11.64 -32.21
C ASP B 312 -4.25 -11.71 -33.27
N GLY B 313 -4.94 -10.62 -33.56
CA GLY B 313 -5.86 -10.51 -34.67
C GLY B 313 -5.26 -10.93 -36.00
N CYS B 314 -4.04 -10.51 -36.33
CA CYS B 314 -3.34 -10.98 -37.52
C CYS B 314 -2.99 -12.47 -37.43
N LEU B 315 -2.47 -12.93 -36.29
CA LEU B 315 -2.16 -14.34 -36.04
C LEU B 315 -3.36 -15.28 -36.21
N GLN B 316 -4.55 -14.91 -35.75
CA GLN B 316 -5.79 -15.70 -35.91
C GLN B 316 -6.06 -16.05 -37.37
N PHE B 317 -5.76 -15.16 -38.32
CA PHE B 317 -5.94 -15.38 -39.74
C PHE B 317 -4.69 -15.93 -40.44
N LEU B 318 -3.50 -15.53 -40.01
CA LEU B 318 -2.24 -15.96 -40.60
C LEU B 318 -2.03 -17.46 -40.52
N VAL B 319 -2.31 -18.10 -39.39
CA VAL B 319 -2.09 -19.54 -39.24
C VAL B 319 -3.00 -20.36 -40.18
N PRO B 320 -4.31 -20.10 -40.30
CA PRO B 320 -5.12 -20.60 -41.41
C PRO B 320 -4.56 -20.31 -42.81
N LEU B 321 -4.11 -19.09 -43.09
CA LEU B 321 -3.57 -18.72 -44.39
C LEU B 321 -2.36 -19.56 -44.80
N LEU B 322 -1.41 -19.75 -43.90
CA LEU B 322 -0.21 -20.56 -44.17
C LEU B 322 -0.53 -22.04 -44.38
N GLN B 323 -1.65 -22.53 -43.86
CA GLN B 323 -2.18 -23.87 -44.11
C GLN B 323 -3.14 -23.92 -45.31
N ASP B 324 -3.23 -22.87 -46.12
CA ASP B 324 -4.12 -22.76 -47.26
C ASP B 324 -5.61 -22.89 -46.94
N PHE B 325 -6.04 -22.34 -45.80
CA PHE B 325 -7.43 -22.35 -45.32
C PHE B 325 -8.06 -23.75 -45.33
N PRO B 326 -7.61 -24.66 -44.44
CA PRO B 326 -8.16 -26.00 -44.38
C PRO B 326 -9.65 -25.99 -44.02
N PRO B 327 -10.41 -27.02 -44.38
CA PRO B 327 -11.87 -26.99 -44.29
C PRO B 327 -12.43 -26.96 -42.86
N ASP B 328 -11.62 -27.27 -41.85
CA ASP B 328 -12.01 -27.25 -40.43
C ASP B 328 -11.59 -25.98 -39.66
N CYS B 329 -11.06 -24.95 -40.32
CA CYS B 329 -10.68 -23.68 -39.66
C CYS B 329 -11.79 -22.62 -39.70
N TRP B 330 -11.74 -21.64 -38.80
CA TRP B 330 -12.78 -20.63 -38.65
C TRP B 330 -13.05 -19.80 -39.89
N VAL B 331 -12.06 -19.59 -40.76
CA VAL B 331 -12.19 -18.80 -41.98
C VAL B 331 -13.03 -19.54 -43.01
N SER B 332 -12.85 -20.86 -43.12
CA SER B 332 -13.67 -21.75 -43.94
C SER B 332 -15.05 -21.99 -43.32
N LEU B 333 -15.15 -22.26 -42.02
CA LEU B 333 -16.41 -22.50 -41.33
C LEU B 333 -17.34 -21.29 -41.42
N ASN B 334 -16.82 -20.08 -41.26
CA ASN B 334 -17.60 -18.84 -41.42
C ASN B 334 -17.68 -18.39 -42.89
N GLU B 335 -17.15 -19.17 -43.84
CA GLU B 335 -17.25 -18.95 -45.28
C GLU B 335 -16.77 -17.60 -45.77
N MET B 336 -15.64 -17.10 -45.24
CA MET B 336 -15.12 -15.76 -45.53
C MET B 336 -13.74 -15.72 -46.17
N VAL B 337 -13.25 -16.82 -46.73
CA VAL B 337 -11.97 -16.88 -47.46
C VAL B 337 -11.89 -15.89 -48.63
N ASN B 338 -13.01 -15.57 -49.27
CA ASN B 338 -13.08 -14.70 -50.43
C ASN B 338 -13.48 -13.25 -50.11
N ASP B 339 -13.72 -12.90 -48.85
CA ASP B 339 -14.09 -11.54 -48.43
C ASP B 339 -12.98 -10.51 -48.69
N SER B 340 -13.35 -9.24 -48.66
CA SER B 340 -12.39 -8.14 -48.66
C SER B 340 -11.52 -8.13 -47.40
N TRP B 341 -10.32 -7.58 -47.51
CA TRP B 341 -9.34 -7.53 -46.42
C TRP B 341 -9.90 -6.88 -45.15
N GLY B 342 -10.77 -5.89 -45.26
CA GLY B 342 -11.35 -5.16 -44.14
C GLY B 342 -12.36 -5.95 -43.33
N LYS B 343 -13.18 -6.81 -43.97
CA LYS B 343 -14.05 -7.73 -43.24
C LYS B 343 -13.25 -8.82 -42.55
N GLN B 344 -12.28 -9.42 -43.24
CA GLN B 344 -11.43 -10.45 -42.67
C GLN B 344 -10.64 -9.93 -41.48
N TYR B 345 -10.10 -8.71 -41.58
CA TYR B 345 -9.37 -8.11 -40.49
C TYR B 345 -10.29 -7.84 -39.29
N SER B 346 -11.45 -7.24 -39.54
CA SER B 346 -12.41 -6.94 -38.49
C SER B 346 -12.86 -8.18 -37.74
N TYR B 347 -13.10 -9.27 -38.45
CA TYR B 347 -13.49 -10.52 -37.82
C TYR B 347 -12.34 -11.07 -36.99
N ALA B 348 -11.16 -11.19 -37.60
CA ALA B 348 -9.99 -11.68 -36.91
C ALA B 348 -9.66 -10.86 -35.66
N LEU B 349 -9.78 -9.54 -35.70
CA LEU B 349 -9.59 -8.68 -34.54
C LEU B 349 -10.66 -8.96 -33.48
N PHE B 350 -11.93 -9.06 -33.86
CA PHE B 350 -13.01 -9.42 -32.96
C PHE B 350 -12.79 -10.77 -32.29
N LYS B 351 -12.29 -11.76 -33.02
CA LYS B 351 -11.94 -13.07 -32.50
C LYS B 351 -10.79 -13.00 -31.50
N ALA B 352 -9.71 -12.31 -31.80
CA ALA B 352 -8.61 -12.08 -30.88
C ALA B 352 -9.03 -11.35 -29.61
N MET B 353 -9.76 -10.26 -29.76
CA MET B 353 -10.24 -9.46 -28.64
C MET B 353 -11.22 -10.25 -27.76
N SER B 354 -12.05 -11.10 -28.36
CA SER B 354 -12.92 -12.00 -27.62
C SER B 354 -12.14 -12.98 -26.77
N HIS B 355 -11.09 -13.59 -27.32
CA HIS B 355 -10.23 -14.53 -26.58
C HIS B 355 -9.49 -13.82 -25.47
N MET B 356 -8.89 -12.68 -25.75
CA MET B 356 -8.06 -11.97 -24.82
C MET B 356 -8.81 -11.30 -23.68
N LEU B 357 -10.01 -10.78 -23.89
CA LEU B 357 -10.90 -10.33 -22.82
C LEU B 357 -11.69 -11.47 -22.18
N CYS B 358 -11.50 -12.70 -22.62
CA CYS B 358 -12.21 -13.88 -22.13
C CYS B 358 -13.74 -13.76 -22.24
N ILE B 359 -14.29 -13.07 -23.24
CA ILE B 359 -15.75 -12.93 -23.44
C ILE B 359 -16.34 -14.06 -24.28
N GLY B 360 -15.57 -14.71 -25.13
CA GLY B 360 -16.06 -15.81 -25.94
C GLY B 360 -15.08 -16.17 -27.04
N TYR B 361 -15.49 -17.06 -27.94
CA TYR B 361 -14.61 -17.64 -28.95
C TYR B 361 -14.71 -17.00 -30.35
N GLY B 362 -15.65 -16.09 -30.56
CA GLY B 362 -16.19 -15.75 -31.88
C GLY B 362 -17.52 -16.46 -32.12
N ALA B 363 -17.84 -16.80 -33.37
CA ALA B 363 -19.10 -17.43 -33.76
C ALA B 363 -19.36 -18.79 -33.09
N GLN B 364 -18.32 -19.58 -32.86
CA GLN B 364 -18.36 -20.91 -32.23
C GLN B 364 -17.02 -21.25 -31.57
N ALA B 365 -17.01 -22.26 -30.71
CA ALA B 365 -15.80 -22.84 -30.16
C ALA B 365 -14.89 -23.45 -31.26
N PRO B 366 -13.56 -23.50 -31.08
CA PRO B 366 -12.63 -24.10 -32.04
C PRO B 366 -12.94 -25.56 -32.36
N VAL B 367 -12.57 -25.99 -33.57
CA VAL B 367 -12.73 -27.37 -34.06
C VAL B 367 -11.40 -28.02 -34.44
N SER B 368 -10.53 -27.35 -35.21
CA SER B 368 -9.22 -27.89 -35.60
C SER B 368 -8.17 -27.75 -34.49
N MET B 369 -7.11 -28.55 -34.54
CA MET B 369 -5.98 -28.47 -33.60
C MET B 369 -5.24 -27.14 -33.65
N SER B 370 -5.12 -26.51 -34.82
CA SER B 370 -4.50 -25.18 -34.91
C SER B 370 -5.36 -24.15 -34.23
N ASP B 371 -6.68 -24.15 -34.47
CA ASP B 371 -7.56 -23.19 -33.84
C ASP B 371 -7.64 -23.41 -32.32
N LEU B 372 -7.61 -24.65 -31.82
CA LEU B 372 -7.54 -24.93 -30.39
C LEU B 372 -6.32 -24.28 -29.75
N TRP B 373 -5.12 -24.56 -30.25
CA TRP B 373 -3.88 -24.12 -29.64
C TRP B 373 -3.64 -22.63 -29.81
N ILE B 374 -4.01 -22.03 -30.94
CA ILE B 374 -3.96 -20.59 -31.13
C ILE B 374 -4.98 -19.90 -30.23
N THR B 375 -6.17 -20.44 -30.04
CA THR B 375 -7.14 -19.89 -29.08
C THR B 375 -6.62 -19.96 -27.65
N MET B 376 -6.04 -21.08 -27.21
CA MET B 376 -5.51 -21.20 -25.84
C MET B 376 -4.34 -20.27 -25.58
N LEU B 377 -3.42 -20.12 -26.54
CA LEU B 377 -2.35 -19.14 -26.48
C LEU B 377 -2.89 -17.72 -26.28
N SER B 378 -3.90 -17.34 -27.06
CA SER B 378 -4.56 -16.05 -26.97
C SER B 378 -5.24 -15.81 -25.64
N MET B 379 -5.91 -16.80 -25.08
CA MET B 379 -6.51 -16.74 -23.75
C MET B 379 -5.48 -16.53 -22.65
N ILE B 380 -4.39 -17.30 -22.62
CA ILE B 380 -3.34 -17.19 -21.59
C ILE B 380 -2.66 -15.84 -21.67
N VAL B 381 -2.30 -15.39 -22.86
CA VAL B 381 -1.66 -14.08 -23.05
C VAL B 381 -2.61 -12.97 -22.64
N GLY B 382 -3.86 -12.97 -23.10
CA GLY B 382 -4.83 -11.95 -22.74
C GLY B 382 -5.21 -11.90 -21.27
N ALA B 383 -5.42 -13.04 -20.60
CA ALA B 383 -5.70 -13.07 -19.17
C ALA B 383 -4.53 -12.59 -18.32
N THR B 384 -3.30 -12.88 -18.70
CA THR B 384 -2.10 -12.34 -18.07
C THR B 384 -2.02 -10.84 -18.22
N CYS B 385 -2.24 -10.33 -19.43
CA CYS B 385 -2.20 -8.91 -19.73
C CYS B 385 -3.30 -8.13 -19.02
N TYR B 386 -4.52 -8.67 -18.91
CA TYR B 386 -5.59 -8.06 -18.13
C TYR B 386 -5.27 -7.99 -16.64
N ALA B 387 -4.65 -9.02 -16.06
CA ALA B 387 -4.23 -8.96 -14.66
C ALA B 387 -3.16 -7.90 -14.41
N MET B 388 -2.19 -7.73 -15.32
CA MET B 388 -1.23 -6.64 -15.26
C MET B 388 -1.89 -5.27 -15.39
N PHE B 389 -2.89 -5.12 -16.26
CA PHE B 389 -3.65 -3.91 -16.35
C PHE B 389 -4.41 -3.56 -15.06
N VAL B 390 -5.07 -4.52 -14.44
CA VAL B 390 -5.73 -4.33 -13.13
C VAL B 390 -4.72 -3.96 -12.04
N GLY B 391 -3.52 -4.51 -12.07
CA GLY B 391 -2.42 -4.12 -11.20
C GLY B 391 -1.99 -2.67 -11.37
N HIS B 392 -1.85 -2.18 -12.60
CA HIS B 392 -1.57 -0.77 -12.88
C HIS B 392 -2.71 0.17 -12.52
N ALA B 393 -3.96 -0.20 -12.79
CA ALA B 393 -5.11 0.61 -12.42
C ALA B 393 -5.17 0.76 -10.90
N THR B 394 -4.93 -0.30 -10.15
CA THR B 394 -4.89 -0.28 -8.70
C THR B 394 -3.79 0.65 -8.18
N ALA B 395 -2.58 0.60 -8.73
CA ALA B 395 -1.50 1.48 -8.36
C ALA B 395 -1.76 2.96 -8.72
N LEU B 396 -2.37 3.25 -9.87
CA LEU B 396 -2.79 4.59 -10.21
C LEU B 396 -3.80 5.10 -9.18
N ILE B 397 -4.85 4.33 -8.86
CA ILE B 397 -5.90 4.78 -7.96
C ILE B 397 -5.37 5.03 -6.54
N GLN B 398 -4.46 4.22 -6.00
CA GLN B 398 -3.77 4.50 -4.74
C GLN B 398 -2.89 5.75 -4.76
N SER B 399 -2.30 6.13 -5.88
CA SER B 399 -1.56 7.39 -5.98
C SER B 399 -2.46 8.63 -5.92
N LEU B 400 -3.73 8.51 -6.28
CA LEU B 400 -4.61 9.67 -6.50
C LEU B 400 -5.26 10.24 -5.24
N ASP B 401 -5.46 9.47 -4.17
CA ASP B 401 -5.95 10.01 -2.90
C ASP B 401 -5.04 9.70 -1.72
N SER B 402 -3.73 9.69 -1.96
CA SER B 402 -2.73 9.37 -0.95
C SER B 402 -2.78 10.29 0.26
N SER B 403 -3.03 11.58 0.07
CA SER B 403 -3.17 12.54 1.16
C SER B 403 -4.33 12.21 2.09
N ARG B 404 -5.47 11.79 1.52
CA ARG B 404 -6.64 11.39 2.29
C ARG B 404 -6.44 10.08 2.99
N ARG B 405 -5.92 9.05 2.31
CA ARG B 405 -5.53 7.80 2.95
C ARG B 405 -4.62 8.04 4.14
N GLN B 406 -3.61 8.88 4.01
CA GLN B 406 -2.64 9.12 5.07
C GLN B 406 -3.24 9.87 6.25
N TYR B 407 -4.10 10.87 6.04
CA TYR B 407 -4.85 11.50 7.12
C TYR B 407 -5.75 10.50 7.84
N GLN B 408 -6.43 9.60 7.15
CA GLN B 408 -7.24 8.57 7.79
C GLN B 408 -6.42 7.57 8.60
N GLU B 409 -5.27 7.11 8.11
CA GLU B 409 -4.38 6.28 8.90
C GLU B 409 -3.90 6.97 10.16
N LYS B 410 -3.50 8.24 10.08
CA LYS B 410 -3.12 9.06 11.23
C LYS B 410 -4.26 9.14 12.24
N TYR B 411 -5.45 9.50 11.79
CA TYR B 411 -6.60 9.62 12.66
C TYR B 411 -6.95 8.30 13.36
N LYS B 412 -6.96 7.20 12.61
CA LYS B 412 -7.28 5.89 13.16
C LYS B 412 -6.30 5.47 14.26
N GLN B 413 -5.05 5.91 14.22
CA GLN B 413 -4.13 5.73 15.36
C GLN B 413 -4.47 6.63 16.56
N VAL B 414 -5.04 7.81 16.37
CA VAL B 414 -5.57 8.61 17.47
C VAL B 414 -6.76 7.93 18.13
N GLU B 415 -7.67 7.34 17.36
CA GLU B 415 -8.76 6.52 17.90
C GLU B 415 -8.25 5.31 18.69
N GLN B 416 -7.19 4.64 18.24
CA GLN B 416 -6.56 3.54 18.97
C GLN B 416 -5.97 3.99 20.30
N TYR B 417 -5.42 5.19 20.37
CA TYR B 417 -4.88 5.72 21.62
C TYR B 417 -6.00 5.93 22.65
N MET B 418 -7.09 6.58 22.22
CA MET B 418 -8.23 6.84 23.08
C MET B 418 -8.93 5.57 23.54
N SER B 419 -9.00 4.57 22.66
CA SER B 419 -9.50 3.24 22.96
C SER B 419 -8.63 2.50 23.98
N PHE B 420 -7.30 2.48 23.82
CA PHE B 420 -6.40 1.86 24.78
C PHE B 420 -6.51 2.46 26.18
N HIS B 421 -6.59 3.77 26.28
CA HIS B 421 -6.78 4.48 27.55
C HIS B 421 -8.23 4.52 28.04
N LYS B 422 -9.19 4.00 27.29
CA LYS B 422 -10.62 3.95 27.64
C LYS B 422 -11.17 5.34 28.02
N LEU B 423 -10.84 6.36 27.24
CA LEU B 423 -11.31 7.72 27.47
C LEU B 423 -12.84 7.83 27.26
N PRO B 424 -13.57 8.64 28.04
CA PRO B 424 -15.01 8.84 27.90
C PRO B 424 -15.44 9.39 26.54
N ALA B 425 -16.66 9.10 26.08
CA ALA B 425 -17.15 9.51 24.77
C ALA B 425 -17.14 11.03 24.52
N ASP B 426 -17.39 11.87 25.53
CA ASP B 426 -17.32 13.31 25.39
C ASP B 426 -15.88 13.85 25.32
N MET B 427 -14.92 13.19 25.98
CA MET B 427 -13.50 13.48 25.85
C MET B 427 -13.00 13.10 24.46
N ARG B 428 -13.44 11.95 23.92
CA ARG B 428 -13.14 11.57 22.54
C ARG B 428 -13.70 12.53 21.51
N GLN B 429 -14.93 13.01 21.69
CA GLN B 429 -15.52 14.02 20.81
C GLN B 429 -14.76 15.33 20.87
N LYS B 430 -14.29 15.74 22.05
CA LYS B 430 -13.46 16.92 22.20
C LYS B 430 -12.10 16.78 21.52
N ILE B 431 -11.48 15.61 21.56
CA ILE B 431 -10.22 15.36 20.85
C ILE B 431 -10.45 15.33 19.35
N HIS B 432 -11.48 14.65 18.85
CA HIS B 432 -11.82 14.61 17.44
C HIS B 432 -12.08 16.02 16.88
N ASP B 433 -12.85 16.82 17.60
CA ASP B 433 -13.16 18.21 17.29
C ASP B 433 -11.92 19.12 17.28
N TYR B 434 -10.96 18.89 18.17
CA TYR B 434 -9.68 19.56 18.12
C TYR B 434 -8.87 19.18 16.88
N TYR B 435 -8.78 17.91 16.51
CA TYR B 435 -8.00 17.49 15.34
C TYR B 435 -8.54 18.10 14.06
N GLU B 436 -9.87 18.16 13.88
CA GLU B 436 -10.49 18.79 12.73
C GLU B 436 -10.24 20.30 12.67
N HIS B 437 -10.28 21.03 13.78
CA HIS B 437 -9.90 22.45 13.75
C HIS B 437 -8.40 22.68 13.64
N ARG B 438 -7.58 21.81 14.22
CA ARG B 438 -6.12 22.00 14.21
C ARG B 438 -5.39 21.64 12.91
N TYR B 439 -5.93 20.67 12.16
CA TYR B 439 -5.32 20.19 10.92
C TYR B 439 -6.21 20.34 9.70
N GLN B 440 -7.52 20.56 9.84
CA GLN B 440 -8.43 20.82 8.71
C GLN B 440 -8.35 19.76 7.63
N GLY B 441 -8.28 18.49 8.03
CA GLY B 441 -8.18 17.33 7.15
C GLY B 441 -6.84 17.14 6.43
N LYS B 442 -5.83 17.95 6.73
CA LYS B 442 -4.54 17.96 6.02
C LYS B 442 -3.48 17.25 6.86
N ILE B 443 -2.75 16.32 6.25
CA ILE B 443 -1.58 15.70 6.85
C ILE B 443 -0.30 16.27 6.23
N PHE B 444 0.56 16.75 7.09
CA PHE B 444 1.91 17.23 6.81
C PHE B 444 2.68 17.23 8.12
N ASP B 445 4.00 17.25 8.05
CA ASP B 445 4.88 17.37 9.23
C ASP B 445 5.69 18.65 9.11
N GLU B 446 5.24 19.73 9.75
CA GLU B 446 5.82 21.06 9.59
C GLU B 446 7.30 21.11 9.97
N GLU B 447 7.74 20.40 11.00
CA GLU B 447 9.14 20.39 11.40
C GLU B 447 10.04 19.78 10.33
N ASN B 448 9.63 18.69 9.67
CA ASN B 448 10.39 18.11 8.58
C ASN B 448 10.42 19.04 7.37
N ILE B 449 9.29 19.63 6.99
CA ILE B 449 9.20 20.52 5.84
C ILE B 449 10.07 21.76 6.04
N LEU B 450 10.00 22.42 7.19
CA LEU B 450 10.85 23.58 7.45
C LEU B 450 12.33 23.21 7.55
N ASN B 451 12.72 22.04 8.06
CA ASN B 451 14.11 21.62 8.08
C ASN B 451 14.68 21.37 6.68
N GLU B 452 13.88 20.94 5.71
CA GLU B 452 14.33 20.69 4.33
C GLU B 452 14.55 21.94 3.48
N LEU B 453 13.89 23.04 3.80
CA LEU B 453 14.02 24.34 3.13
C LEU B 453 15.38 25.00 3.39
N ASN B 454 15.69 26.06 2.65
CA ASN B 454 16.84 26.91 2.94
C ASN B 454 16.43 28.12 3.80
N ASP B 455 17.40 28.92 4.24
CA ASP B 455 17.15 30.10 5.07
C ASP B 455 16.27 31.18 4.43
N PRO B 456 16.47 31.56 3.14
CA PRO B 456 15.57 32.44 2.43
C PRO B 456 14.12 31.98 2.38
N LEU B 457 13.83 30.71 2.08
CA LEU B 457 12.46 30.21 2.03
C LEU B 457 11.81 30.17 3.41
N ARG B 458 12.52 29.77 4.46
CA ARG B 458 11.97 29.79 5.81
C ARG B 458 11.60 31.19 6.24
N GLU B 459 12.47 32.18 6.06
CA GLU B 459 12.11 33.54 6.47
C GLU B 459 11.02 34.17 5.61
N GLU B 460 10.91 33.81 4.34
CA GLU B 460 9.81 34.21 3.46
C GLU B 460 8.45 33.64 3.91
N ILE B 461 8.38 32.37 4.31
CA ILE B 461 7.17 31.75 4.85
C ILE B 461 6.80 32.32 6.22
N VAL B 462 7.77 32.48 7.11
CA VAL B 462 7.54 33.04 8.45
C VAL B 462 7.03 34.47 8.39
N ASN B 463 7.57 35.32 7.50
CA ASN B 463 7.06 36.68 7.32
C ASN B 463 5.63 36.69 6.78
N PHE B 464 5.25 35.76 5.90
CA PHE B 464 3.89 35.68 5.41
C PHE B 464 2.90 35.30 6.52
N ASN B 465 3.25 34.34 7.37
CA ASN B 465 2.39 33.89 8.45
C ASN B 465 2.27 34.91 9.58
N CYS B 466 3.37 35.49 10.04
CA CYS B 466 3.44 36.09 11.37
C CYS B 466 3.72 37.59 11.43
N ARG B 467 4.24 38.24 10.38
CA ARG B 467 4.60 39.66 10.45
C ARG B 467 3.39 40.57 10.66
N LYS B 468 2.26 40.26 10.02
CA LYS B 468 0.99 40.98 10.20
C LYS B 468 0.42 40.92 11.63
N LEU B 469 0.81 39.93 12.43
CA LEU B 469 0.47 39.87 13.85
C LEU B 469 1.47 40.69 14.67
N VAL B 470 2.74 40.27 14.71
CA VAL B 470 3.72 40.80 15.65
C VAL B 470 4.15 42.25 15.39
N ALA B 471 4.01 42.79 14.17
CA ALA B 471 4.40 44.16 13.86
C ALA B 471 3.56 45.22 14.60
N THR B 472 2.35 44.87 15.03
CA THR B 472 1.44 45.78 15.73
C THR B 472 1.77 45.97 17.20
N MET B 473 2.65 45.15 17.78
CA MET B 473 2.97 45.19 19.20
C MET B 473 4.09 46.20 19.50
N PRO B 474 3.97 47.06 20.55
CA PRO B 474 4.90 48.15 20.76
C PRO B 474 6.33 47.69 21.09
N LEU B 475 6.50 46.51 21.70
CA LEU B 475 7.82 45.91 21.94
C LEU B 475 8.61 45.70 20.65
N PHE B 476 7.95 45.37 19.53
CA PHE B 476 8.60 45.03 18.25
C PHE B 476 8.50 46.12 17.19
N ALA B 477 7.53 47.04 17.29
CA ALA B 477 7.42 48.17 16.37
C ALA B 477 8.67 49.08 16.35
N ASN B 478 9.47 49.05 17.42
CA ASN B 478 10.72 49.81 17.55
C ASN B 478 11.98 49.07 17.03
N ALA B 479 11.91 47.77 16.74
CA ALA B 479 13.08 46.91 16.55
C ALA B 479 13.60 46.85 15.09
N ASP B 480 14.86 46.43 14.93
CA ASP B 480 15.50 46.21 13.63
C ASP B 480 14.99 44.94 12.94
N PRO B 481 14.67 44.93 11.63
CA PRO B 481 14.08 43.77 10.97
C PRO B 481 14.82 42.45 11.13
N ASN B 482 16.15 42.48 11.18
CA ASN B 482 16.94 41.26 11.36
C ASN B 482 16.79 40.63 12.76
N PHE B 483 16.29 41.35 13.76
CA PHE B 483 15.86 40.80 15.04
C PHE B 483 14.43 40.26 14.97
N VAL B 484 13.51 41.01 14.35
CA VAL B 484 12.11 40.58 14.18
C VAL B 484 12.04 39.25 13.46
N THR B 485 12.71 39.06 12.32
CA THR B 485 12.74 37.78 11.61
C THR B 485 13.28 36.62 12.46
N ALA B 486 14.24 36.89 13.35
CA ALA B 486 14.79 35.86 14.25
C ALA B 486 13.77 35.49 15.33
N MET B 487 13.03 36.46 15.85
CA MET B 487 11.97 36.29 16.81
C MET B 487 10.75 35.57 16.24
N LEU B 488 10.24 35.97 15.07
CA LEU B 488 9.12 35.30 14.41
C LEU B 488 9.36 33.80 14.18
N SER B 489 10.60 33.35 14.01
CA SER B 489 10.91 31.93 13.82
C SER B 489 10.71 31.08 15.09
N LYS B 490 10.61 31.69 16.27
CA LYS B 490 10.33 31.04 17.56
C LYS B 490 8.85 30.95 17.91
N LEU B 491 7.95 31.54 17.14
CA LEU B 491 6.51 31.45 17.37
C LEU B 491 6.02 30.03 17.11
N ARG B 492 5.13 29.55 17.97
CA ARG B 492 4.55 28.22 17.83
C ARG B 492 3.03 28.34 17.69
N PHE B 493 2.46 27.68 16.70
CA PHE B 493 1.03 27.74 16.46
C PHE B 493 0.28 26.85 17.44
N GLU B 494 -0.78 27.35 18.06
CA GLU B 494 -1.62 26.63 19.00
C GLU B 494 -3.11 26.90 18.70
N VAL B 495 -3.97 25.93 18.94
CA VAL B 495 -5.42 26.06 18.77
C VAL B 495 -6.10 25.74 20.10
N PHE B 496 -7.12 26.50 20.45
CA PHE B 496 -7.92 26.30 21.66
C PHE B 496 -9.40 26.21 21.30
N GLN B 497 -10.12 25.35 22.01
CA GLN B 497 -11.56 25.19 21.85
C GLN B 497 -12.35 26.17 22.73
N PRO B 498 -13.62 26.43 22.43
CA PRO B 498 -14.49 27.22 23.29
C PRO B 498 -14.46 26.76 24.76
N GLY B 499 -14.29 27.70 25.68
CA GLY B 499 -14.28 27.44 27.11
C GLY B 499 -12.95 26.98 27.69
N ASP B 500 -11.91 26.76 26.88
CA ASP B 500 -10.58 26.45 27.39
C ASP B 500 -9.93 27.66 28.04
N TYR B 501 -9.30 27.49 29.20
CA TYR B 501 -8.44 28.50 29.81
C TYR B 501 -7.06 28.44 29.18
N ILE B 502 -6.66 29.52 28.53
CA ILE B 502 -5.36 29.65 27.87
C ILE B 502 -4.29 29.95 28.91
N ILE B 503 -4.59 30.85 29.85
CA ILE B 503 -3.82 31.09 31.07
C ILE B 503 -4.77 31.37 32.23
N ARG B 504 -4.44 30.88 33.43
CA ARG B 504 -5.25 31.02 34.65
C ARG B 504 -4.61 32.03 35.59
N GLU B 505 -5.39 32.92 36.21
CA GLU B 505 -4.88 33.85 37.21
C GLU B 505 -4.16 33.13 38.35
N GLY B 506 -3.07 33.72 38.84
CA GLY B 506 -2.24 33.16 39.90
C GLY B 506 -1.29 32.04 39.49
N ALA B 507 -1.48 31.39 38.34
CA ALA B 507 -0.51 30.41 37.82
C ALA B 507 0.76 31.10 37.30
N VAL B 508 1.88 30.38 37.25
CA VAL B 508 3.16 30.96 36.78
C VAL B 508 3.12 31.23 35.26
N GLY B 509 3.50 32.44 34.84
CA GLY B 509 3.57 32.78 33.41
C GLY B 509 4.84 32.24 32.73
N LYS B 510 4.71 31.64 31.55
CA LYS B 510 5.84 31.15 30.73
C LYS B 510 5.77 31.47 29.23
N LYS B 511 4.63 31.93 28.72
CA LYS B 511 4.41 32.23 27.29
C LYS B 511 3.52 33.45 27.09
N MET B 512 3.78 34.19 26.02
CA MET B 512 2.91 35.23 25.45
C MET B 512 2.11 34.67 24.27
N TYR B 513 0.98 35.29 23.90
CA TYR B 513 0.14 34.84 22.79
C TYR B 513 -0.36 35.96 21.86
N PHE B 514 -0.43 35.69 20.57
CA PHE B 514 -0.95 36.59 19.53
C PHE B 514 -2.15 35.94 18.84
N ILE B 515 -3.32 36.57 18.82
CA ILE B 515 -4.51 35.97 18.20
C ILE B 515 -4.45 36.11 16.68
N GLN B 516 -4.41 35.00 15.95
CA GLN B 516 -4.61 35.03 14.50
C GLN B 516 -6.12 35.07 14.17
N HIS B 517 -6.91 34.19 14.79
CA HIS B 517 -8.35 34.09 14.59
C HIS B 517 -9.04 33.72 15.89
N GLY B 518 -10.35 33.99 15.95
CA GLY B 518 -11.21 33.65 17.07
C GLY B 518 -11.23 34.75 18.13
N VAL B 519 -12.23 34.69 19.01
CA VAL B 519 -12.40 35.63 20.11
C VAL B 519 -12.02 34.97 21.43
N ALA B 520 -11.13 35.63 22.16
CA ALA B 520 -10.82 35.33 23.55
C ALA B 520 -11.46 36.37 24.47
N GLY B 521 -11.45 36.12 25.77
CA GLY B 521 -11.89 37.08 26.78
C GLY B 521 -11.03 37.01 28.02
N VAL B 522 -10.60 38.17 28.52
CA VAL B 522 -9.84 38.28 29.76
C VAL B 522 -10.78 38.65 30.90
N ILE B 523 -10.65 37.97 32.03
CA ILE B 523 -11.57 38.05 33.17
C ILE B 523 -10.82 38.16 34.50
N THR B 524 -11.38 38.95 35.40
CA THR B 524 -10.85 39.21 36.76
C THR B 524 -11.97 39.74 37.67
N LYS B 525 -11.80 39.68 38.99
CA LYS B 525 -12.77 40.29 39.92
C LYS B 525 -12.77 41.83 39.85
N SER B 526 -11.67 42.44 39.43
CA SER B 526 -11.50 43.90 39.38
C SER B 526 -12.06 44.60 38.13
N SER B 527 -12.72 43.91 37.21
CA SER B 527 -13.10 44.46 35.89
C SER B 527 -14.18 43.65 35.16
N LYS B 528 -14.73 44.22 34.09
CA LYS B 528 -15.60 43.50 33.14
C LYS B 528 -14.85 42.47 32.30
N GLU B 529 -15.57 41.55 31.66
CA GLU B 529 -15.01 40.55 30.74
C GLU B 529 -14.62 41.18 29.39
N MET B 530 -13.43 41.77 29.30
CA MET B 530 -12.94 42.39 28.07
C MET B 530 -12.65 41.35 26.98
N LYS B 531 -13.39 41.41 25.87
CA LYS B 531 -13.13 40.56 24.71
C LYS B 531 -11.90 41.01 23.91
N LEU B 532 -11.17 40.05 23.33
CA LEU B 532 -10.02 40.26 22.44
C LEU B 532 -10.23 39.47 21.14
N THR B 533 -9.95 40.08 20.01
CA THR B 533 -10.31 39.53 18.69
C THR B 533 -9.11 39.31 17.77
N ASP B 534 -9.37 38.74 16.59
CA ASP B 534 -8.38 38.45 15.56
C ASP B 534 -7.46 39.65 15.30
N GLY B 535 -6.16 39.47 15.52
CA GLY B 535 -5.11 40.49 15.37
C GLY B 535 -4.55 41.05 16.68
N SER B 536 -5.26 40.93 17.80
CA SER B 536 -4.77 41.36 19.12
C SER B 536 -3.70 40.44 19.75
N TYR B 537 -3.17 40.80 20.91
CA TYR B 537 -2.19 40.01 21.67
C TYR B 537 -2.38 40.18 23.18
N PHE B 538 -1.90 39.21 23.97
CA PHE B 538 -2.03 39.16 25.43
C PHE B 538 -0.93 38.28 26.06
N GLY B 539 -0.81 38.32 27.38
CA GLY B 539 0.22 37.58 28.11
C GLY B 539 1.57 38.27 28.16
N GLU B 540 1.69 39.47 27.57
CA GLU B 540 2.96 40.16 27.28
C GLU B 540 3.87 40.38 28.49
N ILE B 541 3.29 40.59 29.67
CA ILE B 541 4.02 40.88 30.91
C ILE B 541 4.96 39.74 31.33
N CYS B 542 4.67 38.49 30.94
CA CYS B 542 5.46 37.32 31.36
C CYS B 542 6.93 37.36 30.93
N LEU B 543 7.25 38.15 29.90
CA LEU B 543 8.62 38.29 29.40
C LEU B 543 9.55 39.00 30.40
N LEU B 544 9.00 39.88 31.22
CA LEU B 544 9.69 40.94 31.98
C LEU B 544 9.30 40.91 33.46
N THR B 545 9.31 39.73 34.07
CA THR B 545 8.81 39.49 35.41
C THR B 545 9.24 38.11 35.95
N LYS B 546 8.54 37.63 36.98
CA LYS B 546 8.51 36.23 37.42
C LYS B 546 7.20 35.95 38.15
N GLY B 547 6.82 34.69 38.30
CA GLY B 547 5.63 34.32 39.10
C GLY B 547 4.29 34.58 38.41
N ARG B 548 3.31 35.03 39.19
CA ARG B 548 1.89 34.89 38.88
C ARG B 548 1.38 35.74 37.71
N ARG B 549 0.58 35.14 36.84
CA ARG B 549 -0.28 35.84 35.90
C ARG B 549 -1.42 36.59 36.62
N THR B 550 -1.71 37.81 36.21
CA THR B 550 -2.63 38.70 36.93
C THR B 550 -4.12 38.49 36.63
N ALA B 551 -4.47 37.73 35.59
CA ALA B 551 -5.83 37.56 35.09
C ALA B 551 -6.02 36.21 34.38
N SER B 552 -7.25 35.77 34.19
CA SER B 552 -7.56 34.56 33.45
C SER B 552 -7.93 34.91 32.00
N VAL B 553 -7.40 34.19 31.02
CA VAL B 553 -7.81 34.33 29.62
C VAL B 553 -8.47 33.05 29.16
N ARG B 554 -9.70 33.16 28.67
CA ARG B 554 -10.45 31.99 28.21
C ARG B 554 -11.00 32.17 26.80
N ALA B 555 -10.80 31.14 25.97
CA ALA B 555 -11.26 31.12 24.59
C ALA B 555 -12.79 31.16 24.55
N ASP B 556 -13.39 32.13 23.86
CA ASP B 556 -14.85 32.20 23.70
C ASP B 556 -15.32 31.48 22.43
N THR B 557 -14.62 31.69 21.33
CA THR B 557 -14.71 30.84 20.13
C THR B 557 -13.43 30.01 20.00
N TYR B 558 -13.26 29.30 18.89
CA TYR B 558 -12.01 28.59 18.60
C TYR B 558 -10.89 29.59 18.33
N CYS B 559 -10.00 29.83 19.29
CA CYS B 559 -8.83 30.65 19.06
C CYS B 559 -7.80 29.88 18.25
N ARG B 560 -7.29 30.49 17.18
CA ARG B 560 -6.06 30.12 16.51
C ARG B 560 -5.04 31.17 16.88
N LEU B 561 -3.93 30.80 17.50
CA LEU B 561 -3.02 31.79 18.02
C LEU B 561 -1.56 31.33 18.01
N TYR B 562 -0.62 32.27 18.01
CA TYR B 562 0.81 31.98 18.03
C TYR B 562 1.36 32.30 19.41
N SER B 563 2.20 31.44 19.97
CA SER B 563 2.82 31.66 21.28
C SER B 563 4.33 31.83 21.20
N LEU B 564 4.87 32.65 22.09
CA LEU B 564 6.32 32.85 22.27
C LEU B 564 6.67 32.56 23.71
N SER B 565 7.56 31.61 23.98
CA SER B 565 7.98 31.29 25.34
C SER B 565 9.17 32.10 25.81
N VAL B 566 9.29 32.28 27.13
CA VAL B 566 10.40 33.04 27.73
C VAL B 566 11.77 32.41 27.46
N ASP B 567 11.87 31.09 27.41
CA ASP B 567 13.12 30.41 27.07
C ASP B 567 13.62 30.80 25.67
N ASN B 568 12.72 30.88 24.69
CA ASN B 568 13.04 31.27 23.32
C ASN B 568 13.24 32.77 23.14
N PHE B 569 12.47 33.61 23.83
CA PHE B 569 12.69 35.05 23.81
C PHE B 569 14.05 35.43 24.39
N ASN B 570 14.51 34.73 25.42
CA ASN B 570 15.85 34.92 25.95
C ASN B 570 16.93 34.38 25.01
N GLU B 571 16.74 33.22 24.40
CA GLU B 571 17.69 32.69 23.41
C GLU B 571 17.88 33.65 22.22
N VAL B 572 16.80 34.24 21.70
CA VAL B 572 16.84 35.25 20.63
C VAL B 572 17.35 36.63 21.07
N LEU B 573 17.61 36.86 22.36
CA LEU B 573 18.24 38.09 22.87
C LEU B 573 19.71 37.90 23.30
N GLU B 574 20.17 36.67 23.52
CA GLU B 574 21.60 36.40 23.65
C GLU B 574 22.38 36.81 22.39
N GLU B 575 21.80 36.62 21.19
CA GLU B 575 22.37 37.04 19.92
C GLU B 575 22.19 38.53 19.58
N TYR B 576 21.49 39.32 20.40
CA TYR B 576 21.19 40.73 20.13
C TYR B 576 21.35 41.62 21.38
N PRO B 577 22.55 41.72 21.99
CA PRO B 577 22.77 42.52 23.21
C PRO B 577 22.33 43.99 23.10
N MET B 578 22.41 44.58 21.91
CA MET B 578 21.93 45.94 21.67
C MET B 578 20.40 46.11 21.82
N MET B 579 19.63 45.03 21.82
CA MET B 579 18.20 45.03 22.09
C MET B 579 17.85 44.79 23.57
N ARG B 580 18.70 44.08 24.32
CA ARG B 580 18.44 43.73 25.71
C ARG B 580 18.33 44.95 26.63
N ARG B 581 19.09 46.01 26.33
CA ARG B 581 19.03 47.28 27.03
C ARG B 581 17.71 48.02 26.81
N ALA B 582 17.13 47.95 25.61
CA ALA B 582 15.82 48.54 25.34
C ALA B 582 14.68 47.73 26.00
N PHE B 583 14.78 46.40 26.00
CA PHE B 583 13.83 45.53 26.70
C PHE B 583 13.80 45.80 28.22
N GLU B 584 14.93 46.13 28.84
CA GLU B 584 15.01 46.56 30.23
C GLU B 584 14.63 48.04 30.49
N THR B 585 14.17 48.80 29.49
CA THR B 585 14.00 50.24 29.56
C THR B 585 12.79 50.83 28.81
N VAL B 586 11.79 50.00 28.45
CA VAL B 586 10.63 50.42 27.66
C VAL B 586 9.30 49.79 28.11
N MET C 94 -37.89 40.21 0.27
CA MET C 94 -37.23 41.51 0.51
C MET C 94 -35.77 41.47 0.08
N GLN C 95 -35.16 42.62 -0.21
CA GLN C 95 -33.76 42.73 -0.65
C GLN C 95 -32.74 42.30 0.42
N ARG C 96 -33.11 42.37 1.71
CA ARG C 96 -32.31 41.81 2.78
C ARG C 96 -32.10 40.30 2.63
N GLN C 97 -33.16 39.53 2.35
CA GLN C 97 -33.05 38.08 2.10
C GLN C 97 -32.47 37.77 0.71
N PHE C 98 -32.77 38.56 -0.31
CA PHE C 98 -32.21 38.40 -1.65
C PHE C 98 -30.69 38.54 -1.67
N THR C 99 -30.13 39.56 -1.02
CA THR C 99 -28.66 39.70 -0.88
C THR C 99 -28.08 38.78 0.20
N SER C 100 -28.84 38.41 1.23
CA SER C 100 -28.39 37.41 2.21
C SER C 100 -28.17 36.02 1.62
N MET C 101 -28.99 35.61 0.64
CA MET C 101 -28.87 34.32 -0.04
C MET C 101 -27.60 34.19 -0.90
N LEU C 102 -27.12 35.28 -1.51
CA LEU C 102 -26.03 35.27 -2.48
C LEU C 102 -24.63 35.54 -1.89
N GLN C 103 -24.50 35.64 -0.56
CA GLN C 103 -23.23 35.87 0.16
C GLN C 103 -22.92 34.69 1.12
N PRO C 104 -21.65 34.41 1.46
CA PRO C 104 -21.30 33.21 2.20
C PRO C 104 -21.80 33.32 3.63
N GLY C 105 -22.79 32.50 3.99
CA GLY C 105 -23.43 32.57 5.30
C GLY C 105 -22.52 32.08 6.41
N VAL C 106 -22.65 32.63 7.62
CA VAL C 106 -21.93 32.14 8.80
C VAL C 106 -22.50 30.79 9.19
N ASN C 107 -21.74 29.72 8.95
CA ASN C 107 -22.15 28.35 9.23
C ASN C 107 -20.93 27.49 9.54
N LYS C 108 -21.14 26.18 9.72
CA LYS C 108 -20.07 25.21 9.99
C LYS C 108 -18.93 25.29 8.97
N PHE C 109 -19.26 25.26 7.69
CA PHE C 109 -18.29 25.24 6.62
C PHE C 109 -17.54 26.57 6.45
N SER C 110 -18.24 27.70 6.43
CA SER C 110 -17.58 29.00 6.23
C SER C 110 -16.70 29.39 7.41
N LEU C 111 -17.11 29.06 8.64
CA LEU C 111 -16.29 29.26 9.82
C LEU C 111 -14.97 28.50 9.74
N ARG C 112 -15.00 27.24 9.30
CA ARG C 112 -13.80 26.44 9.09
C ARG C 112 -12.97 26.83 7.87
N MET C 113 -13.57 27.42 6.83
CA MET C 113 -12.88 27.82 5.61
C MET C 113 -12.19 29.19 5.73
N PHE C 114 -12.86 30.18 6.34
CA PHE C 114 -12.34 31.54 6.53
C PHE C 114 -11.72 31.79 7.90
N GLY C 115 -12.05 30.99 8.92
CA GLY C 115 -11.36 30.91 10.19
C GLY C 115 -12.10 31.49 11.40
N SER C 116 -12.97 32.47 11.19
CA SER C 116 -13.70 33.17 12.25
C SER C 116 -14.94 33.86 11.70
N GLN C 117 -15.95 34.14 12.52
CA GLN C 117 -17.11 34.92 12.09
C GLN C 117 -16.73 36.29 11.53
N LYS C 118 -15.73 36.98 12.10
CA LYS C 118 -15.23 38.25 11.54
C LYS C 118 -14.52 38.09 10.19
N ALA C 119 -13.98 36.92 9.88
CA ALA C 119 -13.41 36.65 8.56
C ALA C 119 -14.53 36.39 7.52
N VAL C 120 -15.57 35.65 7.90
CA VAL C 120 -16.77 35.47 7.07
C VAL C 120 -17.40 36.82 6.78
N GLU C 121 -17.58 37.67 7.79
CA GLU C 121 -18.19 38.97 7.62
C GLU C 121 -17.34 39.95 6.80
N LYS C 122 -16.04 39.72 6.67
CA LYS C 122 -15.21 40.42 5.67
C LYS C 122 -15.46 39.92 4.26
N GLU C 123 -15.55 38.61 4.05
CA GLU C 123 -15.86 38.05 2.74
C GLU C 123 -17.27 38.44 2.29
N GLN C 124 -18.25 38.44 3.19
CA GLN C 124 -19.59 38.96 2.92
C GLN C 124 -19.53 40.40 2.42
N GLU C 125 -18.84 41.29 3.12
CA GLU C 125 -18.67 42.69 2.73
C GLU C 125 -17.96 42.81 1.37
N ARG C 126 -17.07 41.85 1.13
CA ARG C 126 -16.34 41.77 -0.14
C ARG C 126 -17.32 41.54 -1.28
N VAL C 127 -18.16 40.51 -1.18
CA VAL C 127 -19.14 40.25 -2.27
C VAL C 127 -20.18 41.34 -2.37
N LYS C 128 -20.66 41.84 -1.23
CA LYS C 128 -21.61 42.95 -1.13
C LYS C 128 -21.09 44.26 -1.76
N THR C 129 -19.83 44.29 -2.18
CA THR C 129 -19.17 45.40 -2.90
C THR C 129 -18.35 44.96 -4.13
N ALA C 130 -18.54 43.74 -4.66
CA ALA C 130 -17.83 43.27 -5.87
C ALA C 130 -18.52 43.70 -7.18
N GLY C 131 -19.83 43.89 -7.14
CA GLY C 131 -20.69 44.20 -8.29
C GLY C 131 -22.15 43.94 -7.94
N PHE C 132 -23.06 44.17 -8.88
CA PHE C 132 -24.47 43.90 -8.67
C PHE C 132 -24.75 42.40 -8.68
N TRP C 133 -25.51 41.90 -7.73
CA TRP C 133 -26.09 40.54 -7.71
C TRP C 133 -25.11 39.39 -7.98
N ILE C 134 -23.87 39.46 -7.50
CA ILE C 134 -22.88 38.35 -7.56
C ILE C 134 -23.22 37.23 -6.57
N ILE C 135 -22.82 36.01 -6.92
CA ILE C 135 -23.05 34.78 -6.17
C ILE C 135 -21.70 34.27 -5.65
N HIS C 136 -21.53 34.12 -4.34
CA HIS C 136 -20.34 33.48 -3.78
C HIS C 136 -20.41 31.97 -3.97
N PRO C 137 -19.34 31.26 -4.32
CA PRO C 137 -19.39 29.82 -4.51
C PRO C 137 -19.89 29.06 -3.28
N TYR C 138 -19.69 29.56 -2.07
CA TYR C 138 -20.08 28.89 -0.82
C TYR C 138 -21.44 29.33 -0.27
N SER C 139 -22.21 30.11 -1.04
CA SER C 139 -23.56 30.56 -0.69
C SER C 139 -24.58 29.45 -0.51
N ASP C 140 -25.65 29.71 0.23
CA ASP C 140 -26.84 28.85 0.24
C ASP C 140 -27.56 28.83 -1.11
N PHE C 141 -27.59 29.95 -1.84
CA PHE C 141 -28.19 29.96 -3.17
C PHE C 141 -27.46 29.05 -4.15
N ARG C 142 -26.15 29.01 -4.09
CA ARG C 142 -25.42 28.15 -4.96
C ARG C 142 -25.56 26.74 -4.56
N PHE C 143 -25.63 26.43 -3.31
CA PHE C 143 -25.96 25.09 -2.87
C PHE C 143 -27.32 24.63 -3.40
N TYR C 144 -28.38 25.39 -3.19
CA TYR C 144 -29.71 24.96 -3.60
C TYR C 144 -29.88 24.93 -5.12
N TRP C 145 -29.29 25.86 -5.85
CA TRP C 145 -29.25 25.77 -7.28
C TRP C 145 -28.53 24.52 -7.78
N ASP C 146 -27.33 24.23 -7.28
CA ASP C 146 -26.62 23.03 -7.71
C ASP C 146 -27.38 21.76 -7.33
N LEU C 147 -28.10 21.74 -6.21
CA LEU C 147 -28.95 20.62 -5.86
C LEU C 147 -30.11 20.44 -6.84
N ILE C 148 -30.70 21.51 -7.36
CA ILE C 148 -31.68 21.43 -8.45
C ILE C 148 -30.99 20.94 -9.73
N MET C 149 -29.82 21.47 -10.08
CA MET C 149 -29.08 21.01 -11.25
C MET C 149 -28.74 19.53 -11.19
N LEU C 150 -28.29 19.00 -10.07
CA LEU C 150 -27.92 17.59 -9.95
C LEU C 150 -29.14 16.68 -10.13
N ILE C 151 -30.31 17.06 -9.63
CA ILE C 151 -31.56 16.34 -9.88
C ILE C 151 -32.00 16.45 -11.34
N MET C 152 -31.89 17.62 -11.97
CA MET C 152 -32.13 17.76 -13.40
C MET C 152 -31.18 16.90 -14.23
N MET C 153 -29.87 17.01 -14.03
CA MET C 153 -28.88 16.28 -14.80
C MET C 153 -29.03 14.76 -14.68
N VAL C 154 -29.17 14.23 -13.47
CA VAL C 154 -29.35 12.78 -13.30
C VAL C 154 -30.61 12.29 -14.01
N GLY C 155 -31.68 13.08 -14.05
CA GLY C 155 -32.89 12.79 -14.81
C GLY C 155 -32.75 12.93 -16.32
N ASN C 156 -32.22 14.03 -16.84
CA ASN C 156 -32.03 14.21 -18.28
C ASN C 156 -31.06 13.19 -18.88
N LEU C 157 -29.92 12.90 -18.25
CA LEU C 157 -28.94 11.97 -18.81
C LEU C 157 -29.44 10.52 -18.85
N VAL C 158 -30.43 10.17 -18.04
CA VAL C 158 -31.15 8.90 -18.16
C VAL C 158 -32.21 8.95 -19.25
N ILE C 159 -33.09 9.95 -19.25
CA ILE C 159 -34.30 9.98 -20.08
C ILE C 159 -34.00 10.36 -21.53
N ILE C 160 -33.10 11.31 -21.80
CA ILE C 160 -32.80 11.83 -23.14
C ILE C 160 -32.37 10.75 -24.13
N PRO C 161 -31.37 9.88 -23.86
CA PRO C 161 -30.95 8.90 -24.84
C PRO C 161 -31.98 7.80 -25.06
N VAL C 162 -32.84 7.51 -24.08
CA VAL C 162 -33.99 6.61 -24.26
C VAL C 162 -35.03 7.23 -25.19
N GLY C 163 -35.39 8.50 -24.97
CA GLY C 163 -36.34 9.23 -25.79
C GLY C 163 -35.90 9.39 -27.24
N ILE C 164 -34.62 9.67 -27.46
CA ILE C 164 -34.05 9.76 -28.81
C ILE C 164 -34.01 8.40 -29.50
N THR C 165 -33.64 7.34 -28.80
CA THR C 165 -33.40 6.02 -29.38
C THR C 165 -34.68 5.22 -29.60
N PHE C 166 -35.58 5.15 -28.62
CA PHE C 166 -36.67 4.17 -28.60
C PHE C 166 -38.06 4.74 -28.94
N PHE C 167 -38.18 6.03 -29.23
CA PHE C 167 -39.43 6.67 -29.62
C PHE C 167 -39.34 7.30 -31.01
N THR C 168 -40.42 7.22 -31.78
CA THR C 168 -40.42 7.51 -33.21
C THR C 168 -40.10 8.97 -33.54
N GLU C 169 -40.63 9.90 -32.76
CA GLU C 169 -40.31 11.32 -32.82
C GLU C 169 -40.53 12.03 -31.48
N GLN C 170 -39.79 13.12 -31.26
CA GLN C 170 -39.87 13.98 -30.08
C GLN C 170 -40.54 15.33 -30.37
N THR C 171 -41.23 15.45 -31.50
CA THR C 171 -42.02 16.62 -31.90
C THR C 171 -43.43 16.67 -31.26
N THR C 172 -43.85 15.64 -30.52
CA THR C 172 -45.11 15.67 -29.75
C THR C 172 -45.00 16.53 -28.48
N THR C 173 -46.13 17.01 -27.99
CA THR C 173 -46.20 17.99 -26.91
C THR C 173 -45.48 17.59 -25.61
N PRO C 174 -45.62 16.38 -25.06
CA PRO C 174 -44.94 15.99 -23.83
C PRO C 174 -43.40 16.04 -23.92
N TRP C 175 -42.83 15.61 -25.06
CA TRP C 175 -41.39 15.70 -25.30
C TRP C 175 -40.94 17.13 -25.56
N ILE C 176 -41.71 17.95 -26.27
CA ILE C 176 -41.42 19.39 -26.43
C ILE C 176 -41.43 20.10 -25.07
N ILE C 177 -42.36 19.77 -24.18
CA ILE C 177 -42.44 20.37 -22.85
C ILE C 177 -41.24 19.98 -21.97
N PHE C 178 -40.86 18.71 -21.93
CA PHE C 178 -39.69 18.24 -21.21
C PHE C 178 -38.38 18.87 -21.72
N ASN C 179 -38.18 18.94 -23.04
CA ASN C 179 -36.95 19.46 -23.63
C ASN C 179 -36.84 20.98 -23.52
N VAL C 180 -37.94 21.72 -23.71
CA VAL C 180 -37.95 23.17 -23.52
C VAL C 180 -37.79 23.55 -22.05
N ALA C 181 -38.51 22.89 -21.12
CA ALA C 181 -38.39 23.14 -19.69
C ALA C 181 -36.99 22.82 -19.16
N SER C 182 -36.39 21.71 -19.58
CA SER C 182 -35.02 21.40 -19.22
C SER C 182 -34.05 22.42 -19.83
N ASP C 183 -34.13 22.72 -21.12
CA ASP C 183 -33.19 23.60 -21.77
C ASP C 183 -33.21 25.02 -21.18
N THR C 184 -34.36 25.56 -20.76
CA THR C 184 -34.37 26.87 -20.09
C THR C 184 -33.66 26.82 -18.74
N VAL C 185 -33.83 25.76 -17.95
CA VAL C 185 -33.13 25.58 -16.67
C VAL C 185 -31.62 25.44 -16.88
N PHE C 186 -31.17 24.65 -17.86
CA PHE C 186 -29.76 24.59 -18.23
C PHE C 186 -29.21 25.86 -18.87
N LEU C 187 -30.04 26.80 -19.30
CA LEU C 187 -29.65 28.11 -19.81
C LEU C 187 -29.58 29.16 -18.70
N LEU C 188 -30.46 29.09 -17.70
CA LEU C 188 -30.31 29.85 -16.47
C LEU C 188 -29.00 29.49 -15.76
N ASP C 189 -28.65 28.21 -15.71
CA ASP C 189 -27.39 27.76 -15.13
C ASP C 189 -26.17 28.31 -15.88
N LEU C 190 -26.23 28.36 -17.20
CA LEU C 190 -25.18 28.98 -18.02
C LEU C 190 -25.04 30.47 -17.70
N ILE C 191 -26.15 31.18 -17.51
CA ILE C 191 -26.13 32.60 -17.14
C ILE C 191 -25.56 32.81 -15.74
N MET C 192 -26.02 32.06 -14.72
CA MET C 192 -25.50 32.20 -13.36
C MET C 192 -24.00 31.92 -13.23
N ASN C 193 -23.40 31.15 -14.13
CA ASN C 193 -21.94 30.95 -14.13
C ASN C 193 -21.15 32.21 -14.54
N PHE C 194 -21.76 33.22 -15.16
CA PHE C 194 -21.18 34.55 -15.32
C PHE C 194 -21.33 35.46 -14.08
N ARG C 195 -22.07 35.00 -13.07
CA ARG C 195 -22.36 35.70 -11.81
C ARG C 195 -21.70 35.04 -10.60
N THR C 196 -21.15 33.84 -10.74
CA THR C 196 -20.64 33.04 -9.63
C THR C 196 -19.12 33.06 -9.57
N GLY C 197 -18.57 33.41 -8.40
CA GLY C 197 -17.13 33.41 -8.18
C GLY C 197 -16.50 32.02 -8.17
N THR C 198 -15.21 31.95 -8.43
CA THR C 198 -14.46 30.69 -8.53
C THR C 198 -13.50 30.48 -7.36
N VAL C 199 -13.44 29.26 -6.82
CA VAL C 199 -12.39 28.86 -5.88
C VAL C 199 -11.06 28.70 -6.62
N ASN C 200 -10.01 29.33 -6.13
CA ASN C 200 -8.69 29.28 -6.74
C ASN C 200 -7.88 28.07 -6.27
N GLU C 201 -7.06 27.49 -7.13
CA GLU C 201 -6.20 26.36 -6.78
C GLU C 201 -5.19 26.67 -5.67
N ASP C 202 -4.78 27.94 -5.52
CA ASP C 202 -3.94 28.42 -4.42
C ASP C 202 -4.73 28.90 -3.18
N SER C 203 -6.03 28.63 -3.08
CA SER C 203 -6.86 29.09 -1.96
C SER C 203 -6.83 30.61 -1.72
N SER C 204 -6.35 31.41 -2.67
CA SER C 204 -6.36 32.87 -2.60
C SER C 204 -7.78 33.40 -2.61
N GLU C 205 -7.93 34.69 -2.32
CA GLU C 205 -9.21 35.38 -2.27
C GLU C 205 -10.07 35.05 -3.49
N ILE C 206 -11.26 34.49 -3.25
CA ILE C 206 -12.19 33.98 -4.27
C ILE C 206 -12.30 34.98 -5.41
N ILE C 207 -12.21 34.51 -6.66
CA ILE C 207 -12.30 35.39 -7.83
C ILE C 207 -13.71 35.96 -7.89
N LEU C 208 -13.87 37.27 -7.72
CA LEU C 208 -15.18 37.93 -7.64
C LEU C 208 -15.35 39.15 -8.57
N ASP C 209 -14.32 39.56 -9.30
CA ASP C 209 -14.47 40.60 -10.31
C ASP C 209 -15.23 40.06 -11.52
N PRO C 210 -16.39 40.64 -11.93
CA PRO C 210 -17.15 40.15 -13.07
C PRO C 210 -16.35 39.93 -14.35
N LYS C 211 -15.36 40.77 -14.63
CA LYS C 211 -14.50 40.61 -15.80
C LYS C 211 -13.57 39.40 -15.74
N VAL C 212 -13.19 38.92 -14.55
CA VAL C 212 -12.36 37.72 -14.39
C VAL C 212 -13.22 36.47 -14.31
N ILE C 213 -14.38 36.53 -13.64
CA ILE C 213 -15.35 35.45 -13.62
C ILE C 213 -15.86 35.13 -15.04
N LYS C 214 -16.24 36.16 -15.82
CA LYS C 214 -16.54 36.03 -17.26
C LYS C 214 -15.34 35.52 -18.07
N MET C 215 -14.19 36.16 -17.99
CA MET C 215 -13.06 35.79 -18.85
C MET C 215 -12.52 34.39 -18.59
N ASN C 216 -12.56 33.91 -17.34
CA ASN C 216 -12.11 32.55 -17.01
C ASN C 216 -13.09 31.46 -17.48
N TYR C 217 -14.39 31.77 -17.55
CA TYR C 217 -15.40 30.81 -18.03
C TYR C 217 -15.32 30.60 -19.53
N LEU C 218 -15.12 31.67 -20.30
CA LEU C 218 -14.88 31.62 -21.75
C LEU C 218 -13.63 30.84 -22.11
N LYS C 219 -12.55 30.98 -21.35
CA LYS C 219 -11.32 30.22 -21.57
C LYS C 219 -11.41 28.73 -21.15
N SER C 220 -12.53 28.31 -20.55
CA SER C 220 -12.73 26.97 -20.03
C SER C 220 -14.02 26.34 -20.57
N TRP C 221 -15.05 26.23 -19.72
CA TRP C 221 -16.21 25.39 -19.97
C TRP C 221 -17.35 26.01 -20.77
N PHE C 222 -17.31 27.30 -21.08
CA PHE C 222 -18.45 27.96 -21.72
C PHE C 222 -18.90 27.30 -23.03
N VAL C 223 -17.98 26.89 -23.92
CA VAL C 223 -18.38 26.33 -25.22
C VAL C 223 -19.12 25.00 -25.08
N VAL C 224 -18.64 24.11 -24.21
CA VAL C 224 -19.28 22.82 -23.88
C VAL C 224 -20.60 23.03 -23.14
N ASP C 225 -20.67 23.98 -22.22
CA ASP C 225 -21.91 24.32 -21.52
C ASP C 225 -22.93 25.00 -22.43
N PHE C 226 -22.51 25.77 -23.44
CA PHE C 226 -23.40 26.45 -24.38
C PHE C 226 -24.07 25.46 -25.34
N ILE C 227 -23.29 24.66 -26.07
CA ILE C 227 -23.83 23.71 -27.07
C ILE C 227 -24.65 22.57 -26.45
N SER C 228 -24.57 22.34 -25.14
CA SER C 228 -25.45 21.44 -24.42
C SER C 228 -26.62 22.11 -23.71
N SER C 229 -26.68 23.43 -23.71
CA SER C 229 -27.76 24.21 -23.12
C SER C 229 -28.86 24.56 -24.13
N ILE C 230 -28.48 25.08 -25.31
CA ILE C 230 -29.44 25.48 -26.35
C ILE C 230 -30.08 24.28 -27.09
N PRO C 231 -31.33 24.40 -27.57
CA PRO C 231 -32.00 23.34 -28.34
C PRO C 231 -31.52 23.30 -29.80
N VAL C 232 -30.29 22.86 -30.04
CA VAL C 232 -29.64 22.83 -31.37
C VAL C 232 -30.44 22.05 -32.42
N ASP C 233 -31.09 20.97 -32.02
CA ASP C 233 -31.96 20.19 -32.89
C ASP C 233 -33.22 20.95 -33.29
N TYR C 234 -33.87 21.70 -32.40
CA TYR C 234 -35.07 22.46 -32.75
C TYR C 234 -34.76 23.70 -33.60
N ILE C 235 -33.67 24.43 -33.35
CA ILE C 235 -33.33 25.57 -34.22
C ILE C 235 -32.93 25.11 -35.61
N PHE C 236 -32.24 23.98 -35.74
CA PHE C 236 -31.90 23.35 -37.02
C PHE C 236 -33.15 22.90 -37.78
N LEU C 237 -34.11 22.29 -37.10
CA LEU C 237 -35.39 21.89 -37.67
C LEU C 237 -36.18 23.08 -38.20
N ILE C 238 -36.20 24.20 -37.47
CA ILE C 238 -36.83 25.45 -37.92
C ILE C 238 -36.09 26.02 -39.14
N VAL C 239 -34.76 26.06 -39.14
CA VAL C 239 -33.95 26.47 -40.30
C VAL C 239 -34.21 25.59 -41.53
N GLU C 240 -34.51 24.30 -41.36
CA GLU C 240 -34.93 23.42 -42.46
C GLU C 240 -36.28 23.80 -43.08
N LYS C 241 -37.21 24.39 -42.31
CA LYS C 241 -38.46 24.98 -42.82
C LYS C 241 -38.23 26.35 -43.46
N GLY C 242 -37.27 26.41 -44.39
CA GLY C 242 -36.95 27.64 -45.08
C GLY C 242 -35.54 27.62 -45.66
N ARG C 252 -35.33 14.56 -48.14
CA ARG C 252 -36.60 13.98 -47.69
C ARG C 252 -36.65 13.85 -46.18
N ALA C 253 -37.85 13.82 -45.59
CA ALA C 253 -38.06 13.91 -44.14
C ALA C 253 -37.26 12.87 -43.33
N LEU C 254 -37.17 11.63 -43.81
CA LEU C 254 -36.52 10.52 -43.11
C LEU C 254 -34.99 10.64 -43.00
N ARG C 255 -34.33 11.51 -43.76
CA ARG C 255 -32.93 11.85 -43.52
C ARG C 255 -32.77 12.92 -42.44
N ILE C 256 -33.68 13.91 -42.40
CA ILE C 256 -33.70 14.99 -41.40
C ILE C 256 -34.09 14.47 -40.03
N VAL C 257 -35.11 13.62 -39.95
CA VAL C 257 -35.54 12.97 -38.71
C VAL C 257 -34.44 12.06 -38.13
N ARG C 258 -33.46 11.73 -38.94
CA ARG C 258 -32.37 10.93 -38.44
C ARG C 258 -31.15 11.74 -38.12
N PHE C 259 -30.83 12.70 -38.91
CA PHE C 259 -29.74 13.62 -38.59
C PHE C 259 -30.02 14.48 -37.34
N THR C 260 -31.26 14.91 -37.12
CA THR C 260 -31.61 15.60 -35.87
C THR C 260 -31.41 14.73 -34.62
N LYS C 261 -31.54 13.40 -34.68
CA LYS C 261 -31.26 12.54 -33.51
C LYS C 261 -29.82 12.65 -33.04
N ILE C 262 -28.86 12.71 -33.96
CA ILE C 262 -27.45 12.89 -33.64
C ILE C 262 -27.20 14.26 -33.01
N LEU C 263 -27.80 15.34 -33.51
CA LEU C 263 -27.73 16.66 -32.89
C LEU C 263 -28.39 16.69 -31.51
N SER C 264 -29.46 15.93 -31.33
CA SER C 264 -30.24 15.90 -30.09
C SER C 264 -29.44 15.34 -28.92
N LEU C 265 -28.48 14.46 -29.19
CA LEU C 265 -27.51 13.91 -28.26
C LEU C 265 -26.36 14.87 -27.87
N LEU C 266 -26.26 16.08 -28.41
CA LEU C 266 -25.35 17.10 -27.86
C LEU C 266 -25.69 17.44 -26.40
N ARG C 267 -26.93 17.20 -25.98
CA ARG C 267 -27.37 17.31 -24.59
C ARG C 267 -26.61 16.39 -23.63
N LEU C 268 -25.96 15.31 -24.09
CA LEU C 268 -25.22 14.42 -23.21
C LEU C 268 -23.97 15.08 -22.61
N LEU C 269 -23.48 16.18 -23.19
CA LEU C 269 -22.35 16.94 -22.63
C LEU C 269 -22.70 17.67 -21.32
N ARG C 270 -23.93 17.50 -20.87
CA ARG C 270 -24.35 18.01 -19.58
C ARG C 270 -23.53 17.25 -18.52
N LEU C 271 -23.16 15.99 -18.84
CA LEU C 271 -22.32 15.16 -17.98
C LEU C 271 -21.11 15.93 -17.44
N SER C 272 -20.53 16.85 -18.20
CA SER C 272 -19.41 17.66 -17.72
C SER C 272 -19.80 18.52 -16.52
N ARG C 273 -20.97 19.17 -16.55
CA ARG C 273 -21.52 19.86 -15.37
C ARG C 273 -21.79 18.92 -14.21
N LEU C 274 -22.34 17.73 -14.45
CA LEU C 274 -22.56 16.75 -13.39
C LEU C 274 -21.25 16.38 -12.69
N ILE C 275 -20.19 16.12 -13.43
CA ILE C 275 -18.87 15.77 -12.88
C ILE C 275 -18.28 16.96 -12.09
N ARG C 276 -18.30 18.16 -12.67
CA ARG C 276 -17.84 19.40 -12.04
C ARG C 276 -18.59 19.74 -10.77
N TYR C 277 -19.92 19.76 -10.79
CA TYR C 277 -20.72 20.13 -9.64
C TYR C 277 -20.69 19.05 -8.55
N ILE C 278 -20.58 17.76 -8.88
CA ILE C 278 -20.33 16.72 -7.87
C ILE C 278 -18.98 16.96 -7.19
N HIS C 279 -17.90 17.20 -7.92
CA HIS C 279 -16.58 17.43 -7.33
C HIS C 279 -16.58 18.64 -6.39
N GLN C 280 -17.21 19.76 -6.77
CA GLN C 280 -17.27 20.96 -5.94
C GLN C 280 -18.00 20.73 -4.63
N TRP C 281 -19.09 19.96 -4.60
CA TRP C 281 -19.80 19.71 -3.36
C TRP C 281 -19.19 18.61 -2.51
N GLU C 282 -18.43 17.70 -3.09
CA GLU C 282 -17.63 16.76 -2.30
C GLU C 282 -16.46 17.43 -1.59
N GLU C 283 -15.78 18.37 -2.21
CA GLU C 283 -14.74 19.15 -1.55
C GLU C 283 -15.29 19.95 -0.35
N ILE C 284 -16.52 20.46 -0.46
CA ILE C 284 -17.21 21.15 0.63
C ILE C 284 -17.67 20.16 1.72
N PHE C 285 -18.31 19.04 1.38
CA PHE C 285 -18.74 18.07 2.39
C PHE C 285 -17.56 17.35 3.08
N HIS C 286 -16.40 17.21 2.43
CA HIS C 286 -15.19 16.70 3.09
C HIS C 286 -14.78 17.56 4.28
N MET C 287 -14.70 18.89 4.11
CA MET C 287 -14.43 19.79 5.25
C MET C 287 -15.68 20.19 6.03
N THR C 288 -16.64 19.26 6.14
CA THR C 288 -17.87 19.43 6.92
C THR C 288 -18.26 18.17 7.71
N TYR C 289 -18.14 16.96 7.15
CA TYR C 289 -18.91 15.79 7.63
C TYR C 289 -18.12 14.51 7.91
N ASP C 290 -16.79 14.53 7.92
CA ASP C 290 -15.94 13.37 8.27
C ASP C 290 -16.16 12.14 7.37
N LEU C 291 -15.72 12.25 6.11
CA LEU C 291 -15.94 11.29 5.03
C LEU C 291 -14.70 10.42 4.81
N ALA C 292 -14.88 9.10 4.70
CA ALA C 292 -13.86 8.21 4.15
C ALA C 292 -13.74 8.42 2.62
N SER C 293 -12.58 8.86 2.12
CA SER C 293 -12.42 9.22 0.70
C SER C 293 -12.69 8.06 -0.25
N ALA C 294 -12.27 6.85 0.09
CA ALA C 294 -12.46 5.68 -0.77
C ALA C 294 -13.94 5.27 -0.91
N VAL C 295 -14.77 5.51 0.12
CA VAL C 295 -16.22 5.23 0.06
C VAL C 295 -16.90 6.19 -0.90
N VAL C 296 -16.57 7.47 -0.80
CA VAL C 296 -17.10 8.52 -1.69
C VAL C 296 -16.76 8.24 -3.15
N ARG C 297 -15.50 7.91 -3.44
CA ARG C 297 -15.03 7.58 -4.80
C ARG C 297 -15.63 6.28 -5.36
N ILE C 298 -15.90 5.28 -4.52
CA ILE C 298 -16.63 4.08 -4.91
C ILE C 298 -18.04 4.41 -5.39
N PHE C 299 -18.82 5.21 -4.65
CA PHE C 299 -20.21 5.47 -5.04
C PHE C 299 -20.34 6.37 -6.27
N ASN C 300 -19.40 7.28 -6.51
CA ASN C 300 -19.31 8.05 -7.74
C ASN C 300 -19.03 7.17 -8.97
N LEU C 301 -18.12 6.21 -8.84
CA LEU C 301 -17.80 5.27 -9.90
C LEU C 301 -18.98 4.33 -10.20
N ILE C 302 -19.68 3.77 -9.22
CA ILE C 302 -20.87 2.95 -9.45
C ILE C 302 -21.94 3.72 -10.24
N GLY C 303 -22.18 5.00 -9.93
CA GLY C 303 -23.12 5.82 -10.66
C GLY C 303 -22.72 6.02 -12.12
N MET C 304 -21.45 6.34 -12.35
CA MET C 304 -20.87 6.44 -13.69
C MET C 304 -20.93 5.13 -14.49
N LEU C 305 -20.65 3.97 -13.89
CA LEU C 305 -20.71 2.67 -14.56
C LEU C 305 -22.12 2.31 -15.01
N LEU C 306 -23.11 2.53 -14.14
CA LEU C 306 -24.52 2.30 -14.49
C LEU C 306 -24.96 3.21 -15.63
N LEU C 307 -24.54 4.47 -15.63
CA LEU C 307 -24.83 5.42 -16.70
C LEU C 307 -24.17 5.04 -18.03
N LEU C 308 -22.90 4.63 -18.03
CA LEU C 308 -22.21 4.17 -19.23
C LEU C 308 -22.87 2.93 -19.81
N CYS C 309 -23.27 1.97 -18.98
CA CYS C 309 -24.00 0.80 -19.41
C CYS C 309 -25.35 1.15 -20.05
N HIS C 310 -26.08 2.08 -19.44
CA HIS C 310 -27.33 2.62 -19.97
C HIS C 310 -27.17 3.30 -21.33
N TRP C 311 -26.16 4.15 -21.51
CA TRP C 311 -25.87 4.79 -22.78
C TRP C 311 -25.35 3.83 -23.84
N ASP C 312 -24.52 2.86 -23.51
CA ASP C 312 -24.14 1.79 -24.43
C ASP C 312 -25.38 0.98 -24.84
N GLY C 313 -26.28 0.66 -23.91
CA GLY C 313 -27.57 0.07 -24.22
C GLY C 313 -28.35 0.85 -25.26
N CYS C 314 -28.42 2.17 -25.18
CA CYS C 314 -29.05 2.99 -26.21
C CYS C 314 -28.26 2.96 -27.51
N LEU C 315 -26.93 3.07 -27.48
CA LEU C 315 -26.06 2.98 -28.65
C LEU C 315 -26.20 1.66 -29.42
N GLN C 316 -26.34 0.51 -28.75
CA GLN C 316 -26.55 -0.80 -29.38
C GLN C 316 -27.75 -0.80 -30.33
N PHE C 317 -28.82 -0.08 -29.99
CA PHE C 317 -30.02 0.02 -30.82
C PHE C 317 -30.02 1.24 -31.75
N LEU C 318 -29.42 2.35 -31.34
CA LEU C 318 -29.37 3.58 -32.12
C LEU C 318 -28.64 3.40 -33.44
N VAL C 319 -27.50 2.72 -33.47
CA VAL C 319 -26.74 2.55 -34.71
C VAL C 319 -27.50 1.72 -35.75
N PRO C 320 -28.12 0.56 -35.42
CA PRO C 320 -29.14 -0.05 -36.28
C PRO C 320 -30.28 0.86 -36.70
N LEU C 321 -30.86 1.65 -35.80
CA LEU C 321 -31.96 2.55 -36.12
C LEU C 321 -31.60 3.59 -37.18
N LEU C 322 -30.45 4.23 -37.05
CA LEU C 322 -29.99 5.22 -38.02
C LEU C 322 -29.68 4.62 -39.40
N GLN C 323 -29.40 3.33 -39.48
CA GLN C 323 -29.24 2.57 -40.71
C GLN C 323 -30.55 1.94 -41.20
N ASP C 324 -31.69 2.28 -40.61
CA ASP C 324 -33.01 1.74 -40.93
C ASP C 324 -33.15 0.23 -40.73
N PHE C 325 -32.52 -0.31 -39.68
CA PHE C 325 -32.53 -1.74 -39.32
C PHE C 325 -32.17 -2.66 -40.50
N PRO C 326 -30.92 -2.66 -40.95
CA PRO C 326 -30.50 -3.51 -42.05
C PRO C 326 -30.67 -5.00 -41.71
N PRO C 327 -30.80 -5.89 -42.70
CA PRO C 327 -31.19 -7.27 -42.47
C PRO C 327 -30.15 -8.12 -41.75
N ASP C 328 -28.90 -7.68 -41.66
CA ASP C 328 -27.81 -8.36 -40.95
C ASP C 328 -27.52 -7.84 -39.53
N CYS C 329 -28.33 -6.94 -38.97
CA CYS C 329 -28.14 -6.44 -37.60
C CYS C 329 -28.94 -7.23 -36.55
N TRP C 330 -28.54 -7.15 -35.28
CA TRP C 330 -29.14 -7.93 -34.20
C TRP C 330 -30.64 -7.70 -34.00
N VAL C 331 -31.15 -6.51 -34.30
CA VAL C 331 -32.56 -6.16 -34.14
C VAL C 331 -33.42 -6.90 -35.17
N SER C 332 -32.93 -7.00 -36.41
CA SER C 332 -33.54 -7.80 -37.47
C SER C 332 -33.34 -9.30 -37.26
N LEU C 333 -32.14 -9.76 -36.89
CA LEU C 333 -31.86 -11.18 -36.65
C LEU C 333 -32.70 -11.74 -35.51
N ASN C 334 -32.89 -11.00 -34.43
CA ASN C 334 -33.75 -11.40 -33.32
C ASN C 334 -35.23 -11.03 -33.58
N GLU C 335 -35.57 -10.49 -34.74
CA GLU C 335 -36.93 -10.20 -35.19
C GLU C 335 -37.74 -9.30 -34.26
N MET C 336 -37.13 -8.25 -33.72
CA MET C 336 -37.76 -7.38 -32.71
C MET C 336 -37.88 -5.91 -33.11
N VAL C 337 -37.77 -5.58 -34.40
CA VAL C 337 -37.97 -4.21 -34.92
C VAL C 337 -39.35 -3.64 -34.58
N ASN C 338 -40.39 -4.47 -34.47
CA ASN C 338 -41.76 -4.05 -34.20
C ASN C 338 -42.18 -4.15 -32.72
N ASP C 339 -41.30 -4.59 -31.82
CA ASP C 339 -41.60 -4.72 -30.39
C ASP C 339 -41.89 -3.38 -29.72
N SER C 340 -42.47 -3.42 -28.53
CA SER C 340 -42.62 -2.26 -27.67
C SER C 340 -41.26 -1.74 -27.20
N TRP C 341 -41.20 -0.44 -26.88
CA TRP C 341 -39.96 0.23 -26.48
C TRP C 341 -39.30 -0.42 -25.26
N GLY C 342 -40.07 -0.98 -24.33
CA GLY C 342 -39.57 -1.62 -23.12
C GLY C 342 -38.89 -2.96 -23.34
N LYS C 343 -39.34 -3.78 -24.29
CA LYS C 343 -38.63 -4.99 -24.69
C LYS C 343 -37.34 -4.66 -25.44
N GLN C 344 -37.40 -3.72 -26.38
CA GLN C 344 -36.23 -3.30 -27.13
C GLN C 344 -35.16 -2.71 -26.22
N TYR C 345 -35.58 -1.88 -25.26
CA TYR C 345 -34.63 -1.30 -24.31
C TYR C 345 -33.99 -2.39 -23.43
N SER C 346 -34.81 -3.28 -22.88
CA SER C 346 -34.33 -4.36 -22.04
C SER C 346 -33.34 -5.25 -22.75
N TYR C 347 -33.59 -5.57 -24.02
CA TYR C 347 -32.67 -6.39 -24.79
C TYR C 347 -31.36 -5.63 -25.03
N ALA C 348 -31.48 -4.41 -25.54
CA ALA C 348 -30.32 -3.57 -25.80
C ALA C 348 -29.46 -3.37 -24.55
N LEU C 349 -30.06 -3.15 -23.38
CA LEU C 349 -29.35 -3.04 -22.12
C LEU C 349 -28.66 -4.36 -21.76
N PHE C 350 -29.34 -5.50 -21.89
CA PHE C 350 -28.76 -6.81 -21.69
C PHE C 350 -27.57 -7.08 -22.61
N LYS C 351 -27.66 -6.67 -23.87
CA LYS C 351 -26.58 -6.78 -24.83
C LYS C 351 -25.38 -5.91 -24.45
N ALA C 352 -25.59 -4.65 -24.09
CA ALA C 352 -24.53 -3.78 -23.60
C ALA C 352 -23.86 -4.30 -22.33
N MET C 353 -24.65 -4.69 -21.36
CA MET C 353 -24.15 -5.22 -20.10
C MET C 353 -23.39 -6.52 -20.29
N SER C 354 -23.83 -7.38 -21.21
CA SER C 354 -23.10 -8.58 -21.58
C SER C 354 -21.74 -8.28 -22.16
N HIS C 355 -21.64 -7.31 -23.07
CA HIS C 355 -20.36 -6.89 -23.66
C HIS C 355 -19.45 -6.29 -22.62
N MET C 356 -19.96 -5.39 -21.81
CA MET C 356 -19.17 -4.65 -20.84
C MET C 356 -18.68 -5.46 -19.66
N LEU C 357 -19.46 -6.42 -19.15
CA LEU C 357 -18.99 -7.40 -18.17
C LEU C 357 -18.24 -8.57 -18.80
N CYS C 358 -18.06 -8.58 -20.12
CA CYS C 358 -17.40 -9.64 -20.86
C CYS C 358 -18.02 -11.03 -20.63
N ILE C 359 -19.34 -11.15 -20.41
CA ILE C 359 -20.02 -12.44 -20.21
C ILE C 359 -20.48 -13.08 -21.53
N GLY C 360 -20.71 -12.30 -22.57
CA GLY C 360 -21.12 -12.84 -23.86
C GLY C 360 -21.63 -11.75 -24.77
N TYR C 361 -22.17 -12.14 -25.92
CA TYR C 361 -22.54 -11.21 -26.99
C TYR C 361 -24.03 -10.82 -27.04
N GLY C 362 -24.87 -11.44 -26.23
CA GLY C 362 -26.31 -11.57 -26.45
C GLY C 362 -26.66 -12.94 -27.04
N ALA C 363 -27.70 -13.02 -27.87
CA ALA C 363 -28.18 -14.27 -28.46
C ALA C 363 -27.14 -15.00 -29.34
N GLN C 364 -26.30 -14.25 -30.05
CA GLN C 364 -25.25 -14.76 -30.93
C GLN C 364 -24.12 -13.73 -31.10
N ALA C 365 -22.97 -14.17 -31.60
CA ALA C 365 -21.88 -13.28 -32.01
C ALA C 365 -22.31 -12.32 -33.13
N PRO C 366 -21.71 -11.11 -33.26
CA PRO C 366 -22.02 -10.15 -34.32
C PRO C 366 -21.81 -10.72 -35.73
N VAL C 367 -22.56 -10.19 -36.69
CA VAL C 367 -22.50 -10.55 -38.12
C VAL C 367 -22.15 -9.36 -39.01
N SER C 368 -22.80 -8.21 -38.86
CA SER C 368 -22.50 -7.02 -39.66
C SER C 368 -21.29 -6.25 -39.17
N MET C 369 -20.67 -5.42 -40.01
CA MET C 369 -19.55 -4.57 -39.65
C MET C 369 -19.88 -3.54 -38.56
N SER C 370 -21.10 -3.00 -38.55
CA SER C 370 -21.52 -2.09 -37.49
C SER C 370 -21.61 -2.81 -36.17
N ASP C 371 -22.24 -3.98 -36.12
CA ASP C 371 -22.34 -4.74 -34.89
C ASP C 371 -20.97 -5.22 -34.40
N LEU C 372 -20.04 -5.61 -35.27
CA LEU C 372 -18.66 -5.94 -34.89
C LEU C 372 -17.99 -4.79 -34.16
N TRP C 373 -17.94 -3.62 -34.78
CA TRP C 373 -17.19 -2.48 -34.24
C TRP C 373 -17.85 -1.85 -33.03
N ILE C 374 -19.19 -1.79 -32.97
CA ILE C 374 -19.90 -1.36 -31.77
C ILE C 374 -19.73 -2.36 -30.64
N THR C 375 -19.72 -3.66 -30.91
CA THR C 375 -19.41 -4.66 -29.89
C THR C 375 -17.99 -4.52 -29.36
N MET C 376 -16.98 -4.36 -30.22
CA MET C 376 -15.59 -4.20 -29.77
C MET C 376 -15.38 -2.93 -28.95
N LEU C 377 -15.97 -1.81 -29.36
CA LEU C 377 -15.97 -0.58 -28.59
C LEU C 377 -16.53 -0.81 -27.17
N SER C 378 -17.67 -1.47 -27.08
CA SER C 378 -18.32 -1.81 -25.81
C SER C 378 -17.48 -2.71 -24.92
N MET C 379 -16.80 -3.71 -25.49
CA MET C 379 -15.88 -4.57 -24.76
C MET C 379 -14.68 -3.80 -24.20
N ILE C 380 -14.01 -2.97 -24.99
CA ILE C 380 -12.84 -2.19 -24.54
C ILE C 380 -13.23 -1.21 -23.47
N VAL C 381 -14.33 -0.48 -23.64
CA VAL C 381 -14.80 0.47 -22.64
C VAL C 381 -15.18 -0.25 -21.36
N GLY C 382 -15.97 -1.32 -21.43
CA GLY C 382 -16.37 -2.08 -20.26
C GLY C 382 -15.24 -2.77 -19.51
N ALA C 383 -14.29 -3.40 -20.19
CA ALA C 383 -13.12 -4.00 -19.55
C ALA C 383 -12.22 -2.98 -18.86
N THR C 384 -12.04 -1.80 -19.44
CA THR C 384 -11.33 -0.69 -18.81
C THR C 384 -12.05 -0.22 -17.55
N CYS C 385 -13.35 -0.02 -17.63
CA CYS C 385 -14.16 0.42 -16.51
C CYS C 385 -14.20 -0.60 -15.37
N TYR C 386 -14.29 -1.90 -15.66
CA TYR C 386 -14.19 -2.95 -14.65
C TYR C 386 -12.83 -2.98 -13.95
N ALA C 387 -11.72 -2.77 -14.67
CA ALA C 387 -10.41 -2.69 -14.04
C ALA C 387 -10.28 -1.49 -13.11
N MET C 388 -10.83 -0.33 -13.48
CA MET C 388 -10.91 0.83 -12.59
C MET C 388 -11.77 0.56 -11.36
N PHE C 389 -12.88 -0.14 -11.51
CA PHE C 389 -13.70 -0.55 -10.38
C PHE C 389 -12.95 -1.47 -9.43
N VAL C 390 -12.24 -2.49 -9.91
CA VAL C 390 -11.40 -3.35 -9.09
C VAL C 390 -10.30 -2.58 -8.38
N GLY C 391 -9.71 -1.57 -9.02
CA GLY C 391 -8.78 -0.64 -8.40
C GLY C 391 -9.37 0.16 -7.24
N HIS C 392 -10.57 0.68 -7.37
CA HIS C 392 -11.28 1.35 -6.29
C HIS C 392 -11.71 0.41 -5.17
N ALA C 393 -12.20 -0.79 -5.47
CA ALA C 393 -12.55 -1.77 -4.46
C ALA C 393 -11.33 -2.14 -3.63
N THR C 394 -10.18 -2.34 -4.27
CA THR C 394 -8.92 -2.64 -3.59
C THR C 394 -8.50 -1.51 -2.66
N ALA C 395 -8.58 -0.25 -3.09
CA ALA C 395 -8.27 0.91 -2.26
C ALA C 395 -9.24 1.08 -1.10
N LEU C 396 -10.54 0.85 -1.29
CA LEU C 396 -11.50 0.84 -0.19
C LEU C 396 -11.14 -0.24 0.83
N ILE C 397 -10.89 -1.46 0.41
CA ILE C 397 -10.61 -2.57 1.33
C ILE C 397 -9.32 -2.33 2.13
N GLN C 398 -8.25 -1.79 1.55
CA GLN C 398 -7.05 -1.38 2.29
C GLN C 398 -7.30 -0.24 3.30
N SER C 399 -8.23 0.67 3.06
CA SER C 399 -8.57 1.69 4.04
C SER C 399 -9.30 1.13 5.28
N LEU C 400 -9.96 -0.03 5.16
CA LEU C 400 -10.90 -0.52 6.18
C LEU C 400 -10.23 -1.29 7.32
N ASP C 401 -9.07 -1.91 7.14
CA ASP C 401 -8.34 -2.55 8.25
C ASP C 401 -6.92 -2.03 8.40
N SER C 402 -6.71 -0.74 8.14
CA SER C 402 -5.40 -0.11 8.20
C SER C 402 -4.73 -0.23 9.56
N SER C 403 -5.49 -0.12 10.65
CA SER C 403 -4.98 -0.28 12.01
C SER C 403 -4.41 -1.66 12.26
N ARG C 404 -5.09 -2.70 11.76
CA ARG C 404 -4.63 -4.09 11.88
C ARG C 404 -3.44 -4.36 11.01
N ARG C 405 -3.46 -3.96 9.73
CA ARG C 405 -2.28 -4.04 8.87
C ARG C 405 -1.07 -3.41 9.52
N GLN C 406 -1.20 -2.22 10.09
CA GLN C 406 -0.08 -1.50 10.67
C GLN C 406 0.45 -2.16 11.93
N TYR C 407 -0.40 -2.69 12.81
CA TYR C 407 0.06 -3.49 13.94
C TYR C 407 0.79 -4.75 13.48
N GLN C 408 0.33 -5.44 12.45
CA GLN C 408 1.04 -6.60 11.92
C GLN C 408 2.38 -6.25 11.31
N GLU C 409 2.51 -5.17 10.55
CA GLU C 409 3.81 -4.71 10.06
C GLU C 409 4.77 -4.38 11.19
N LYS C 410 4.33 -3.69 12.23
CA LYS C 410 5.11 -3.41 13.44
C LYS C 410 5.59 -4.69 14.09
N TYR C 411 4.67 -5.62 14.34
CA TYR C 411 5.03 -6.89 14.96
C TYR C 411 6.04 -7.69 14.15
N LYS C 412 5.83 -7.78 12.84
CA LYS C 412 6.73 -8.53 11.96
C LYS C 412 8.15 -7.96 11.97
N GLN C 413 8.35 -6.67 12.21
CA GLN C 413 9.68 -6.11 12.47
C GLN C 413 10.25 -6.50 13.82
N VAL C 414 9.43 -6.70 14.85
CA VAL C 414 9.89 -7.28 16.12
C VAL C 414 10.36 -8.71 15.94
N GLU C 415 9.66 -9.54 15.17
CA GLU C 415 10.11 -10.89 14.82
C GLU C 415 11.42 -10.87 14.05
N GLN C 416 11.63 -9.94 13.12
CA GLN C 416 12.90 -9.76 12.42
C GLN C 416 14.06 -9.42 13.34
N TYR C 417 13.80 -8.62 14.37
CA TYR C 417 14.85 -8.28 15.33
C TYR C 417 15.29 -9.53 16.11
N MET C 418 14.32 -10.29 16.61
CA MET C 418 14.61 -11.52 17.37
C MET C 418 15.28 -12.58 16.52
N SER C 419 14.90 -12.68 15.25
CA SER C 419 15.54 -13.53 14.26
C SER C 419 16.97 -13.13 13.97
N PHE C 420 17.27 -11.86 13.74
CA PHE C 420 18.62 -11.36 13.51
C PHE C 420 19.55 -11.65 14.68
N HIS C 421 19.10 -11.45 15.91
CA HIS C 421 19.85 -11.76 17.12
C HIS C 421 19.81 -13.22 17.54
N LYS C 422 19.07 -14.08 16.84
CA LYS C 422 18.94 -15.51 17.13
C LYS C 422 18.55 -15.79 18.58
N LEU C 423 17.56 -15.05 19.10
CA LEU C 423 17.07 -15.23 20.46
C LEU C 423 16.37 -16.60 20.63
N PRO C 424 16.50 -17.28 21.79
CA PRO C 424 15.84 -18.56 22.07
C PRO C 424 14.31 -18.52 21.99
N ALA C 425 13.66 -19.63 21.67
CA ALA C 425 12.20 -19.68 21.50
C ALA C 425 11.39 -19.25 22.73
N ASP C 426 11.86 -19.52 23.95
CA ASP C 426 11.17 -19.08 25.16
C ASP C 426 11.37 -17.58 25.44
N MET C 427 12.49 -16.99 25.06
CA MET C 427 12.70 -15.55 25.09
C MET C 427 11.82 -14.85 24.06
N ARG C 428 11.67 -15.41 22.86
CA ARG C 428 10.72 -14.90 21.86
C ARG C 428 9.28 -14.96 22.31
N GLN C 429 8.86 -16.05 22.96
CA GLN C 429 7.51 -16.14 23.53
C GLN C 429 7.28 -15.13 24.63
N LYS C 430 8.27 -14.87 25.47
CA LYS C 430 8.21 -13.84 26.50
C LYS C 430 8.10 -12.44 25.91
N ILE C 431 8.80 -12.13 24.82
CA ILE C 431 8.68 -10.85 24.13
C ILE C 431 7.31 -10.71 23.46
N HIS C 432 6.84 -11.73 22.76
CA HIS C 432 5.52 -11.74 22.12
C HIS C 432 4.40 -11.52 23.15
N ASP C 433 4.46 -12.22 24.27
CA ASP C 433 3.55 -12.11 25.40
C ASP C 433 3.57 -10.72 26.05
N TYR C 434 4.73 -10.07 26.14
CA TYR C 434 4.83 -8.69 26.57
C TYR C 434 4.16 -7.73 25.59
N TYR C 435 4.37 -7.87 24.28
CA TYR C 435 3.77 -6.96 23.31
C TYR C 435 2.26 -7.03 23.32
N GLU C 436 1.67 -8.21 23.45
CA GLU C 436 0.22 -8.38 23.57
C GLU C 436 -0.34 -7.78 24.85
N HIS C 437 0.29 -7.90 26.00
CA HIS C 437 -0.17 -7.20 27.20
C HIS C 437 0.12 -5.70 27.19
N ARG C 438 1.23 -5.28 26.58
CA ARG C 438 1.59 -3.85 26.58
C ARG C 438 0.84 -2.95 25.59
N TYR C 439 0.42 -3.50 24.47
CA TYR C 439 -0.27 -2.76 23.42
C TYR C 439 -1.67 -3.28 23.10
N GLN C 440 -2.04 -4.49 23.50
CA GLN C 440 -3.39 -5.03 23.33
C GLN C 440 -3.89 -4.95 21.88
N GLY C 441 -3.02 -5.28 20.93
CA GLY C 441 -3.29 -5.26 19.50
C GLY C 441 -3.41 -3.87 18.87
N LYS C 442 -3.15 -2.79 19.59
CA LYS C 442 -3.36 -1.41 19.14
C LYS C 442 -2.03 -0.77 18.77
N ILE C 443 -1.95 -0.17 17.60
CA ILE C 443 -0.83 0.65 17.18
C ILE C 443 -1.18 2.13 17.26
N PHE C 444 -0.35 2.87 17.99
CA PHE C 444 -0.38 4.31 18.12
C PHE C 444 1.00 4.75 18.63
N ASP C 445 1.35 6.00 18.46
CA ASP C 445 2.59 6.58 19.01
C ASP C 445 2.23 7.69 19.99
N GLU C 446 2.22 7.36 21.29
CA GLU C 446 1.73 8.26 22.34
C GLU C 446 2.50 9.59 22.37
N GLU C 447 3.81 9.59 22.16
CA GLU C 447 4.60 10.82 22.17
C GLU C 447 4.20 11.77 21.05
N ASN C 448 3.94 11.27 19.84
CA ASN C 448 3.46 12.11 18.75
C ASN C 448 2.06 12.64 19.03
N ILE C 449 1.15 11.80 19.50
CA ILE C 449 -0.23 12.20 19.78
C ILE C 449 -0.27 13.27 20.88
N LEU C 450 0.43 13.09 21.99
CA LEU C 450 0.46 14.10 23.03
C LEU C 450 1.16 15.40 22.58
N ASN C 451 2.18 15.36 21.74
CA ASN C 451 2.80 16.58 21.22
C ASN C 451 1.87 17.38 20.30
N GLU C 452 0.96 16.74 19.58
CA GLU C 452 0.01 17.42 18.68
C GLU C 452 -1.15 18.13 19.39
N LEU C 453 -1.52 17.70 20.58
CA LEU C 453 -2.57 18.28 21.41
C LEU C 453 -2.19 19.66 21.97
N ASN C 454 -3.15 20.39 22.54
CA ASN C 454 -2.88 21.60 23.30
C ASN C 454 -2.74 21.30 24.80
N ASP C 455 -2.38 22.30 25.59
CA ASP C 455 -2.21 22.14 27.04
C ASP C 455 -3.47 21.73 27.81
N PRO C 456 -4.65 22.31 27.55
CA PRO C 456 -5.91 21.83 28.11
C PRO C 456 -6.23 20.36 27.84
N LEU C 457 -6.07 19.86 26.62
CA LEU C 457 -6.35 18.47 26.29
C LEU C 457 -5.35 17.52 26.94
N ARG C 458 -4.06 17.85 26.98
CA ARG C 458 -3.06 17.01 27.67
C ARG C 458 -3.37 16.91 29.15
N GLU C 459 -3.65 17.99 29.86
CA GLU C 459 -3.95 17.89 31.29
C GLU C 459 -5.28 17.20 31.58
N GLU C 460 -6.27 17.33 30.70
CA GLU C 460 -7.53 16.58 30.79
C GLU C 460 -7.34 15.06 30.63
N ILE C 461 -6.52 14.60 29.69
CA ILE C 461 -6.18 13.18 29.52
C ILE C 461 -5.35 12.65 30.68
N VAL C 462 -4.33 13.39 31.12
CA VAL C 462 -3.47 13.00 32.24
C VAL C 462 -4.26 12.88 33.54
N ASN C 463 -5.19 13.78 33.84
CA ASN C 463 -6.04 13.68 35.01
C ASN C 463 -6.96 12.45 34.94
N PHE C 464 -7.47 12.09 33.77
CA PHE C 464 -8.29 10.90 33.63
C PHE C 464 -7.49 9.62 33.90
N ASN C 465 -6.27 9.52 33.39
CA ASN C 465 -5.43 8.35 33.58
C ASN C 465 -4.89 8.21 35.00
N CYS C 466 -4.38 9.29 35.60
CA CYS C 466 -3.45 9.17 36.72
C CYS C 466 -3.91 9.79 38.04
N ARG C 467 -4.91 10.68 38.09
CA ARG C 467 -5.30 11.34 39.34
C ARG C 467 -5.87 10.36 40.39
N LYS C 468 -6.65 9.37 39.94
CA LYS C 468 -7.17 8.30 40.80
C LYS C 468 -6.09 7.42 41.45
N LEU C 469 -4.89 7.36 40.90
CA LEU C 469 -3.75 6.71 41.51
C LEU C 469 -3.06 7.65 42.51
N VAL C 470 -2.46 8.73 42.01
CA VAL C 470 -1.55 9.56 42.79
C VAL C 470 -2.21 10.37 43.91
N ALA C 471 -3.52 10.66 43.85
CA ALA C 471 -4.21 11.43 44.88
C ALA C 471 -4.26 10.71 46.25
N THR C 472 -4.12 9.39 46.26
CA THR C 472 -4.17 8.58 47.49
C THR C 472 -2.87 8.59 48.29
N MET C 473 -1.77 9.09 47.72
CA MET C 473 -0.45 9.07 48.35
C MET C 473 -0.25 10.29 49.26
N PRO C 474 0.28 10.14 50.50
CA PRO C 474 0.32 11.23 51.46
C PRO C 474 1.22 12.40 51.04
N LEU C 475 2.27 12.13 50.25
CA LEU C 475 3.14 13.17 49.67
C LEU C 475 2.35 14.17 48.82
N PHE C 476 1.31 13.73 48.11
CA PHE C 476 0.55 14.56 47.15
C PHE C 476 -0.83 14.97 47.66
N ALA C 477 -1.42 14.26 48.62
CA ALA C 477 -2.70 14.64 49.22
C ALA C 477 -2.68 16.03 49.88
N ASN C 478 -1.50 16.53 50.26
CA ASN C 478 -1.30 17.87 50.82
C ASN C 478 -1.04 19.00 49.80
N ALA C 479 -0.81 18.69 48.53
CA ALA C 479 -0.26 19.64 47.55
C ALA C 479 -1.33 20.45 46.79
N ASP C 480 -0.90 21.58 46.20
CA ASP C 480 -1.74 22.43 45.35
C ASP C 480 -1.99 21.81 43.97
N PRO C 481 -3.22 21.81 43.41
CA PRO C 481 -3.52 21.12 42.15
C PRO C 481 -2.62 21.48 40.97
N ASN C 482 -2.17 22.73 40.87
CA ASN C 482 -1.29 23.14 39.77
C ASN C 482 0.13 22.52 39.87
N PHE C 483 0.54 21.99 41.01
CA PHE C 483 1.74 21.15 41.15
C PHE C 483 1.44 19.69 40.79
N VAL C 484 0.32 19.15 41.28
CA VAL C 484 -0.09 17.77 40.99
C VAL C 484 -0.21 17.55 39.49
N THR C 485 -0.90 18.41 38.74
CA THR C 485 -1.00 18.30 37.28
C THR C 485 0.36 18.33 36.58
N ALA C 486 1.32 19.10 37.10
CA ALA C 486 2.68 19.16 36.54
C ALA C 486 3.44 17.85 36.80
N MET C 487 3.26 17.27 37.98
CA MET C 487 3.84 15.99 38.38
C MET C 487 3.24 14.81 37.63
N LEU C 488 1.92 14.70 37.51
CA LEU C 488 1.27 13.64 36.74
C LEU C 488 1.74 13.56 35.28
N SER C 489 2.16 14.67 34.67
CA SER C 489 2.66 14.66 33.30
C SER C 489 4.02 13.98 33.13
N LYS C 490 4.77 13.74 34.21
CA LYS C 490 6.05 13.03 34.24
C LYS C 490 5.93 11.53 34.50
N LEU C 491 4.75 11.01 34.76
CA LEU C 491 4.52 9.58 34.96
C LEU C 491 4.71 8.84 33.64
N ARG C 492 5.37 7.68 33.69
CA ARG C 492 5.60 6.84 32.52
C ARG C 492 4.96 5.47 32.74
N PHE C 493 4.18 5.02 31.76
CA PHE C 493 3.50 3.73 31.87
C PHE C 493 4.47 2.58 31.60
N GLU C 494 4.47 1.56 32.45
CA GLU C 494 5.30 0.37 32.33
C GLU C 494 4.47 -0.88 32.61
N VAL C 495 4.78 -1.99 31.94
CA VAL C 495 4.14 -3.29 32.15
C VAL C 495 5.19 -4.31 32.53
N PHE C 496 4.88 -5.18 33.48
CA PHE C 496 5.74 -6.26 33.94
C PHE C 496 5.01 -7.59 33.86
N GLN C 497 5.73 -8.64 33.50
CA GLN C 497 5.21 -10.00 33.44
C GLN C 497 5.33 -10.71 34.80
N PRO C 498 4.57 -11.79 35.04
CA PRO C 498 4.73 -12.63 36.22
C PRO C 498 6.19 -13.03 36.47
N GLY C 499 6.66 -12.87 37.70
CA GLY C 499 8.00 -13.27 38.12
C GLY C 499 9.10 -12.25 37.82
N ASP C 500 8.82 -11.14 37.15
CA ASP C 500 9.80 -10.07 36.95
C ASP C 500 10.08 -9.32 38.24
N TYR C 501 11.34 -9.04 38.53
CA TYR C 501 11.73 -8.14 39.61
C TYR C 501 11.65 -6.71 39.11
N ILE C 502 10.79 -5.91 39.73
CA ILE C 502 10.57 -4.50 39.41
C ILE C 502 11.68 -3.66 40.02
N ILE C 503 12.05 -3.95 41.27
CA ILE C 503 13.25 -3.46 41.95
C ILE C 503 13.84 -4.56 42.83
N ARG C 504 15.17 -4.64 42.90
CA ARG C 504 15.91 -5.65 43.66
C ARG C 504 16.53 -5.02 44.91
N GLU C 505 16.46 -5.70 46.05
CA GLU C 505 17.11 -5.23 47.27
C GLU C 505 18.60 -4.98 47.06
N GLY C 506 19.13 -3.94 47.69
CA GLY C 506 20.53 -3.53 47.57
C GLY C 506 20.93 -2.80 46.29
N ALA C 507 20.13 -2.88 45.22
CA ALA C 507 20.38 -2.07 44.01
C ALA C 507 20.05 -0.59 44.24
N VAL C 508 20.65 0.31 43.47
CA VAL C 508 20.41 1.76 43.62
C VAL C 508 18.99 2.14 43.19
N GLY C 509 18.26 2.89 44.01
CA GLY C 509 16.91 3.37 43.67
C GLY C 509 16.93 4.60 42.75
N LYS C 510 16.11 4.60 41.70
CA LYS C 510 15.96 5.75 40.77
C LYS C 510 14.52 6.11 40.38
N LYS C 511 13.53 5.26 40.69
CA LYS C 511 12.12 5.46 40.34
C LYS C 511 11.19 4.97 41.43
N MET C 512 10.05 5.63 41.58
CA MET C 512 8.87 5.19 42.34
C MET C 512 7.82 4.57 41.41
N TYR C 513 6.90 3.75 41.91
CA TYR C 513 5.86 3.10 41.11
C TYR C 513 4.46 3.11 41.74
N PHE C 514 3.42 3.29 40.93
CA PHE C 514 2.01 3.25 41.32
C PHE C 514 1.29 2.13 40.57
N ILE C 515 0.66 1.18 41.25
CA ILE C 515 -0.01 0.06 40.58
C ILE C 515 -1.35 0.51 40.00
N GLN C 516 -1.53 0.45 38.69
CA GLN C 516 -2.86 0.60 38.09
C GLN C 516 -3.63 -0.73 38.15
N HIS C 517 -3.00 -1.82 37.73
CA HIS C 517 -3.58 -3.16 37.71
C HIS C 517 -2.54 -4.21 38.05
N GLY C 518 -2.99 -5.39 38.45
CA GLY C 518 -2.16 -6.54 38.77
C GLY C 518 -1.69 -6.56 40.21
N VAL C 519 -1.23 -7.71 40.67
CA VAL C 519 -0.71 -7.91 42.01
C VAL C 519 0.82 -8.01 41.99
N ALA C 520 1.47 -7.18 42.80
CA ALA C 520 2.88 -7.29 43.11
C ALA C 520 3.06 -7.86 44.52
N GLY C 521 4.28 -8.21 44.89
CA GLY C 521 4.63 -8.65 46.24
C GLY C 521 6.00 -8.13 46.63
N VAL C 522 6.11 -7.57 47.84
CA VAL C 522 7.37 -7.12 48.41
C VAL C 522 7.91 -8.18 49.36
N ILE C 523 9.20 -8.48 49.25
CA ILE C 523 9.86 -9.59 49.93
C ILE C 523 11.20 -9.16 50.55
N THR C 524 11.49 -9.72 51.72
CA THR C 524 12.71 -9.48 52.49
C THR C 524 12.95 -10.61 53.50
N LYS C 525 14.16 -10.79 54.02
CA LYS C 525 14.42 -11.77 55.08
C LYS C 525 13.74 -11.39 56.41
N SER C 526 13.49 -10.10 56.66
CA SER C 526 12.92 -9.59 57.90
C SER C 526 11.38 -9.66 58.02
N SER C 527 10.65 -10.23 57.06
CA SER C 527 9.18 -10.15 57.01
C SER C 527 8.53 -11.19 56.09
N LYS C 528 7.21 -11.32 56.17
CA LYS C 528 6.41 -12.08 55.21
C LYS C 528 6.32 -11.42 53.82
N GLU C 529 5.91 -12.18 52.81
CA GLU C 529 5.70 -11.67 51.45
C GLU C 529 4.41 -10.86 51.35
N MET C 530 4.46 -9.56 51.70
CA MET C 530 3.31 -8.66 51.65
C MET C 530 2.87 -8.39 50.20
N LYS C 531 1.65 -8.81 49.83
CA LYS C 531 1.08 -8.50 48.54
C LYS C 531 0.60 -7.04 48.44
N LEU C 532 0.70 -6.44 47.24
CA LEU C 532 0.21 -5.10 46.90
C LEU C 532 -0.65 -5.20 45.64
N THR C 533 -1.78 -4.51 45.63
CA THR C 533 -2.81 -4.68 44.61
C THR C 533 -3.15 -3.38 43.86
N ASP C 534 -4.03 -3.48 42.86
CA ASP C 534 -4.49 -2.38 42.02
C ASP C 534 -4.90 -1.17 42.86
N GLY C 535 -4.24 -0.04 42.66
CA GLY C 535 -4.44 1.23 43.38
C GLY C 535 -3.35 1.58 44.40
N SER C 536 -2.56 0.62 44.87
CA SER C 536 -1.44 0.88 45.80
C SER C 536 -0.20 1.52 45.14
N TYR C 537 0.82 1.84 45.92
CA TYR C 537 2.10 2.40 45.45
C TYR C 537 3.28 1.90 46.29
N PHE C 538 4.49 1.94 45.75
CA PHE C 538 5.74 1.47 46.37
C PHE C 538 6.97 2.15 45.75
N GLY C 539 8.13 1.96 46.36
CA GLY C 539 9.39 2.59 45.92
C GLY C 539 9.57 4.02 46.41
N GLU C 540 8.62 4.55 47.19
CA GLU C 540 8.50 5.98 47.52
C GLU C 540 9.75 6.61 48.16
N ILE C 541 10.49 5.84 48.94
CA ILE C 541 11.67 6.30 49.68
C ILE C 541 12.79 6.82 48.75
N CYS C 542 12.86 6.34 47.50
CA CYS C 542 13.93 6.70 46.56
C CYS C 542 14.00 8.21 46.24
N LEU C 543 12.91 8.94 46.43
CA LEU C 543 12.85 10.37 46.18
C LEU C 543 13.72 11.20 47.16
N LEU C 544 13.91 10.68 48.37
CA LEU C 544 14.36 11.42 49.56
C LEU C 544 15.52 10.69 50.26
N THR C 545 16.52 10.28 49.48
CA THR C 545 17.63 9.43 49.92
C THR C 545 18.76 9.39 48.90
N LYS C 546 19.62 8.37 49.01
CA LYS C 546 20.54 7.91 47.97
C LYS C 546 20.88 6.45 48.21
N GLY C 547 21.39 5.74 47.19
CA GLY C 547 21.85 4.36 47.36
C GLY C 547 20.73 3.31 47.43
N ARG C 548 20.92 2.31 48.29
CA ARG C 548 20.26 1.01 48.19
C ARG C 548 18.75 1.01 48.47
N ARG C 549 17.99 0.31 47.64
CA ARG C 549 16.63 -0.12 47.94
C ARG C 549 16.61 -1.18 49.05
N THR C 550 15.67 -1.07 49.98
CA THR C 550 15.65 -1.89 51.19
C THR C 550 15.01 -3.28 51.04
N ALA C 551 14.30 -3.54 49.94
CA ALA C 551 13.51 -4.75 49.72
C ALA C 551 13.38 -5.07 48.23
N SER C 552 13.00 -6.31 47.89
CA SER C 552 12.74 -6.71 46.52
C SER C 552 11.25 -6.64 46.22
N VAL C 553 10.85 -6.09 45.08
CA VAL C 553 9.45 -6.11 44.62
C VAL C 553 9.36 -6.93 43.36
N ARG C 554 8.51 -7.95 43.37
CA ARG C 554 8.34 -8.82 42.21
C ARG C 554 6.88 -8.96 41.79
N ALA C 555 6.64 -8.83 40.49
CA ALA C 555 5.32 -8.94 39.91
C ALA C 555 4.78 -10.37 40.09
N ASP C 556 3.61 -10.56 40.71
CA ASP C 556 2.99 -11.86 40.87
C ASP C 556 2.04 -12.19 39.72
N THR C 557 1.22 -11.22 39.31
CA THR C 557 0.50 -11.23 38.04
C THR C 557 1.11 -10.19 37.10
N TYR C 558 0.49 -9.93 35.96
CA TYR C 558 0.91 -8.86 35.06
C TYR C 558 0.64 -7.50 35.70
N CYS C 559 1.65 -6.84 36.24
CA CYS C 559 1.49 -5.48 36.73
C CYS C 559 1.42 -4.50 35.57
N ARG C 560 0.42 -3.63 35.58
CA ARG C 560 0.38 -2.40 34.80
C ARG C 560 0.59 -1.27 35.78
N LEU C 561 1.62 -0.47 35.62
CA LEU C 561 1.96 0.51 36.63
C LEU C 561 2.60 1.78 36.04
N TYR C 562 2.52 2.89 36.77
CA TYR C 562 3.10 4.17 36.37
C TYR C 562 4.34 4.44 37.20
N SER C 563 5.42 4.90 36.60
CA SER C 563 6.65 5.22 37.32
C SER C 563 7.00 6.70 37.26
N LEU C 564 7.61 7.21 38.32
CA LEU C 564 8.14 8.57 38.41
C LEU C 564 9.61 8.50 38.77
N SER C 565 10.48 9.06 37.95
CA SER C 565 11.93 9.06 38.22
C SER C 565 12.39 10.26 39.02
N VAL C 566 13.48 10.12 39.77
CA VAL C 566 14.04 11.20 40.58
C VAL C 566 14.49 12.40 39.75
N ASP C 567 15.02 12.19 38.54
CA ASP C 567 15.37 13.29 37.65
C ASP C 567 14.17 14.18 37.31
N ASN C 568 13.02 13.58 37.04
CA ASN C 568 11.78 14.29 36.73
C ASN C 568 11.10 14.89 37.96
N PHE C 569 11.10 14.20 39.10
CA PHE C 569 10.58 14.75 40.34
C PHE C 569 11.35 15.99 40.78
N ASN C 570 12.68 16.02 40.58
CA ASN C 570 13.49 17.20 40.83
C ASN C 570 13.22 18.31 39.81
N GLU C 571 13.10 18.00 38.53
CA GLU C 571 12.75 19.00 37.51
C GLU C 571 11.40 19.67 37.81
N VAL C 572 10.38 18.92 38.22
CA VAL C 572 9.08 19.45 38.63
C VAL C 572 9.06 20.16 39.99
N LEU C 573 10.16 20.15 40.75
CA LEU C 573 10.32 20.93 41.99
C LEU C 573 11.21 22.17 41.85
N GLU C 574 12.04 22.25 40.81
CA GLU C 574 12.71 23.52 40.47
C GLU C 574 11.70 24.64 40.18
N GLU C 575 10.57 24.32 39.54
CA GLU C 575 9.48 25.26 39.28
C GLU C 575 8.54 25.52 40.46
N TYR C 576 8.72 24.85 41.61
CA TYR C 576 7.82 24.97 42.77
C TYR C 576 8.60 25.04 44.11
N PRO C 577 9.46 26.06 44.34
CA PRO C 577 10.26 26.18 45.56
C PRO C 577 9.45 26.13 46.86
N MET C 578 8.21 26.62 46.85
CA MET C 578 7.30 26.54 48.00
C MET C 578 6.89 25.12 48.39
N MET C 579 7.09 24.13 47.51
CA MET C 579 6.87 22.72 47.80
C MET C 579 8.13 21.99 48.29
N ARG C 580 9.32 22.44 47.90
CA ARG C 580 10.59 21.78 48.26
C ARG C 580 10.86 21.76 49.76
N ARG C 581 10.42 22.81 50.47
CA ARG C 581 10.50 22.89 51.92
C ARG C 581 9.61 21.86 52.62
N ALA C 582 8.42 21.58 52.09
CA ALA C 582 7.54 20.55 52.64
C ALA C 582 8.07 19.13 52.35
N PHE C 583 8.62 18.91 51.15
CA PHE C 583 9.28 17.64 50.80
C PHE C 583 10.46 17.32 51.73
N GLU C 584 11.22 18.32 52.17
CA GLU C 584 12.28 18.17 53.18
C GLU C 584 11.79 18.11 54.65
N THR C 585 10.49 18.09 54.91
CA THR C 585 9.92 18.27 56.25
C THR C 585 8.67 17.43 56.56
N VAL C 586 8.37 16.38 55.78
CA VAL C 586 7.16 15.56 55.93
C VAL C 586 7.38 14.06 55.73
N MET D 94 -27.62 -26.25 40.01
CA MET D 94 -27.71 -25.37 41.20
C MET D 94 -27.61 -23.90 40.81
N GLN D 95 -28.14 -22.98 41.63
CA GLN D 95 -28.11 -21.53 41.36
C GLN D 95 -26.70 -20.93 41.35
N ARG D 96 -25.74 -21.56 42.04
CA ARG D 96 -24.33 -21.19 41.93
C ARG D 96 -23.79 -21.31 40.49
N GLN D 97 -24.07 -22.43 39.81
CA GLN D 97 -23.68 -22.61 38.40
C GLN D 97 -24.57 -21.82 37.44
N PHE D 98 -25.86 -21.68 37.71
CA PHE D 98 -26.77 -20.88 36.90
C PHE D 98 -26.37 -19.40 36.85
N THR D 99 -26.04 -18.79 37.98
CA THR D 99 -25.51 -17.40 38.01
C THR D 99 -24.03 -17.32 37.61
N SER D 100 -23.24 -18.36 37.82
CA SER D 100 -21.85 -18.42 37.34
C SER D 100 -21.73 -18.39 35.81
N MET D 101 -22.68 -19.02 35.11
CA MET D 101 -22.72 -19.06 33.64
C MET D 101 -23.00 -17.70 33.00
N LEU D 102 -23.82 -16.85 33.63
CA LEU D 102 -24.30 -15.59 33.07
C LEU D 102 -23.46 -14.34 33.42
N GLN D 103 -22.32 -14.51 34.09
CA GLN D 103 -21.39 -13.43 34.47
C GLN D 103 -20.00 -13.64 33.82
N PRO D 104 -19.19 -12.59 33.59
CA PRO D 104 -17.96 -12.72 32.82
C PRO D 104 -16.93 -13.51 33.61
N GLY D 105 -16.61 -14.71 33.15
CA GLY D 105 -15.72 -15.60 33.88
C GLY D 105 -14.27 -15.12 33.84
N VAL D 106 -13.49 -15.39 34.89
CA VAL D 106 -12.05 -15.10 34.90
C VAL D 106 -11.35 -16.05 33.94
N ASN D 107 -10.90 -15.54 32.79
CA ASN D 107 -10.24 -16.32 31.75
C ASN D 107 -9.25 -15.44 30.99
N LYS D 108 -8.65 -15.99 29.93
CA LYS D 108 -7.69 -15.27 29.08
C LYS D 108 -8.24 -13.95 28.56
N PHE D 109 -9.43 -13.97 28.00
CA PHE D 109 -10.05 -12.81 27.39
C PHE D 109 -10.49 -11.74 28.41
N SER D 110 -11.18 -12.12 29.49
CA SER D 110 -11.66 -11.15 30.47
C SER D 110 -10.51 -10.51 31.25
N LEU D 111 -9.45 -11.25 31.55
CA LEU D 111 -8.25 -10.70 32.18
C LEU D 111 -7.61 -9.63 31.31
N ARG D 112 -7.50 -9.85 30.00
CA ARG D 112 -6.98 -8.85 29.07
C ARG D 112 -7.94 -7.70 28.76
N MET D 113 -9.25 -7.89 28.89
CA MET D 113 -10.25 -6.85 28.62
C MET D 113 -10.48 -5.90 29.82
N PHE D 114 -10.54 -6.44 31.04
CA PHE D 114 -10.77 -5.68 32.27
C PHE D 114 -9.48 -5.34 33.04
N GLY D 115 -8.40 -6.09 32.83
CA GLY D 115 -7.04 -5.75 33.25
C GLY D 115 -6.46 -6.60 34.38
N SER D 116 -7.31 -7.13 35.26
CA SER D 116 -6.90 -7.90 36.44
C SER D 116 -8.04 -8.78 36.95
N GLN D 117 -7.76 -9.85 37.67
CA GLN D 117 -8.81 -10.67 38.29
C GLN D 117 -9.71 -9.85 39.21
N LYS D 118 -9.18 -8.88 39.97
CA LYS D 118 -10.01 -7.98 40.79
C LYS D 118 -10.89 -7.03 39.96
N ALA D 119 -10.53 -6.72 38.72
CA ALA D 119 -11.38 -5.95 37.83
C ALA D 119 -12.52 -6.82 37.26
N VAL D 120 -12.22 -8.06 36.89
CA VAL D 120 -13.24 -9.04 36.50
C VAL D 120 -14.23 -9.26 37.63
N GLU D 121 -13.75 -9.46 38.85
CA GLU D 121 -14.60 -9.69 40.01
C GLU D 121 -15.44 -8.46 40.40
N LYS D 122 -15.06 -7.25 39.99
CA LYS D 122 -15.92 -6.07 40.08
C LYS D 122 -17.02 -6.09 39.04
N GLU D 123 -16.71 -6.44 37.79
CA GLU D 123 -17.72 -6.56 36.73
C GLU D 123 -18.71 -7.69 37.03
N GLN D 124 -18.24 -8.84 37.55
CA GLN D 124 -19.10 -9.90 38.05
C GLN D 124 -20.08 -9.39 39.08
N GLU D 125 -19.61 -8.69 40.11
CA GLU D 125 -20.46 -8.11 41.15
C GLU D 125 -21.45 -7.10 40.57
N ARG D 126 -21.00 -6.42 39.51
CA ARG D 126 -21.83 -5.46 38.80
C ARG D 126 -23.04 -6.17 38.18
N VAL D 127 -22.80 -7.23 37.41
CA VAL D 127 -23.95 -7.97 36.80
C VAL D 127 -24.79 -8.67 37.84
N LYS D 128 -24.16 -9.27 38.85
CA LYS D 128 -24.81 -9.92 39.98
C LYS D 128 -25.71 -8.97 40.81
N THR D 129 -25.69 -7.68 40.50
CA THR D 129 -26.54 -6.62 41.09
C THR D 129 -27.17 -5.67 40.06
N ALA D 130 -27.20 -6.01 38.76
CA ALA D 130 -27.84 -5.18 37.72
C ALA D 130 -29.36 -5.41 37.59
N GLY D 131 -29.82 -6.62 37.93
CA GLY D 131 -31.19 -7.08 37.77
C GLY D 131 -31.25 -8.60 37.87
N PHE D 132 -32.43 -9.19 37.75
CA PHE D 132 -32.59 -10.64 37.77
C PHE D 132 -32.09 -11.25 36.46
N TRP D 133 -31.30 -12.32 36.53
CA TRP D 133 -30.92 -13.18 35.40
C TRP D 133 -30.40 -12.48 34.14
N ILE D 134 -29.62 -11.39 34.28
CA ILE D 134 -28.92 -10.71 33.16
C ILE D 134 -27.73 -11.53 32.66
N ILE D 135 -27.43 -11.36 31.37
CA ILE D 135 -26.35 -12.03 30.65
C ILE D 135 -25.28 -11.00 30.27
N HIS D 136 -24.04 -11.20 30.71
CA HIS D 136 -22.93 -10.34 30.26
C HIS D 136 -22.51 -10.74 28.85
N PRO D 137 -22.20 -9.80 27.94
CA PRO D 137 -21.81 -10.16 26.58
C PRO D 137 -20.61 -11.10 26.51
N TYR D 138 -19.70 -11.06 27.48
CA TYR D 138 -18.48 -11.89 27.48
C TYR D 138 -18.60 -13.19 28.28
N SER D 139 -19.82 -13.56 28.71
CA SER D 139 -20.12 -14.80 29.42
C SER D 139 -19.84 -16.08 28.63
N ASP D 140 -19.64 -17.19 29.32
CA ASP D 140 -19.67 -18.52 28.69
C ASP D 140 -21.05 -18.88 28.15
N PHE D 141 -22.14 -18.48 28.81
CA PHE D 141 -23.46 -18.73 28.30
C PHE D 141 -23.72 -18.03 26.96
N ARG D 142 -23.24 -16.82 26.81
CA ARG D 142 -23.43 -16.12 25.58
C ARG D 142 -22.56 -16.70 24.53
N PHE D 143 -21.39 -17.12 24.81
CA PHE D 143 -20.57 -17.86 23.86
C PHE D 143 -21.27 -19.12 23.36
N TYR D 144 -21.73 -19.99 24.24
CA TYR D 144 -22.34 -21.26 23.84
C TYR D 144 -23.68 -21.07 23.15
N TRP D 145 -24.49 -20.11 23.58
CA TRP D 145 -25.69 -19.76 22.85
C TRP D 145 -25.39 -19.28 21.44
N ASP D 146 -24.46 -18.33 21.28
CA ASP D 146 -24.14 -17.84 19.94
C ASP D 146 -23.55 -18.94 19.07
N LEU D 147 -22.80 -19.89 19.62
CA LEU D 147 -22.31 -21.05 18.89
C LEU D 147 -23.46 -21.95 18.41
N ILE D 148 -24.51 -22.14 19.21
CA ILE D 148 -25.73 -22.81 18.75
C ILE D 148 -26.42 -21.98 17.67
N MET D 149 -26.57 -20.68 17.85
CA MET D 149 -27.16 -19.81 16.83
C MET D 149 -26.42 -19.86 15.51
N LEU D 150 -25.09 -19.82 15.50
CA LEU D 150 -24.32 -19.84 14.26
C LEU D 150 -24.50 -21.15 13.51
N ILE D 151 -24.57 -22.30 14.20
CA ILE D 151 -24.90 -23.59 13.58
C ILE D 151 -26.34 -23.64 13.08
N MET D 152 -27.31 -23.09 13.82
CA MET D 152 -28.68 -22.97 13.33
C MET D 152 -28.76 -22.08 12.09
N MET D 153 -28.21 -20.87 12.12
CA MET D 153 -28.28 -19.92 11.01
C MET D 153 -27.63 -20.46 9.75
N VAL D 154 -26.41 -20.99 9.82
CA VAL D 154 -25.74 -21.54 8.65
C VAL D 154 -26.56 -22.68 8.03
N GLY D 155 -27.25 -23.49 8.83
CA GLY D 155 -28.16 -24.53 8.37
C GLY D 155 -29.48 -24.01 7.80
N ASN D 156 -30.19 -23.13 8.49
CA ASN D 156 -31.44 -22.56 7.98
C ASN D 156 -31.25 -21.76 6.70
N LEU D 157 -30.24 -20.91 6.59
CA LEU D 157 -30.03 -20.07 5.41
C LEU D 157 -29.65 -20.86 4.16
N VAL D 158 -29.13 -22.08 4.32
CA VAL D 158 -28.95 -23.03 3.22
C VAL D 158 -30.24 -23.76 2.90
N ILE D 159 -30.91 -24.36 3.88
CA ILE D 159 -32.04 -25.29 3.68
C ILE D 159 -33.34 -24.58 3.32
N ILE D 160 -33.66 -23.45 3.94
CA ILE D 160 -34.93 -22.74 3.77
C ILE D 160 -35.22 -22.34 2.32
N PRO D 161 -34.33 -21.67 1.56
CA PRO D 161 -34.65 -21.28 0.21
C PRO D 161 -34.73 -22.47 -0.76
N VAL D 162 -34.04 -23.58 -0.47
CA VAL D 162 -34.20 -24.83 -1.22
C VAL D 162 -35.57 -25.43 -0.97
N GLY D 163 -36.00 -25.54 0.28
CA GLY D 163 -37.30 -26.07 0.66
C GLY D 163 -38.47 -25.27 0.11
N ILE D 164 -38.38 -23.95 0.12
CA ILE D 164 -39.39 -23.08 -0.47
C ILE D 164 -39.44 -23.21 -1.99
N THR D 165 -38.30 -23.26 -2.65
CA THR D 165 -38.21 -23.22 -4.12
C THR D 165 -38.47 -24.57 -4.77
N PHE D 166 -37.88 -25.66 -4.30
CA PHE D 166 -37.82 -26.92 -5.04
C PHE D 166 -38.77 -28.01 -4.53
N PHE D 167 -39.58 -27.75 -3.51
CA PHE D 167 -40.56 -28.70 -2.97
C PHE D 167 -41.97 -28.13 -3.04
N THR D 168 -42.95 -28.98 -3.35
CA THR D 168 -44.30 -28.58 -3.73
C THR D 168 -45.06 -27.86 -2.62
N GLU D 169 -44.92 -28.33 -1.37
CA GLU D 169 -45.44 -27.66 -0.19
C GLU D 169 -44.64 -28.02 1.07
N GLN D 170 -44.64 -27.12 2.04
CA GLN D 170 -43.99 -27.26 3.35
C GLN D 170 -44.98 -27.51 4.49
N THR D 171 -46.23 -27.87 4.17
CA THR D 171 -47.27 -28.24 5.12
C THR D 171 -47.19 -29.70 5.60
N THR D 172 -46.28 -30.52 5.08
CA THR D 172 -46.02 -31.88 5.59
C THR D 172 -45.23 -31.87 6.90
N THR D 173 -45.35 -32.94 7.68
CA THR D 173 -44.84 -33.02 9.04
C THR D 173 -43.33 -32.74 9.20
N PRO D 174 -42.42 -33.29 8.37
CA PRO D 174 -40.98 -33.02 8.52
C PRO D 174 -40.60 -31.55 8.33
N TRP D 175 -41.23 -30.84 7.38
CA TRP D 175 -41.03 -29.41 7.19
C TRP D 175 -41.68 -28.57 8.29
N ILE D 176 -42.86 -28.94 8.79
CA ILE D 176 -43.48 -28.30 9.96
C ILE D 176 -42.59 -28.44 11.20
N ILE D 177 -41.98 -29.62 11.41
CA ILE D 177 -41.09 -29.85 12.54
C ILE D 177 -39.82 -29.02 12.47
N PHE D 178 -39.15 -28.97 11.32
CA PHE D 178 -37.97 -28.14 11.09
C PHE D 178 -38.25 -26.65 11.27
N ASN D 179 -39.36 -26.14 10.72
CA ASN D 179 -39.68 -24.72 10.78
C ASN D 179 -40.17 -24.27 12.16
N VAL D 180 -40.97 -25.09 12.87
CA VAL D 180 -41.37 -24.80 14.23
C VAL D 180 -40.20 -24.91 15.21
N ALA D 181 -39.37 -25.95 15.12
CA ALA D 181 -38.21 -26.11 15.97
C ALA D 181 -37.18 -25.00 15.77
N SER D 182 -36.92 -24.59 14.52
CA SER D 182 -36.05 -23.45 14.27
C SER D 182 -36.67 -22.16 14.78
N ASP D 183 -37.94 -21.87 14.47
CA ASP D 183 -38.55 -20.62 14.87
C ASP D 183 -38.62 -20.44 16.39
N THR D 184 -38.83 -21.50 17.18
CA THR D 184 -38.77 -21.35 18.65
C THR D 184 -37.36 -21.00 19.14
N VAL D 185 -36.32 -21.61 18.57
CA VAL D 185 -34.92 -21.28 18.89
C VAL D 185 -34.57 -19.84 18.51
N PHE D 186 -34.96 -19.38 17.32
CA PHE D 186 -34.81 -17.98 16.94
C PHE D 186 -35.70 -17.00 17.71
N LEU D 187 -36.70 -17.47 18.45
CA LEU D 187 -37.55 -16.66 19.34
C LEU D 187 -36.98 -16.62 20.76
N LEU D 188 -36.37 -17.69 21.26
CA LEU D 188 -35.55 -17.65 22.47
C LEU D 188 -34.39 -16.66 22.32
N ASP D 189 -33.74 -16.65 21.17
CA ASP D 189 -32.66 -15.72 20.89
C ASP D 189 -33.13 -14.26 20.90
N LEU D 190 -34.32 -13.99 20.36
CA LEU D 190 -34.94 -12.67 20.41
C LEU D 190 -35.22 -12.25 21.86
N ILE D 191 -35.68 -13.18 22.71
CA ILE D 191 -35.92 -12.90 24.13
C ILE D 191 -34.61 -12.65 24.88
N MET D 192 -33.59 -13.49 24.73
CA MET D 192 -32.31 -13.29 25.40
C MET D 192 -31.61 -11.97 25.04
N ASN D 193 -31.89 -11.38 23.89
CA ASN D 193 -31.36 -10.05 23.55
C ASN D 193 -31.96 -8.91 24.39
N PHE D 194 -33.09 -9.10 25.08
CA PHE D 194 -33.58 -8.20 26.12
C PHE D 194 -32.91 -8.42 27.50
N ARG D 195 -32.10 -9.45 27.63
CA ARG D 195 -31.38 -9.85 28.84
C ARG D 195 -29.87 -9.67 28.73
N THR D 196 -29.33 -9.40 27.55
CA THR D 196 -27.90 -9.38 27.27
C THR D 196 -27.37 -7.96 27.15
N GLY D 197 -26.34 -7.62 27.92
CA GLY D 197 -25.68 -6.32 27.87
C GLY D 197 -24.93 -6.05 26.57
N THR D 198 -24.73 -4.79 26.23
CA THR D 198 -24.08 -4.36 24.99
C THR D 198 -22.69 -3.78 25.22
N VAL D 199 -21.72 -4.14 24.38
CA VAL D 199 -20.41 -3.46 24.33
C VAL D 199 -20.57 -2.07 23.71
N ASN D 200 -20.07 -1.05 24.37
CA ASN D 200 -20.17 0.33 23.90
C ASN D 200 -19.03 0.69 22.95
N GLU D 201 -19.28 1.53 21.95
CA GLU D 201 -18.26 1.99 21.01
C GLU D 201 -17.11 2.77 21.68
N ASP D 202 -17.36 3.40 22.83
CA ASP D 202 -16.34 4.06 23.65
C ASP D 202 -15.70 3.14 24.72
N SER D 203 -15.92 1.84 24.68
CA SER D 203 -15.40 0.89 25.68
C SER D 203 -15.77 1.23 27.13
N SER D 204 -16.76 2.10 27.36
CA SER D 204 -17.29 2.41 28.67
C SER D 204 -17.95 1.19 29.30
N GLU D 205 -18.27 1.30 30.60
CA GLU D 205 -18.90 0.24 31.37
C GLU D 205 -20.09 -0.36 30.62
N ILE D 206 -20.03 -1.67 30.37
CA ILE D 206 -21.00 -2.43 29.56
C ILE D 206 -22.42 -2.04 29.96
N ILE D 207 -23.28 -1.76 28.98
CA ILE D 207 -24.66 -1.37 29.23
C ILE D 207 -25.39 -2.55 29.87
N LEU D 208 -25.81 -2.43 31.13
CA LEU D 208 -26.41 -3.54 31.89
C LEU D 208 -27.75 -3.19 32.58
N ASP D 209 -28.22 -1.95 32.50
CA ASP D 209 -29.56 -1.60 32.98
C ASP D 209 -30.63 -2.17 32.04
N PRO D 210 -31.57 -3.02 32.50
CA PRO D 210 -32.59 -3.60 31.64
C PRO D 210 -33.37 -2.59 30.78
N LYS D 211 -33.63 -1.39 31.29
CA LYS D 211 -34.31 -0.35 30.53
C LYS D 211 -33.48 0.23 29.37
N VAL D 212 -32.14 0.19 29.45
CA VAL D 212 -31.27 0.66 28.36
C VAL D 212 -30.97 -0.47 27.38
N ILE D 213 -30.78 -1.71 27.87
CA ILE D 213 -30.64 -2.89 27.02
C ILE D 213 -31.90 -3.11 26.17
N LYS D 214 -33.10 -3.05 26.77
CA LYS D 214 -34.38 -3.02 26.04
C LYS D 214 -34.50 -1.83 25.09
N MET D 215 -34.32 -0.60 25.56
CA MET D 215 -34.57 0.58 24.72
C MET D 215 -33.62 0.69 23.54
N ASN D 216 -32.36 0.26 23.67
CA ASN D 216 -31.40 0.28 22.57
C ASN D 216 -31.68 -0.79 21.50
N TYR D 217 -32.27 -1.94 21.89
CA TYR D 217 -32.61 -3.00 20.95
C TYR D 217 -33.81 -2.63 20.07
N LEU D 218 -34.83 -2.00 20.65
CA LEU D 218 -35.99 -1.45 19.93
C LEU D 218 -35.60 -0.37 18.93
N LYS D 219 -34.65 0.50 19.27
CA LYS D 219 -34.16 1.53 18.36
C LYS D 219 -33.23 1.00 17.25
N SER D 220 -32.90 -0.30 17.27
CA SER D 220 -31.98 -0.93 16.33
C SER D 220 -32.60 -2.17 15.68
N TRP D 221 -32.15 -3.36 16.08
CA TRP D 221 -32.39 -4.60 15.36
C TRP D 221 -33.68 -5.34 15.68
N PHE D 222 -34.46 -4.92 16.67
CA PHE D 222 -35.62 -5.70 17.10
C PHE D 222 -36.63 -5.97 15.97
N VAL D 223 -36.95 -4.99 15.11
CA VAL D 223 -37.97 -5.20 14.08
C VAL D 223 -37.55 -6.25 13.04
N VAL D 224 -36.29 -6.21 12.58
CA VAL D 224 -35.70 -7.20 11.66
C VAL D 224 -35.55 -8.56 12.32
N ASP D 225 -35.17 -8.62 13.59
CA ASP D 225 -35.08 -9.86 14.35
C ASP D 225 -36.46 -10.46 14.66
N PHE D 226 -37.50 -9.64 14.85
CA PHE D 226 -38.86 -10.11 15.12
C PHE D 226 -39.49 -10.75 13.89
N ILE D 227 -39.59 -10.03 12.76
CA ILE D 227 -40.23 -10.53 11.54
C ILE D 227 -39.51 -11.72 10.89
N SER D 228 -38.27 -12.00 11.27
CA SER D 228 -37.55 -13.22 10.88
C SER D 228 -37.57 -14.32 11.94
N SER D 229 -38.12 -14.07 13.11
CA SER D 229 -38.26 -15.04 14.19
C SER D 229 -39.62 -15.75 14.17
N ILE D 230 -40.71 -15.00 14.05
CA ILE D 230 -42.08 -15.58 14.05
C ILE D 230 -42.43 -16.27 12.74
N PRO D 231 -43.29 -17.32 12.75
CA PRO D 231 -43.75 -18.02 11.55
C PRO D 231 -44.84 -17.25 10.80
N VAL D 232 -44.48 -16.12 10.18
CA VAL D 232 -45.41 -15.21 9.47
C VAL D 232 -46.26 -15.91 8.40
N ASP D 233 -45.68 -16.87 7.69
CA ASP D 233 -46.40 -17.68 6.70
C ASP D 233 -47.45 -18.59 7.35
N TYR D 234 -47.19 -19.22 8.48
CA TYR D 234 -48.16 -20.09 9.13
C TYR D 234 -49.29 -19.32 9.82
N ILE D 235 -49.02 -18.17 10.44
CA ILE D 235 -50.12 -17.38 11.04
C ILE D 235 -51.02 -16.78 9.95
N PHE D 236 -50.45 -16.37 8.81
CA PHE D 236 -51.21 -15.90 7.65
C PHE D 236 -52.08 -17.01 7.05
N LEU D 237 -51.54 -18.23 6.92
CA LEU D 237 -52.27 -19.38 6.45
C LEU D 237 -53.46 -19.73 7.36
N ILE D 238 -53.28 -19.66 8.69
CA ILE D 238 -54.36 -19.84 9.66
C ILE D 238 -55.41 -18.73 9.54
N VAL D 239 -55.00 -17.47 9.42
CA VAL D 239 -55.91 -16.34 9.16
C VAL D 239 -56.71 -16.50 7.87
N GLU D 240 -56.14 -17.13 6.83
CA GLU D 240 -56.87 -17.48 5.60
C GLU D 240 -57.98 -18.52 5.83
N LYS D 241 -57.84 -19.43 6.79
CA LYS D 241 -58.90 -20.36 7.22
C LYS D 241 -59.94 -19.66 8.13
N GLY D 242 -60.45 -18.53 7.65
CA GLY D 242 -61.44 -17.76 8.39
C GLY D 242 -61.49 -16.31 7.96
N ARG D 252 -58.37 -18.63 -4.75
CA ARG D 252 -58.16 -20.08 -4.92
C ARG D 252 -56.82 -20.50 -4.35
N ALA D 253 -56.67 -21.78 -3.99
CA ALA D 253 -55.52 -22.29 -3.23
C ALA D 253 -54.16 -21.97 -3.88
N LEU D 254 -54.05 -22.06 -5.20
CA LEU D 254 -52.81 -21.89 -5.94
C LEU D 254 -52.28 -20.44 -5.95
N ARG D 255 -53.08 -19.44 -5.60
CA ARG D 255 -52.56 -18.09 -5.36
C ARG D 255 -52.01 -17.94 -3.92
N ILE D 256 -52.65 -18.57 -2.93
CA ILE D 256 -52.22 -18.56 -1.54
C ILE D 256 -50.95 -19.38 -1.33
N VAL D 257 -50.88 -20.56 -1.93
CA VAL D 257 -49.67 -21.40 -1.90
C VAL D 257 -48.47 -20.72 -2.58
N ARG D 258 -48.72 -19.68 -3.34
CA ARG D 258 -47.64 -18.96 -3.95
C ARG D 258 -47.30 -17.70 -3.23
N PHE D 259 -48.27 -16.99 -2.76
CA PHE D 259 -48.01 -15.81 -1.91
C PHE D 259 -47.36 -16.16 -0.58
N THR D 260 -47.73 -17.28 0.05
CA THR D 260 -47.03 -17.74 1.26
C THR D 260 -45.56 -18.05 1.03
N LYS D 261 -45.11 -18.47 -0.17
CA LYS D 261 -43.68 -18.69 -0.43
C LYS D 261 -42.87 -17.41 -0.28
N ILE D 262 -43.39 -16.29 -0.75
CA ILE D 262 -42.74 -14.98 -0.60
C ILE D 262 -42.65 -14.56 0.87
N LEU D 263 -43.71 -14.76 1.66
CA LEU D 263 -43.67 -14.52 3.11
C LEU D 263 -42.70 -15.46 3.82
N SER D 264 -42.58 -16.70 3.35
CA SER D 264 -41.76 -17.72 3.97
C SER D 264 -40.26 -17.38 3.91
N LEU D 265 -39.85 -16.62 2.89
CA LEU D 265 -38.52 -16.04 2.72
C LEU D 265 -38.20 -14.84 3.62
N LEU D 266 -39.12 -14.33 4.44
CA LEU D 266 -38.76 -13.35 5.48
C LEU D 266 -37.74 -13.93 6.47
N ARG D 267 -37.69 -15.26 6.60
CA ARG D 267 -36.65 -15.96 7.37
C ARG D 267 -35.23 -15.69 6.89
N LEU D 268 -35.00 -15.24 5.67
CA LEU D 268 -33.65 -14.94 5.19
C LEU D 268 -33.01 -13.76 5.90
N LEU D 269 -33.78 -12.89 6.55
CA LEU D 269 -33.26 -11.79 7.36
C LEU D 269 -32.52 -12.23 8.63
N ARG D 270 -32.45 -13.55 8.82
CA ARG D 270 -31.67 -14.12 9.90
C ARG D 270 -30.19 -13.77 9.60
N LEU D 271 -29.86 -13.64 8.32
CA LEU D 271 -28.53 -13.25 7.86
C LEU D 271 -27.98 -12.07 8.66
N SER D 272 -28.83 -11.12 9.06
CA SER D 272 -28.38 -9.98 9.86
C SER D 272 -27.81 -10.42 11.22
N ARG D 273 -28.45 -11.37 11.92
CA ARG D 273 -27.88 -11.99 13.12
C ARG D 273 -26.60 -12.74 12.82
N LEU D 274 -26.50 -13.48 11.74
CA LEU D 274 -25.27 -14.18 11.37
C LEU D 274 -24.11 -13.19 11.20
N ILE D 275 -24.31 -12.08 10.51
CA ILE D 275 -23.29 -11.05 10.31
C ILE D 275 -22.89 -10.40 11.65
N ARG D 276 -23.88 -10.00 12.46
CA ARG D 276 -23.68 -9.41 13.79
C ARG D 276 -22.96 -10.34 14.75
N TYR D 277 -23.39 -11.58 14.89
CA TYR D 277 -22.80 -12.52 15.84
C TYR D 277 -21.42 -12.99 15.37
N ILE D 278 -21.16 -13.13 14.06
CA ILE D 278 -19.81 -13.36 13.56
C ILE D 278 -18.89 -12.20 13.93
N HIS D 279 -19.28 -10.95 13.69
CA HIS D 279 -18.44 -9.79 14.02
C HIS D 279 -18.11 -9.73 15.52
N GLN D 280 -19.09 -9.96 16.39
CA GLN D 280 -18.85 -9.94 17.84
C GLN D 280 -17.86 -10.98 18.32
N TRP D 281 -17.88 -12.19 17.77
CA TRP D 281 -16.93 -13.22 18.17
C TRP D 281 -15.57 -13.09 17.53
N GLU D 282 -15.47 -12.47 16.36
CA GLU D 282 -14.17 -12.12 15.79
C GLU D 282 -13.45 -11.03 16.58
N GLU D 283 -14.15 -10.00 17.06
CA GLU D 283 -13.56 -8.99 17.93
C GLU D 283 -13.02 -9.61 19.23
N ILE D 284 -13.70 -10.61 19.78
CA ILE D 284 -13.25 -11.35 20.96
C ILE D 284 -12.06 -12.28 20.62
N PHE D 285 -12.11 -13.07 19.55
CA PHE D 285 -10.99 -13.94 19.19
C PHE D 285 -9.74 -13.16 18.72
N HIS D 286 -9.87 -11.95 18.18
CA HIS D 286 -8.73 -11.08 17.89
C HIS D 286 -7.92 -10.77 19.14
N MET D 287 -8.56 -10.33 20.24
CA MET D 287 -7.86 -10.14 21.51
C MET D 287 -7.73 -11.41 22.36
N THR D 288 -7.57 -12.55 21.70
CA THR D 288 -7.35 -13.85 22.33
C THR D 288 -6.29 -14.70 21.61
N TYR D 289 -6.25 -14.75 20.27
CA TYR D 289 -5.62 -15.87 19.54
C TYR D 289 -4.61 -15.49 18.44
N ASP D 290 -4.20 -14.24 18.32
CA ASP D 290 -3.17 -13.79 17.35
C ASP D 290 -3.54 -14.08 15.88
N LEU D 291 -4.52 -13.34 15.37
CA LEU D 291 -5.14 -13.54 14.05
C LEU D 291 -4.60 -12.51 13.04
N ALA D 292 -4.22 -12.96 11.85
CA ALA D 292 -4.02 -12.10 10.69
C ALA D 292 -5.38 -11.58 10.18
N SER D 293 -5.64 -10.26 10.21
CA SER D 293 -6.95 -9.68 9.88
C SER D 293 -7.39 -9.99 8.45
N ALA D 294 -6.49 -9.97 7.49
CA ALA D 294 -6.82 -10.22 6.08
C ALA D 294 -7.25 -11.69 5.83
N VAL D 295 -6.72 -12.65 6.58
CA VAL D 295 -7.11 -14.07 6.48
C VAL D 295 -8.52 -14.27 6.98
N VAL D 296 -8.85 -13.67 8.12
CA VAL D 296 -10.20 -13.71 8.71
C VAL D 296 -11.24 -13.11 7.77
N ARG D 297 -10.97 -11.94 7.20
CA ARG D 297 -11.85 -11.25 6.25
C ARG D 297 -12.01 -12.00 4.92
N ILE D 298 -10.97 -12.69 4.44
CA ILE D 298 -11.07 -13.57 3.27
C ILE D 298 -12.06 -14.72 3.50
N PHE D 299 -11.97 -15.43 4.63
CA PHE D 299 -12.85 -16.58 4.85
C PHE D 299 -14.32 -16.21 5.11
N ASN D 300 -14.58 -15.05 5.71
CA ASN D 300 -15.93 -14.49 5.82
C ASN D 300 -16.55 -14.15 4.46
N LEU D 301 -15.77 -13.55 3.56
CA LEU D 301 -16.21 -13.24 2.21
C LEU D 301 -16.47 -14.49 1.38
N ILE D 302 -15.61 -15.51 1.41
CA ILE D 302 -15.86 -16.78 0.70
C ILE D 302 -17.19 -17.41 1.15
N GLY D 303 -17.50 -17.41 2.46
CA GLY D 303 -18.76 -17.93 2.96
C GLY D 303 -19.96 -17.16 2.44
N MET D 304 -19.89 -15.84 2.47
CA MET D 304 -20.90 -14.95 1.90
C MET D 304 -21.09 -15.15 0.38
N LEU D 305 -20.03 -15.29 -0.40
CA LEU D 305 -20.11 -15.50 -1.85
C LEU D 305 -20.79 -16.82 -2.21
N LEU D 306 -20.44 -17.90 -1.53
CA LEU D 306 -21.10 -19.20 -1.73
C LEU D 306 -22.58 -19.13 -1.39
N LEU D 307 -22.95 -18.44 -0.31
CA LEU D 307 -24.33 -18.24 0.09
C LEU D 307 -25.11 -17.39 -0.92
N LEU D 308 -24.56 -16.30 -1.42
CA LEU D 308 -25.20 -15.48 -2.45
C LEU D 308 -25.41 -16.25 -3.74
N CYS D 309 -24.45 -17.05 -4.17
CA CYS D 309 -24.58 -17.92 -5.33
C CYS D 309 -25.68 -18.96 -5.14
N HIS D 310 -25.77 -19.57 -3.97
CA HIS D 310 -26.83 -20.50 -3.59
C HIS D 310 -28.22 -19.87 -3.61
N TRP D 311 -28.40 -18.68 -3.05
CA TRP D 311 -29.66 -17.94 -3.09
C TRP D 311 -30.03 -17.44 -4.46
N ASP D 312 -29.09 -16.96 -5.27
CA ASP D 312 -29.34 -16.65 -6.68
C ASP D 312 -29.76 -17.90 -7.45
N GLY D 313 -29.12 -19.04 -7.21
CA GLY D 313 -29.55 -20.33 -7.73
C GLY D 313 -31.01 -20.64 -7.42
N CYS D 314 -31.47 -20.42 -6.19
CA CYS D 314 -32.89 -20.57 -5.86
C CYS D 314 -33.76 -19.54 -6.57
N LEU D 315 -33.36 -18.25 -6.59
CA LEU D 315 -34.06 -17.19 -7.30
C LEU D 315 -34.25 -17.45 -8.81
N GLN D 316 -33.25 -18.01 -9.51
CA GLN D 316 -33.35 -18.37 -10.92
C GLN D 316 -34.53 -19.29 -11.21
N PHE D 317 -34.87 -20.21 -10.32
CA PHE D 317 -35.99 -21.12 -10.45
C PHE D 317 -37.28 -20.61 -9.80
N LEU D 318 -37.18 -19.88 -8.69
CA LEU D 318 -38.33 -19.36 -7.97
C LEU D 318 -39.16 -18.39 -8.79
N VAL D 319 -38.55 -17.48 -9.53
CA VAL D 319 -39.32 -16.51 -10.33
C VAL D 319 -40.14 -17.19 -11.46
N PRO D 320 -39.60 -18.12 -12.26
CA PRO D 320 -40.39 -19.03 -13.08
C PRO D 320 -41.49 -19.79 -12.32
N LEU D 321 -41.21 -20.36 -11.16
CA LEU D 321 -42.18 -21.12 -10.38
C LEU D 321 -43.39 -20.28 -9.98
N LEU D 322 -43.18 -19.06 -9.48
CA LEU D 322 -44.27 -18.18 -9.08
C LEU D 322 -45.12 -17.71 -10.27
N GLN D 323 -44.57 -17.72 -11.48
CA GLN D 323 -45.29 -17.47 -12.73
C GLN D 323 -45.87 -18.75 -13.36
N ASP D 324 -45.87 -19.88 -12.66
CA ASP D 324 -46.33 -21.17 -13.14
C ASP D 324 -45.60 -21.71 -14.37
N PHE D 325 -44.29 -21.49 -14.45
CA PHE D 325 -43.42 -21.92 -15.55
C PHE D 325 -43.96 -21.53 -16.94
N PRO D 326 -43.95 -20.23 -17.29
CA PRO D 326 -44.44 -19.79 -18.58
C PRO D 326 -43.60 -20.38 -19.73
N PRO D 327 -44.14 -20.49 -20.95
CA PRO D 327 -43.52 -21.24 -22.02
C PRO D 327 -42.23 -20.62 -22.57
N ASP D 328 -41.93 -19.36 -22.27
CA ASP D 328 -40.71 -18.66 -22.68
C ASP D 328 -39.61 -18.59 -21.62
N CYS D 329 -39.73 -19.28 -20.47
CA CYS D 329 -38.68 -19.30 -19.44
C CYS D 329 -37.72 -20.48 -19.57
N TRP D 330 -36.53 -20.39 -18.98
CA TRP D 330 -35.47 -21.38 -19.12
C TRP D 330 -35.86 -22.79 -18.66
N VAL D 331 -36.76 -22.92 -17.69
CA VAL D 331 -37.20 -24.21 -17.15
C VAL D 331 -38.07 -24.94 -18.16
N SER D 332 -38.93 -24.23 -18.87
CA SER D 332 -39.73 -24.74 -19.99
C SER D 332 -38.88 -24.96 -21.24
N LEU D 333 -38.01 -24.03 -21.62
CA LEU D 333 -37.16 -24.14 -22.80
C LEU D 333 -36.21 -25.35 -22.69
N ASN D 334 -35.62 -25.59 -21.53
CA ASN D 334 -34.79 -26.77 -21.28
C ASN D 334 -35.62 -28.01 -20.91
N GLU D 335 -36.94 -27.93 -20.92
CA GLU D 335 -37.88 -29.03 -20.71
C GLU D 335 -37.68 -29.80 -19.41
N MET D 336 -37.44 -29.11 -18.30
CA MET D 336 -37.11 -29.72 -17.00
C MET D 336 -38.08 -29.40 -15.86
N VAL D 337 -39.29 -28.92 -16.16
CA VAL D 337 -40.35 -28.67 -15.17
C VAL D 337 -40.71 -29.91 -14.33
N ASN D 338 -40.60 -31.10 -14.91
CA ASN D 338 -40.97 -32.37 -14.27
C ASN D 338 -39.78 -33.13 -13.65
N ASP D 339 -38.56 -32.62 -13.74
CA ASP D 339 -37.37 -33.27 -13.17
C ASP D 339 -37.42 -33.37 -11.64
N SER D 340 -36.56 -34.22 -11.09
CA SER D 340 -36.31 -34.27 -9.65
C SER D 340 -35.70 -32.98 -9.12
N TRP D 341 -35.92 -32.69 -7.84
CA TRP D 341 -35.45 -31.46 -7.20
C TRP D 341 -33.94 -31.27 -7.32
N GLY D 342 -33.15 -32.36 -7.31
CA GLY D 342 -31.70 -32.32 -7.38
C GLY D 342 -31.14 -31.93 -8.75
N LYS D 343 -31.78 -32.34 -9.84
CA LYS D 343 -31.42 -31.85 -11.18
C LYS D 343 -31.79 -30.39 -11.37
N GLN D 344 -32.99 -30.00 -10.96
CA GLN D 344 -33.44 -28.62 -11.05
C GLN D 344 -32.56 -27.68 -10.24
N TYR D 345 -32.19 -28.10 -9.03
CA TYR D 345 -31.30 -27.30 -8.20
C TYR D 345 -29.91 -27.16 -8.84
N SER D 346 -29.35 -28.28 -9.29
CA SER D 346 -28.03 -28.27 -9.92
C SER D 346 -27.98 -27.37 -11.14
N TYR D 347 -29.02 -27.40 -11.96
CA TYR D 347 -29.08 -26.55 -13.13
C TYR D 347 -29.17 -25.08 -12.71
N ALA D 348 -30.15 -24.78 -11.85
CA ALA D 348 -30.33 -23.43 -11.36
C ALA D 348 -29.06 -22.85 -10.71
N LEU D 349 -28.33 -23.64 -9.93
CA LEU D 349 -27.06 -23.24 -9.34
C LEU D 349 -26.01 -22.98 -10.43
N PHE D 350 -25.90 -23.86 -11.41
CA PHE D 350 -25.01 -23.68 -12.55
C PHE D 350 -25.33 -22.42 -13.33
N LYS D 351 -26.61 -22.11 -13.53
CA LYS D 351 -27.06 -20.89 -14.18
C LYS D 351 -26.70 -19.64 -13.38
N ALA D 352 -26.95 -19.61 -12.07
CA ALA D 352 -26.55 -18.52 -11.20
C ALA D 352 -25.04 -18.31 -11.17
N MET D 353 -24.28 -19.38 -10.98
CA MET D 353 -22.83 -19.33 -10.94
C MET D 353 -22.23 -18.88 -12.27
N SER D 354 -22.83 -19.27 -13.39
CA SER D 354 -22.43 -18.79 -14.71
C SER D 354 -22.64 -17.31 -14.86
N HIS D 355 -23.77 -16.76 -14.42
CA HIS D 355 -24.05 -15.32 -14.46
C HIS D 355 -23.09 -14.56 -13.55
N MET D 356 -22.91 -15.02 -12.33
CA MET D 356 -22.14 -14.33 -11.33
C MET D 356 -20.64 -14.34 -11.57
N LEU D 357 -20.07 -15.41 -12.10
CA LEU D 357 -18.68 -15.43 -12.60
C LEU D 357 -18.53 -14.85 -13.99
N CYS D 358 -19.61 -14.39 -14.62
CA CYS D 358 -19.61 -13.83 -15.97
C CYS D 358 -19.05 -14.80 -17.03
N ILE D 359 -19.23 -16.12 -16.88
CA ILE D 359 -18.76 -17.12 -17.86
C ILE D 359 -19.79 -17.40 -18.97
N GLY D 360 -21.06 -17.19 -18.72
CA GLY D 360 -22.09 -17.40 -19.72
C GLY D 360 -23.47 -17.40 -19.12
N TYR D 361 -24.47 -17.75 -19.91
CA TYR D 361 -25.88 -17.62 -19.53
C TYR D 361 -26.55 -18.93 -19.04
N GLY D 362 -25.86 -20.06 -19.14
CA GLY D 362 -26.46 -21.39 -19.18
C GLY D 362 -26.54 -21.91 -20.63
N ALA D 363 -27.54 -22.72 -20.94
CA ALA D 363 -27.70 -23.33 -22.27
C ALA D 363 -27.85 -22.32 -23.42
N GLN D 364 -28.49 -21.18 -23.18
CA GLN D 364 -28.74 -20.10 -24.15
C GLN D 364 -28.92 -18.76 -23.43
N ALA D 365 -28.83 -17.66 -24.17
CA ALA D 365 -29.18 -16.33 -23.70
C ALA D 365 -30.68 -16.24 -23.30
N PRO D 366 -31.07 -15.36 -22.36
CA PRO D 366 -32.47 -15.17 -21.95
C PRO D 366 -33.39 -14.79 -23.11
N VAL D 367 -34.67 -15.14 -22.98
CA VAL D 367 -35.73 -14.83 -23.96
C VAL D 367 -36.87 -14.01 -23.34
N SER D 368 -37.40 -14.39 -22.17
CA SER D 368 -38.47 -13.64 -21.50
C SER D 368 -37.96 -12.42 -20.74
N MET D 369 -38.83 -11.45 -20.46
CA MET D 369 -38.50 -10.27 -19.66
C MET D 369 -38.09 -10.60 -18.23
N SER D 370 -38.67 -11.61 -17.61
CA SER D 370 -38.25 -12.05 -16.27
C SER D 370 -36.85 -12.61 -16.31
N ASP D 371 -36.54 -13.49 -17.27
CA ASP D 371 -35.21 -14.05 -17.37
C ASP D 371 -34.17 -12.99 -17.73
N LEU D 372 -34.48 -11.99 -18.56
CA LEU D 372 -33.58 -10.88 -18.84
C LEU D 372 -33.19 -10.14 -17.56
N TRP D 373 -34.18 -9.66 -16.80
CA TRP D 373 -33.94 -8.82 -15.65
C TRP D 373 -33.34 -9.58 -14.47
N ILE D 374 -33.74 -10.83 -14.25
CA ILE D 374 -33.10 -11.69 -13.25
C ILE D 374 -31.66 -12.01 -13.64
N THR D 375 -31.38 -12.26 -14.91
CA THR D 375 -30.00 -12.45 -15.39
C THR D 375 -29.16 -11.20 -15.18
N MET D 376 -29.65 -10.00 -15.52
CA MET D 376 -28.89 -8.76 -15.34
C MET D 376 -28.63 -8.44 -13.88
N LEU D 377 -29.61 -8.64 -13.00
CA LEU D 377 -29.43 -8.54 -11.56
C LEU D 377 -28.30 -9.44 -11.07
N SER D 378 -28.30 -10.70 -11.49
CA SER D 378 -27.28 -11.68 -11.15
C SER D 378 -25.89 -11.31 -11.64
N MET D 379 -25.77 -10.79 -12.86
CA MET D 379 -24.52 -10.28 -13.39
C MET D 379 -23.96 -9.11 -12.59
N ILE D 380 -24.75 -8.09 -12.29
CA ILE D 380 -24.33 -6.91 -11.53
C ILE D 380 -23.90 -7.29 -10.12
N VAL D 381 -24.68 -8.11 -9.44
CA VAL D 381 -24.35 -8.58 -8.09
C VAL D 381 -23.08 -9.41 -8.12
N GLY D 382 -22.96 -10.38 -9.00
CA GLY D 382 -21.78 -11.22 -9.11
C GLY D 382 -20.50 -10.49 -9.51
N ALA D 383 -20.54 -9.57 -10.48
CA ALA D 383 -19.38 -8.78 -10.86
C ALA D 383 -18.91 -7.83 -9.75
N THR D 384 -19.82 -7.25 -8.97
CA THR D 384 -19.50 -6.47 -7.78
C THR D 384 -18.82 -7.32 -6.73
N CYS D 385 -19.38 -8.49 -6.44
CA CYS D 385 -18.84 -9.40 -5.45
C CYS D 385 -17.47 -9.96 -5.85
N TYR D 386 -17.23 -10.27 -7.12
CA TYR D 386 -15.91 -10.66 -7.60
C TYR D 386 -14.88 -9.55 -7.48
N ALA D 387 -15.23 -8.29 -7.73
CA ALA D 387 -14.31 -7.18 -7.53
C ALA D 387 -13.94 -6.99 -6.06
N MET D 388 -14.89 -7.15 -5.13
CA MET D 388 -14.60 -7.15 -3.69
C MET D 388 -13.72 -8.31 -3.29
N PHE D 389 -13.91 -9.50 -3.85
CA PHE D 389 -13.03 -10.63 -3.62
C PHE D 389 -11.59 -10.37 -4.09
N VAL D 390 -11.39 -9.83 -5.28
CA VAL D 390 -10.07 -9.44 -5.79
C VAL D 390 -9.43 -8.37 -4.89
N GLY D 391 -10.20 -7.44 -4.35
CA GLY D 391 -9.74 -6.47 -3.36
C GLY D 391 -9.23 -7.11 -2.06
N HIS D 392 -9.95 -8.10 -1.53
CA HIS D 392 -9.49 -8.86 -0.36
C HIS D 392 -8.28 -9.75 -0.64
N ALA D 393 -8.22 -10.42 -1.78
CA ALA D 393 -7.07 -11.22 -2.16
C ALA D 393 -5.82 -10.34 -2.26
N THR D 394 -5.94 -9.17 -2.85
CA THR D 394 -4.84 -8.21 -2.95
C THR D 394 -4.36 -7.75 -1.58
N ALA D 395 -5.26 -7.43 -0.65
CA ALA D 395 -4.89 -7.06 0.71
C ALA D 395 -4.26 -8.21 1.50
N LEU D 396 -4.75 -9.44 1.36
CA LEU D 396 -4.10 -10.61 1.95
C LEU D 396 -2.68 -10.75 1.41
N ILE D 397 -2.48 -10.71 0.10
CA ILE D 397 -1.15 -10.92 -0.49
C ILE D 397 -0.15 -9.85 -0.06
N GLN D 398 -0.54 -8.58 0.02
CA GLN D 398 0.31 -7.52 0.59
C GLN D 398 0.66 -7.71 2.08
N SER D 399 -0.21 -8.32 2.89
CA SER D 399 0.13 -8.64 4.28
C SER D 399 1.19 -9.74 4.41
N LEU D 400 1.34 -10.61 3.41
CA LEU D 400 2.12 -11.84 3.53
C LEU D 400 3.63 -11.67 3.29
N ASP D 401 4.08 -10.67 2.53
CA ASP D 401 5.52 -10.40 2.38
C ASP D 401 5.89 -8.97 2.74
N SER D 402 5.22 -8.41 3.75
CA SER D 402 5.42 -7.03 4.18
C SER D 402 6.85 -6.75 4.62
N SER D 403 7.51 -7.69 5.29
CA SER D 403 8.90 -7.56 5.71
C SER D 403 9.85 -7.42 4.52
N ARG D 404 9.62 -8.18 3.45
CA ARG D 404 10.42 -8.11 2.23
C ARG D 404 10.15 -6.85 1.46
N ARG D 405 8.89 -6.48 1.25
CA ARG D 405 8.54 -5.18 0.66
C ARG D 405 9.24 -4.05 1.37
N GLN D 406 9.21 -4.02 2.69
CA GLN D 406 9.78 -2.92 3.47
C GLN D 406 11.29 -2.87 3.39
N TYR D 407 12.00 -4.01 3.41
CA TYR D 407 13.44 -4.03 3.16
C TYR D 407 13.77 -3.53 1.75
N GLN D 408 13.01 -3.88 0.72
CA GLN D 408 13.24 -3.37 -0.62
C GLN D 408 12.99 -1.88 -0.74
N GLU D 409 11.95 -1.33 -0.13
CA GLU D 409 11.74 0.12 -0.09
C GLU D 409 12.89 0.85 0.60
N LYS D 410 13.38 0.35 1.74
CA LYS D 410 14.55 0.87 2.44
C LYS D 410 15.77 0.87 1.54
N TYR D 411 16.07 -0.28 0.93
CA TYR D 411 17.22 -0.39 0.05
C TYR D 411 17.16 0.57 -1.14
N LYS D 412 16.00 0.65 -1.78
CA LYS D 412 15.82 1.52 -2.95
C LYS D 412 16.04 2.99 -2.59
N GLN D 413 15.80 3.44 -1.37
CA GLN D 413 16.21 4.76 -0.90
C GLN D 413 17.71 4.90 -0.70
N VAL D 414 18.43 3.83 -0.34
CA VAL D 414 19.91 3.84 -0.32
C VAL D 414 20.46 3.98 -1.73
N GLU D 415 19.90 3.30 -2.73
CA GLU D 415 20.27 3.48 -4.13
C GLU D 415 20.02 4.91 -4.61
N GLN D 416 18.91 5.54 -4.22
CA GLN D 416 18.63 6.94 -4.53
C GLN D 416 19.66 7.90 -3.93
N TYR D 417 20.15 7.61 -2.73
CA TYR D 417 21.17 8.45 -2.12
C TYR D 417 22.48 8.39 -2.93
N MET D 418 22.91 7.19 -3.28
CA MET D 418 24.14 6.98 -4.05
C MET D 418 24.04 7.56 -5.45
N SER D 419 22.87 7.48 -6.06
CA SER D 419 22.55 8.11 -7.34
C SER D 419 22.59 9.63 -7.27
N PHE D 420 21.97 10.26 -6.28
CA PHE D 420 22.01 11.71 -6.10
C PHE D 420 23.42 12.24 -5.94
N HIS D 421 24.25 11.57 -5.15
CA HIS D 421 25.66 11.93 -4.96
C HIS D 421 26.59 11.45 -6.06
N LYS D 422 26.10 10.71 -7.06
CA LYS D 422 26.87 10.18 -8.19
C LYS D 422 28.12 9.40 -7.73
N LEU D 423 27.97 8.53 -6.74
CA LEU D 423 29.06 7.70 -6.24
C LEU D 423 29.53 6.68 -7.29
N PRO D 424 30.83 6.37 -7.40
CA PRO D 424 31.37 5.38 -8.32
C PRO D 424 30.82 3.97 -8.14
N ALA D 425 30.77 3.15 -9.20
CA ALA D 425 30.19 1.81 -9.17
C ALA D 425 30.83 0.86 -8.14
N ASP D 426 32.13 0.96 -7.89
CA ASP D 426 32.79 0.13 -6.87
C ASP D 426 32.49 0.60 -5.44
N MET D 427 32.28 1.89 -5.21
CA MET D 427 31.80 2.43 -3.95
C MET D 427 30.36 2.00 -3.69
N ARG D 428 29.50 2.01 -4.71
CA ARG D 428 28.14 1.47 -4.59
C ARG D 428 28.09 -0.01 -4.29
N GLN D 429 28.96 -0.82 -4.90
CA GLN D 429 29.07 -2.25 -4.59
C GLN D 429 29.54 -2.48 -3.18
N LYS D 430 30.47 -1.68 -2.67
CA LYS D 430 30.93 -1.74 -1.30
C LYS D 430 29.83 -1.36 -0.30
N ILE D 431 28.99 -0.38 -0.60
CA ILE D 431 27.85 -0.03 0.24
C ILE D 431 26.78 -1.13 0.22
N HIS D 432 26.43 -1.65 -0.94
CA HIS D 432 25.48 -2.75 -1.09
C HIS D 432 25.93 -3.99 -0.31
N ASP D 433 27.19 -4.36 -0.43
CA ASP D 433 27.83 -5.45 0.28
C ASP D 433 27.85 -5.26 1.79
N TYR D 434 28.03 -4.03 2.27
CA TYR D 434 27.89 -3.71 3.69
C TYR D 434 26.45 -3.89 4.16
N TYR D 435 25.45 -3.41 3.44
CA TYR D 435 24.06 -3.54 3.87
C TYR D 435 23.62 -4.99 3.98
N GLU D 436 24.02 -5.85 3.06
CA GLU D 436 23.74 -7.29 3.12
C GLU D 436 24.41 -7.97 4.30
N HIS D 437 25.66 -7.66 4.64
CA HIS D 437 26.27 -8.22 5.85
C HIS D 437 25.76 -7.59 7.13
N ARG D 438 25.41 -6.30 7.11
CA ARG D 438 24.96 -5.62 8.34
C ARG D 438 23.50 -5.88 8.79
N TYR D 439 22.63 -6.15 7.83
CA TYR D 439 21.21 -6.38 8.09
C TYR D 439 20.70 -7.74 7.65
N GLN D 440 21.42 -8.48 6.79
CA GLN D 440 21.06 -9.84 6.40
C GLN D 440 19.62 -9.95 5.87
N GLY D 441 19.21 -8.99 5.05
CA GLY D 441 17.88 -8.91 4.46
C GLY D 441 16.74 -8.54 5.42
N LYS D 442 17.02 -8.21 6.67
CA LYS D 442 16.02 -7.97 7.71
C LYS D 442 15.86 -6.48 7.97
N ILE D 443 14.63 -5.99 7.97
CA ILE D 443 14.30 -4.64 8.38
C ILE D 443 13.67 -4.64 9.77
N PHE D 444 14.27 -3.85 10.66
CA PHE D 444 13.80 -3.56 12.00
C PHE D 444 14.50 -2.28 12.46
N ASP D 445 13.96 -1.61 13.46
CA ASP D 445 14.59 -0.43 14.08
C ASP D 445 14.89 -0.74 15.54
N GLU D 446 16.14 -1.13 15.83
CA GLU D 446 16.53 -1.62 17.16
C GLU D 446 16.28 -0.59 18.26
N GLU D 447 16.50 0.70 18.01
CA GLU D 447 16.27 1.73 19.03
C GLU D 447 14.81 1.84 19.41
N ASN D 448 13.87 1.75 18.45
CA ASN D 448 12.44 1.76 18.76
C ASN D 448 12.04 0.50 19.52
N ILE D 449 12.49 -0.67 19.08
CA ILE D 449 12.15 -1.94 19.73
C ILE D 449 12.65 -1.99 21.16
N LEU D 450 13.91 -1.62 21.43
CA LEU D 450 14.41 -1.59 22.79
C LEU D 450 13.72 -0.53 23.65
N ASN D 451 13.34 0.62 23.12
CA ASN D 451 12.60 1.63 23.90
C ASN D 451 11.19 1.15 24.30
N GLU D 452 10.53 0.31 23.53
CA GLU D 452 9.20 -0.22 23.83
C GLU D 452 9.16 -1.30 24.91
N LEU D 453 10.24 -2.04 25.10
CA LEU D 453 10.41 -3.08 26.10
C LEU D 453 10.45 -2.52 27.54
N ASN D 454 10.36 -3.39 28.54
CA ASN D 454 10.61 -3.02 29.93
C ASN D 454 12.07 -3.31 30.33
N ASP D 455 12.48 -2.93 31.53
CA ASP D 455 13.84 -3.12 32.01
C ASP D 455 14.27 -4.60 32.13
N PRO D 456 13.44 -5.52 32.67
CA PRO D 456 13.72 -6.96 32.64
C PRO D 456 13.97 -7.54 31.24
N LEU D 457 13.16 -7.23 30.24
CA LEU D 457 13.36 -7.74 28.89
C LEU D 457 14.61 -7.18 28.22
N ARG D 458 14.91 -5.88 28.39
CA ARG D 458 16.15 -5.31 27.84
C ARG D 458 17.38 -5.97 28.45
N GLU D 459 17.46 -6.14 29.77
CA GLU D 459 18.64 -6.77 30.35
C GLU D 459 18.74 -8.27 30.02
N GLU D 460 17.64 -8.97 29.85
CA GLU D 460 17.61 -10.34 29.36
C GLU D 460 18.14 -10.50 27.93
N ILE D 461 17.77 -9.61 27.01
CA ILE D 461 18.29 -9.59 25.64
C ILE D 461 19.76 -9.20 25.58
N VAL D 462 20.17 -8.17 26.33
CA VAL D 462 21.56 -7.71 26.39
C VAL D 462 22.48 -8.79 26.95
N ASN D 463 22.08 -9.52 28.00
CA ASN D 463 22.87 -10.62 28.52
C ASN D 463 23.01 -11.76 27.51
N PHE D 464 21.99 -12.06 26.71
CA PHE D 464 22.09 -13.08 25.69
C PHE D 464 23.07 -12.69 24.58
N ASN D 465 23.06 -11.44 24.13
CA ASN D 465 23.95 -10.97 23.08
C ASN D 465 25.39 -10.84 23.54
N CYS D 466 25.65 -10.24 24.71
CA CYS D 466 26.95 -9.65 25.01
C CYS D 466 27.71 -10.24 26.20
N ARG D 467 27.08 -10.99 27.11
CA ARG D 467 27.76 -11.49 28.31
C ARG D 467 28.88 -12.49 27.97
N LYS D 468 28.65 -13.36 26.99
CA LYS D 468 29.65 -14.31 26.48
C LYS D 468 30.90 -13.66 25.88
N LEU D 469 30.83 -12.40 25.44
CA LEU D 469 31.97 -11.63 25.00
C LEU D 469 32.66 -10.99 26.21
N VAL D 470 32.00 -10.05 26.87
CA VAL D 470 32.63 -9.17 27.86
C VAL D 470 33.06 -9.88 29.15
N ALA D 471 32.49 -11.02 29.53
CA ALA D 471 32.86 -11.73 30.75
C ALA D 471 34.30 -12.26 30.75
N THR D 472 34.89 -12.45 29.56
CA THR D 472 36.25 -12.98 29.39
C THR D 472 37.33 -11.93 29.63
N MET D 473 36.99 -10.65 29.69
CA MET D 473 37.96 -9.56 29.80
C MET D 473 38.32 -9.29 31.27
N PRO D 474 39.62 -9.12 31.63
CA PRO D 474 40.03 -9.04 33.04
C PRO D 474 39.48 -7.81 33.77
N LEU D 475 39.24 -6.70 33.07
CA LEU D 475 38.60 -5.51 33.63
C LEU D 475 37.21 -5.81 34.22
N PHE D 476 36.45 -6.73 33.63
CA PHE D 476 35.06 -7.03 34.02
C PHE D 476 34.89 -8.35 34.77
N ALA D 477 35.83 -9.30 34.63
CA ALA D 477 35.80 -10.55 35.37
C ALA D 477 35.81 -10.36 36.91
N ASN D 478 36.31 -9.21 37.39
CA ASN D 478 36.34 -8.83 38.80
C ASN D 478 35.08 -8.10 39.32
N ALA D 479 34.18 -7.65 38.45
CA ALA D 479 33.13 -6.68 38.78
C ALA D 479 31.81 -7.31 39.29
N ASP D 480 30.99 -6.51 39.97
CA ASP D 480 29.66 -6.90 40.44
C ASP D 480 28.64 -6.96 39.29
N PRO D 481 27.77 -7.98 39.18
CA PRO D 481 26.86 -8.14 38.05
C PRO D 481 25.99 -6.93 37.73
N ASN D 482 25.54 -6.18 38.73
CA ASN D 482 24.71 -5.00 38.52
C ASN D 482 25.48 -3.84 37.85
N PHE D 483 26.82 -3.84 37.85
CA PHE D 483 27.64 -2.94 37.03
C PHE D 483 27.81 -3.49 35.61
N VAL D 484 28.10 -4.79 35.48
CA VAL D 484 28.27 -5.44 34.17
C VAL D 484 27.03 -5.25 33.31
N THR D 485 25.82 -5.52 33.81
CA THR D 485 24.57 -5.30 33.07
C THR D 485 24.39 -3.84 32.63
N ALA D 486 24.82 -2.87 33.44
CA ALA D 486 24.75 -1.46 33.08
C ALA D 486 25.72 -1.10 31.97
N MET D 487 26.92 -1.68 32.00
CA MET D 487 27.95 -1.53 30.98
C MET D 487 27.59 -2.20 29.65
N LEU D 488 27.11 -3.45 29.66
CA LEU D 488 26.67 -4.14 28.45
C LEU D 488 25.59 -3.38 27.67
N SER D 489 24.76 -2.58 28.32
CA SER D 489 23.73 -1.78 27.65
C SER D 489 24.29 -0.62 26.81
N LYS D 490 25.55 -0.23 27.01
CA LYS D 490 26.26 0.81 26.25
C LYS D 490 27.04 0.28 25.04
N LEU D 491 27.11 -1.03 24.83
CA LEU D 491 27.77 -1.61 23.67
C LEU D 491 26.98 -1.31 22.40
N ARG D 492 27.70 -0.97 21.34
CA ARG D 492 27.09 -0.69 20.05
C ARG D 492 27.62 -1.67 19.00
N PHE D 493 26.72 -2.29 18.24
CA PHE D 493 27.11 -3.25 17.23
C PHE D 493 27.64 -2.56 15.97
N GLU D 494 28.77 -2.99 15.45
CA GLU D 494 29.41 -2.46 14.25
C GLU D 494 29.88 -3.61 13.36
N VAL D 495 29.84 -3.42 12.04
CA VAL D 495 30.33 -4.38 11.05
C VAL D 495 31.40 -3.73 10.20
N PHE D 496 32.47 -4.45 9.89
CA PHE D 496 33.56 -4.00 9.04
C PHE D 496 33.80 -4.98 7.92
N GLN D 497 34.13 -4.47 6.74
CA GLN D 497 34.46 -5.26 5.57
C GLN D 497 35.94 -5.63 5.53
N PRO D 498 36.34 -6.67 4.77
CA PRO D 498 37.74 -6.99 4.55
C PRO D 498 38.58 -5.78 4.13
N GLY D 499 39.72 -5.58 4.76
CA GLY D 499 40.66 -4.50 4.46
C GLY D 499 40.35 -3.15 5.10
N ASP D 500 39.24 -3.00 5.81
CA ASP D 500 38.95 -1.78 6.56
C ASP D 500 39.85 -1.63 7.78
N TYR D 501 40.39 -0.45 8.01
CA TYR D 501 41.07 -0.10 9.26
C TYR D 501 40.05 0.27 10.32
N ILE D 502 40.00 -0.51 11.40
CA ILE D 502 39.09 -0.30 12.52
C ILE D 502 39.65 0.81 13.42
N ILE D 503 40.95 0.80 13.68
CA ILE D 503 41.71 1.88 14.29
C ILE D 503 43.09 1.97 13.64
N ARG D 504 43.60 3.19 13.46
CA ARG D 504 44.89 3.48 12.81
C ARG D 504 45.91 3.91 13.85
N GLU D 505 47.14 3.41 13.78
CA GLU D 505 48.22 3.86 14.68
C GLU D 505 48.41 5.38 14.63
N GLY D 506 48.70 5.98 15.78
CA GLY D 506 48.88 7.42 15.93
C GLY D 506 47.60 8.27 15.94
N ALA D 507 46.45 7.75 15.50
CA ALA D 507 45.18 8.45 15.64
C ALA D 507 44.68 8.45 17.10
N VAL D 508 43.84 9.41 17.48
CA VAL D 508 43.32 9.48 18.86
C VAL D 508 42.34 8.34 19.16
N GLY D 509 42.54 7.63 20.27
CA GLY D 509 41.63 6.55 20.71
C GLY D 509 40.36 7.09 21.36
N LYS D 510 39.18 6.56 20.99
CA LYS D 510 37.88 6.90 21.62
C LYS D 510 36.96 5.71 21.91
N LYS D 511 37.25 4.51 21.41
CA LYS D 511 36.42 3.31 21.60
C LYS D 511 37.27 2.05 21.75
N MET D 512 36.78 1.10 22.52
CA MET D 512 37.25 -0.28 22.62
C MET D 512 36.36 -1.21 21.78
N TYR D 513 36.82 -2.39 21.37
CA TYR D 513 36.06 -3.34 20.55
C TYR D 513 36.17 -4.80 21.01
N PHE D 514 35.08 -5.55 20.92
CA PHE D 514 34.98 -6.98 21.20
C PHE D 514 34.55 -7.74 19.96
N ILE D 515 35.32 -8.72 19.49
CA ILE D 515 34.98 -9.47 18.28
C ILE D 515 33.88 -10.49 18.57
N GLN D 516 32.71 -10.37 17.94
CA GLN D 516 31.72 -11.45 17.96
C GLN D 516 32.06 -12.49 16.89
N HIS D 517 32.33 -12.07 15.66
CA HIS D 517 32.66 -12.93 14.53
C HIS D 517 33.71 -12.27 13.64
N GLY D 518 34.37 -13.08 12.82
CA GLY D 518 35.36 -12.64 11.85
C GLY D 518 36.76 -12.54 12.44
N VAL D 519 37.76 -12.48 11.56
CA VAL D 519 39.17 -12.35 11.94
C VAL D 519 39.66 -10.93 11.67
N ALA D 520 40.23 -10.31 12.67
CA ALA D 520 40.99 -9.08 12.57
C ALA D 520 42.49 -9.36 12.68
N GLY D 521 43.33 -8.39 12.40
CA GLY D 521 44.77 -8.48 12.58
C GLY D 521 45.34 -7.16 13.06
N VAL D 522 46.18 -7.21 14.09
CA VAL D 522 46.90 -6.03 14.60
C VAL D 522 48.31 -6.00 14.03
N ILE D 523 48.73 -4.83 13.56
CA ILE D 523 49.97 -4.63 12.82
C ILE D 523 50.74 -3.41 13.31
N THR D 524 52.07 -3.55 13.32
CA THR D 524 53.04 -2.50 13.74
C THR D 524 54.42 -2.81 13.16
N LYS D 525 55.32 -1.82 13.11
CA LYS D 525 56.70 -2.05 12.69
C LYS D 525 57.49 -2.91 13.70
N SER D 526 57.10 -2.90 14.97
CA SER D 526 57.80 -3.61 16.05
C SER D 526 57.45 -5.10 16.22
N SER D 527 56.63 -5.70 15.36
CA SER D 527 56.09 -7.05 15.57
C SER D 527 55.50 -7.70 14.31
N LYS D 528 55.21 -9.00 14.38
CA LYS D 528 54.43 -9.72 13.35
C LYS D 528 52.95 -9.31 13.33
N GLU D 529 52.24 -9.63 12.25
CA GLU D 529 50.81 -9.41 12.12
C GLU D 529 49.99 -10.41 12.95
N MET D 530 49.80 -10.13 14.24
CA MET D 530 49.03 -10.99 15.14
C MET D 530 47.54 -11.00 14.78
N LYS D 531 47.01 -12.15 14.38
CA LYS D 531 45.58 -12.33 14.13
C LYS D 531 44.77 -12.41 15.44
N LEU D 532 43.53 -11.90 15.43
CA LEU D 532 42.55 -11.96 16.51
C LEU D 532 41.22 -12.49 15.97
N THR D 533 40.59 -13.41 16.69
CA THR D 533 39.45 -14.18 16.20
C THR D 533 38.19 -14.02 17.04
N ASP D 534 37.09 -14.63 16.60
CA ASP D 534 35.79 -14.59 17.26
C ASP D 534 35.89 -14.90 18.76
N GLY D 535 35.49 -13.96 19.60
CA GLY D 535 35.55 -14.02 21.06
C GLY D 535 36.61 -13.14 21.71
N SER D 536 37.65 -12.73 20.99
CA SER D 536 38.70 -11.83 21.51
C SER D 536 38.27 -10.36 21.63
N TYR D 537 39.14 -9.49 22.15
CA TYR D 537 38.91 -8.06 22.30
C TYR D 537 40.20 -7.26 22.11
N PHE D 538 40.09 -5.98 21.75
CA PHE D 538 41.21 -5.06 21.48
C PHE D 538 40.80 -3.60 21.66
N GLY D 539 41.76 -2.68 21.64
CA GLY D 539 41.53 -1.25 21.86
C GLY D 539 41.44 -0.85 23.32
N GLU D 540 41.60 -1.79 24.26
CA GLU D 540 41.28 -1.66 25.68
C GLU D 540 41.96 -0.48 26.39
N ILE D 541 43.19 -0.14 25.98
CA ILE D 541 44.01 0.91 26.59
C ILE D 541 43.35 2.30 26.49
N CYS D 542 42.48 2.55 25.51
CA CYS D 542 41.87 3.85 25.29
C CYS D 542 41.02 4.36 26.46
N LEU D 543 40.54 3.45 27.33
CA LEU D 543 39.74 3.80 28.49
C LEU D 543 40.52 4.59 29.56
N LEU D 544 41.84 4.36 29.63
CA LEU D 544 42.71 4.68 30.77
C LEU D 544 43.96 5.45 30.30
N THR D 545 43.77 6.47 29.48
CA THR D 545 44.84 7.20 28.80
C THR D 545 44.33 8.51 28.17
N LYS D 546 45.10 9.05 27.24
CA LYS D 546 44.68 10.06 26.26
C LYS D 546 45.57 9.97 25.01
N GLY D 547 45.13 10.52 23.88
CA GLY D 547 45.96 10.59 22.68
C GLY D 547 46.10 9.26 21.91
N ARG D 548 47.30 9.01 21.38
CA ARG D 548 47.51 8.09 20.26
C ARG D 548 47.29 6.61 20.56
N ARG D 549 46.60 5.92 19.65
CA ARG D 549 46.60 4.47 19.55
C ARG D 549 47.98 3.94 19.12
N THR D 550 48.46 2.86 19.74
CA THR D 550 49.82 2.36 19.55
C THR D 550 50.03 1.45 18.33
N ALA D 551 48.96 0.99 17.68
CA ALA D 551 49.01 0.01 16.60
C ALA D 551 47.81 0.16 15.65
N SER D 552 47.89 -0.41 14.46
CA SER D 552 46.78 -0.43 13.50
C SER D 552 46.03 -1.75 13.60
N VAL D 553 44.69 -1.73 13.63
CA VAL D 553 43.89 -2.95 13.56
C VAL D 553 43.08 -2.93 12.28
N ARG D 554 43.23 -3.98 11.47
CA ARG D 554 42.53 -4.08 10.20
C ARG D 554 41.76 -5.40 10.06
N ALA D 555 40.52 -5.29 9.61
CA ALA D 555 39.65 -6.43 9.40
C ALA D 555 40.20 -7.32 8.28
N ASP D 556 40.43 -8.60 8.51
CA ASP D 556 40.90 -9.53 7.49
C ASP D 556 39.73 -10.24 6.80
N THR D 557 38.75 -10.70 7.56
CA THR D 557 37.43 -11.08 7.08
C THR D 557 36.39 -10.04 7.50
N TYR D 558 35.11 -10.29 7.28
CA TYR D 558 34.05 -9.42 7.79
C TYR D 558 33.97 -9.51 9.31
N CYS D 559 34.49 -8.53 10.03
CA CYS D 559 34.33 -8.47 11.46
C CYS D 559 32.92 -8.02 11.82
N ARG D 560 32.26 -8.77 12.72
CA ARG D 560 31.08 -8.33 13.46
C ARG D 560 31.55 -8.10 14.87
N LEU D 561 31.42 -6.90 15.39
CA LEU D 561 32.00 -6.58 16.69
C LEU D 561 31.20 -5.54 17.47
N TYR D 562 31.35 -5.52 18.79
CA TYR D 562 30.69 -4.57 19.68
C TYR D 562 31.68 -3.54 20.15
N SER D 563 31.33 -2.27 20.16
CA SER D 563 32.20 -1.20 20.64
C SER D 563 31.67 -0.51 21.89
N LEU D 564 32.58 -0.06 22.74
CA LEU D 564 32.28 0.74 23.94
C LEU D 564 33.08 2.03 23.87
N SER D 565 32.43 3.18 23.90
CA SER D 565 33.11 4.48 23.85
C SER D 565 33.47 5.01 25.24
N VAL D 566 34.51 5.84 25.31
CA VAL D 566 34.96 6.44 26.57
C VAL D 566 33.91 7.34 27.21
N ASP D 567 33.11 8.06 26.43
CA ASP D 567 32.01 8.87 26.97
C ASP D 567 30.99 8.02 27.73
N ASN D 568 30.64 6.85 27.21
CA ASN D 568 29.70 5.93 27.84
C ASN D 568 30.31 5.14 28.99
N PHE D 569 31.56 4.72 28.90
CA PHE D 569 32.26 4.07 29.99
C PHE D 569 32.39 4.99 31.21
N ASN D 570 32.61 6.29 31.00
CA ASN D 570 32.62 7.27 32.07
C ASN D 570 31.22 7.52 32.62
N GLU D 571 30.19 7.63 31.79
CA GLU D 571 28.81 7.78 32.25
C GLU D 571 28.37 6.60 33.14
N VAL D 572 28.71 5.36 32.77
CA VAL D 572 28.44 4.16 33.57
C VAL D 572 29.33 4.00 34.81
N LEU D 573 30.32 4.86 35.02
CA LEU D 573 31.14 4.90 36.25
C LEU D 573 30.81 6.07 37.18
N GLU D 574 30.14 7.12 36.69
CA GLU D 574 29.55 8.12 37.59
C GLU D 574 28.53 7.51 38.57
N GLU D 575 27.76 6.51 38.13
CA GLU D 575 26.82 5.77 38.96
C GLU D 575 27.44 4.67 39.84
N TYR D 576 28.75 4.41 39.74
CA TYR D 576 29.42 3.32 40.46
C TYR D 576 30.79 3.77 41.04
N PRO D 577 30.86 4.76 41.94
CA PRO D 577 32.13 5.26 42.51
C PRO D 577 33.01 4.17 43.14
N MET D 578 32.41 3.13 43.71
CA MET D 578 33.14 1.99 44.26
C MET D 578 33.92 1.17 43.22
N MET D 579 33.62 1.33 41.92
CA MET D 579 34.36 0.72 40.82
C MET D 579 35.46 1.62 40.26
N ARG D 580 35.32 2.95 40.36
CA ARG D 580 36.29 3.90 39.78
C ARG D 580 37.68 3.79 40.41
N ARG D 581 37.74 3.46 41.71
CA ARG D 581 38.98 3.21 42.43
C ARG D 581 39.72 1.97 41.93
N ALA D 582 38.99 0.90 41.58
CA ALA D 582 39.60 -0.30 41.01
C ALA D 582 40.09 -0.07 39.56
N PHE D 583 39.32 0.69 38.76
CA PHE D 583 39.72 1.08 37.41
C PHE D 583 41.02 1.91 37.40
N GLU D 584 41.25 2.76 38.40
CA GLU D 584 42.50 3.49 38.60
C GLU D 584 43.64 2.68 39.27
N THR D 585 43.47 1.37 39.52
CA THR D 585 44.38 0.56 40.34
C THR D 585 44.58 -0.89 39.87
N VAL D 586 44.24 -1.24 38.62
CA VAL D 586 44.30 -2.61 38.10
C VAL D 586 44.80 -2.71 36.65
C11 PCW E . 2.07 -21.17 -4.23
C12 PCW E . 2.90 -22.40 -4.00
C13 PCW E . 4.23 -22.30 -4.76
C14 PCW E . 4.77 -23.64 -5.21
C15 PCW E . 5.19 -23.56 -6.66
C16 PCW E . 4.99 -24.84 -7.42
C17 PCW E . 5.51 -24.69 -8.84
C18 PCW E . 5.34 -25.96 -9.65
C19 PCW E . 5.47 -25.63 -11.10
C20 PCW E . 5.32 -26.52 -12.07
C21 PCW E . 5.45 -25.98 -13.47
C22 PCW E . 5.25 -27.00 -14.57
C23 PCW E . 3.81 -27.18 -14.93
C24 PCW E . 3.60 -27.07 -16.42
C25 PCW E . 2.39 -27.84 -16.91
C26 PCW E . 2.20 -27.48 -18.35
C27 PCW E . 1.29 -28.38 -19.15
C28 PCW E . 0.30 -27.56 -19.93
C11 PCW F . 6.12 -26.89 6.74
C12 PCW F . 5.05 -26.41 5.81
C13 PCW F . 5.73 -25.89 4.57
C14 PCW F . 4.75 -25.70 3.43
C15 PCW F . 3.58 -26.65 3.62
C16 PCW F . 2.61 -26.65 2.48
C17 PCW F . 2.44 -28.05 1.93
C18 PCW F . 1.51 -27.98 0.76
C19 PCW F . 0.98 -29.32 0.41
C20 PCW F . -0.07 -29.43 -0.39
C21 PCW F . -0.55 -30.81 -0.73
C22 PCW F . -1.53 -30.77 -1.85
C23 PCW F . -1.54 -32.06 -2.64
C24 PCW F . -2.85 -32.15 -3.42
C25 PCW F . -2.84 -33.24 -4.47
C26 PCW F . -4.25 -33.52 -4.96
C27 PCW F . -4.47 -34.97 -5.35
O1 PFL G . -18.10 -18.09 -5.59
C1 PFL G . -17.73 -16.85 -6.02
C2 PFL G . -18.74 -15.96 -6.50
C6 PFL G . -16.38 -16.45 -5.97
C3 PFL G . -18.37 -14.68 -6.93
C7 PFL G . -20.20 -16.38 -6.56
C4 PFL G . -17.04 -14.26 -6.82
C5 PFL G . -16.05 -15.14 -6.38
C10 PFL G . -15.30 -17.42 -5.48
C8 PFL G . -21.16 -15.20 -6.21
C9 PFL G . -20.52 -17.00 -7.93
C11 PFL G . -14.88 -18.36 -6.62
C12 PFL G . -14.06 -16.73 -4.86
O1 PFL H . -3.31 -20.07 -16.52
C1 PFL H . -4.06 -19.33 -15.65
C2 PFL H . -5.14 -19.95 -14.98
C6 PFL H . -3.77 -17.97 -15.43
C3 PFL H . -5.91 -19.20 -14.08
C7 PFL H . -5.49 -21.42 -15.20
C4 PFL H . -5.56 -17.88 -13.80
C5 PFL H . -4.52 -17.25 -14.49
C10 PFL H . -2.61 -17.30 -16.19
C8 PFL H . -5.95 -22.12 -13.90
C9 PFL H . -6.52 -21.55 -16.33
C11 PFL H . -3.08 -16.86 -17.59
C12 PFL H . -1.97 -16.11 -15.44
C11 PCW I . 5.40 -2.10 -20.89
C12 PCW I . 6.36 -1.65 -21.97
C13 PCW I . 6.08 -0.21 -22.37
C14 PCW I . 6.40 0.11 -23.82
C15 PCW I . 5.25 0.86 -24.46
C16 PCW I . 5.03 0.53 -25.91
C17 PCW I . 3.92 1.40 -26.48
C18 PCW I . 3.67 1.12 -27.93
C19 PCW I . 2.32 1.66 -28.32
C20 PCW I . 1.80 1.52 -29.53
C21 PCW I . 0.41 2.11 -29.70
C22 PCW I . -0.20 1.94 -31.06
C23 PCW I . -0.89 0.62 -31.22
C24 PCW I . -2.28 0.79 -31.77
C25 PCW I . -2.77 -0.41 -32.54
C26 PCW I . -4.23 -0.18 -32.84
C27 PCW I . -4.84 -1.07 -33.89
C28 PCW I . -6.15 -1.62 -33.40
C11 PCW J . 18.40 -2.19 -21.50
C12 PCW J . 17.08 -2.87 -21.38
C13 PCW J . 16.03 -1.81 -21.54
C14 PCW J . 14.66 -2.43 -21.77
C15 PCW J . 14.84 -3.80 -22.41
C16 PCW J . 13.54 -4.45 -22.80
C17 PCW J . 13.58 -4.81 -24.26
C18 PCW J . 12.24 -5.40 -24.64
C19 PCW J . 12.31 -6.14 -25.92
C20 PCW J . 11.34 -6.96 -26.25
C21 PCW J . 11.45 -7.67 -27.56
C22 PCW J . 10.14 -8.32 -27.93
C23 PCW J . 9.97 -8.46 -29.43
C24 PCW J . 8.93 -9.52 -29.72
C25 PCW J . 8.46 -9.53 -31.16
C26 PCW J . 7.72 -10.81 -31.46
C27 PCW J . 7.88 -11.27 -32.89
O1 PFL K . -7.32 -4.04 -24.83
C1 PFL K . -7.10 -4.78 -23.70
C2 PFL K . -6.60 -6.10 -23.83
C6 PFL K . -7.35 -4.21 -22.43
C3 PFL K . -6.36 -6.84 -22.67
C7 PFL K . -6.31 -6.71 -25.19
C4 PFL K . -6.55 -6.28 -21.42
C5 PFL K . -7.06 -4.99 -21.28
C10 PFL K . -7.91 -2.79 -22.30
C8 PFL K . -5.06 -7.63 -25.18
C9 PFL K . -7.57 -7.46 -25.69
C11 PFL K . -9.44 -2.82 -22.49
C12 PFL K . -7.53 -2.07 -20.98
C11 PCW L . -15.49 9.48 -11.84
C12 PCW L . -16.29 10.74 -12.04
C13 PCW L . -17.30 10.91 -10.90
C14 PCW L . -18.58 11.62 -11.32
C15 PCW L . -19.78 10.87 -10.80
C16 PCW L . -20.98 10.92 -11.72
C17 PCW L . -22.15 10.21 -11.08
C18 PCW L . -23.38 10.24 -11.96
C19 PCW L . -24.35 9.20 -11.50
C20 PCW L . -25.50 8.95 -12.10
C21 PCW L . -26.31 7.83 -11.50
C22 PCW L . -27.61 7.53 -12.20
C23 PCW L . -27.44 6.59 -13.36
C24 PCW L . -28.42 5.46 -13.30
C25 PCW L . -28.76 4.88 -14.66
C26 PCW L . -29.58 3.65 -14.42
C27 PCW L . -30.32 3.11 -15.62
C28 PCW L . -30.09 1.61 -15.74
C11 PCW M . -11.89 21.86 -13.66
C12 PCW M . -11.94 20.42 -14.05
C13 PCW M . -12.83 19.71 -13.07
C14 PCW M . -13.21 18.33 -13.57
C15 PCW M . -13.15 18.32 -15.09
C16 PCW M . -13.65 17.04 -15.70
C17 PCW M . -14.76 17.33 -16.68
C18 PCW M . -15.26 16.01 -17.22
C19 PCW M . -16.05 16.21 -18.46
C20 PCW M . -16.32 15.16 -19.23
C21 PCW M . -17.13 15.41 -20.46
C22 PCW M . -17.60 14.10 -21.05
C23 PCW M . -18.89 14.26 -21.82
C24 PCW M . -19.05 13.10 -22.78
C25 PCW M . -20.42 12.99 -23.39
C26 PCW M . -20.41 12.06 -24.57
C27 PCW M . -21.41 12.43 -25.63
O1 PFL N . -22.11 -2.06 -13.90
C1 PFL N . -20.77 -2.28 -14.08
C2 PFL N . -20.20 -2.11 -15.36
C6 PFL N . -19.97 -2.69 -12.98
C3 PFL N . -18.83 -2.33 -15.53
C7 PFL N . -21.03 -1.66 -16.55
C4 PFL N . -18.03 -2.65 -14.44
C5 PFL N . -18.59 -2.87 -13.18
C10 PFL N . -20.60 -2.92 -11.60
C8 PFL N . -20.27 -0.70 -17.49
C9 PFL N . -21.56 -2.91 -17.29
C11 PFL N . -21.23 -4.32 -11.52
C12 PFL N . -19.63 -2.70 -10.42
C11 PCW O . -18.83 -9.60 4.83
C12 PCW O . -19.75 -10.02 5.94
C13 PCW O . -19.17 -11.19 6.71
C14 PCW O . -20.20 -12.12 7.30
C15 PCW O . -19.84 -13.55 7.00
C16 PCW O . -21.03 -14.46 6.77
C17 PCW O . -20.56 -15.88 6.56
C18 PCW O . -21.71 -16.84 6.34
C19 PCW O . -21.20 -18.10 5.71
C20 PCW O . -21.99 -19.11 5.36
C21 PCW O . -21.27 -20.27 4.72
C22 PCW O . -22.17 -21.41 4.29
C23 PCW O . -22.75 -21.20 2.92
C24 PCW O . -22.55 -22.41 2.05
C25 PCW O . -23.60 -22.55 0.97
C26 PCW O . -23.15 -23.66 0.07
C27 PCW O . -24.20 -24.22 -0.87
C28 PCW O . -23.65 -24.33 -2.27
C11 PCW P . -24.19 -2.84 14.58
C12 PCW P . -23.97 -3.14 13.12
C13 PCW P . -23.12 -4.37 13.04
C14 PCW P . -23.12 -4.94 11.64
C15 PCW P . -24.42 -4.54 10.93
C16 PCW P . -24.59 -5.17 9.58
C17 PCW P . -25.89 -5.91 9.52
C18 PCW P . -25.99 -6.56 8.17
C19 PCW P . -27.39 -6.99 7.87
C20 PCW P . -27.72 -7.30 6.63
C21 PCW P . -29.13 -7.73 6.39
C22 PCW P . -29.28 -8.35 5.02
C23 PCW P . -30.41 -9.34 4.96
C24 PCW P . -30.83 -9.54 3.51
C25 PCW P . -31.73 -10.72 3.30
C26 PCW P . -32.38 -10.66 1.94
C27 PCW P . -33.76 -11.26 1.91
#